data_2PNE
# 
_entry.id   2PNE 
# 
_audit_conform.dict_name       mmcif_pdbx.dic 
_audit_conform.dict_version    5.397 
_audit_conform.dict_location   http://mmcif.pdb.org/dictionaries/ascii/mmcif_pdbx.dic 
# 
loop_
_database_2.database_id 
_database_2.database_code 
_database_2.pdbx_database_accession 
_database_2.pdbx_DOI 
PDB   2PNE         pdb_00002pne 10.2210/pdb2pne/pdb 
RCSB  RCSB042569   ?            ?                   
WWPDB D_1000042569 ?            ?                   
# 
loop_
_pdbx_audit_revision_history.ordinal 
_pdbx_audit_revision_history.data_content_type 
_pdbx_audit_revision_history.major_revision 
_pdbx_audit_revision_history.minor_revision 
_pdbx_audit_revision_history.revision_date 
1 'Structure model' 1 0 2008-04-29 
2 'Structure model' 1 1 2011-07-13 
3 'Structure model' 1 2 2018-01-24 
4 'Structure model' 1 3 2023-08-30 
5 'Structure model' 1 4 2024-10-16 
# 
_pdbx_audit_revision_details.ordinal             1 
_pdbx_audit_revision_details.revision_ordinal    1 
_pdbx_audit_revision_details.data_content_type   'Structure model' 
_pdbx_audit_revision_details.provider            repository 
_pdbx_audit_revision_details.type                'Initial release' 
_pdbx_audit_revision_details.description         ? 
_pdbx_audit_revision_details.details             ? 
# 
loop_
_pdbx_audit_revision_group.ordinal 
_pdbx_audit_revision_group.revision_ordinal 
_pdbx_audit_revision_group.data_content_type 
_pdbx_audit_revision_group.group 
1 2 'Structure model' 'Version format compliance' 
2 3 'Structure model' 'Source and taxonomy'       
3 3 'Structure model' 'Structure summary'         
4 4 'Structure model' 'Data collection'           
5 4 'Structure model' 'Database references'       
6 4 'Structure model' 'Refinement description'    
7 5 'Structure model' 'Structure summary'         
# 
loop_
_pdbx_audit_revision_category.ordinal 
_pdbx_audit_revision_category.revision_ordinal 
_pdbx_audit_revision_category.data_content_type 
_pdbx_audit_revision_category.category 
1 3 'Structure model' audit_author                  
2 3 'Structure model' pdbx_entity_src_syn           
3 4 'Structure model' chem_comp_atom                
4 4 'Structure model' chem_comp_bond                
5 4 'Structure model' database_2                    
6 4 'Structure model' pdbx_initial_refinement_model 
7 5 'Structure model' pdbx_entry_details            
8 5 'Structure model' pdbx_modification_feature     
# 
loop_
_pdbx_audit_revision_item.ordinal 
_pdbx_audit_revision_item.revision_ordinal 
_pdbx_audit_revision_item.data_content_type 
_pdbx_audit_revision_item.item 
1 3 'Structure model' '_audit_author.name'                        
2 3 'Structure model' '_pdbx_entity_src_syn.details'              
3 3 'Structure model' '_pdbx_entity_src_syn.ncbi_taxonomy_id'     
4 3 'Structure model' '_pdbx_entity_src_syn.organism_common_name' 
5 3 'Structure model' '_pdbx_entity_src_syn.organism_scientific'  
6 4 'Structure model' '_database_2.pdbx_DOI'                      
7 4 'Structure model' '_database_2.pdbx_database_accession'       
# 
_pdbx_database_status.status_code                     REL 
_pdbx_database_status.entry_id                        2PNE 
_pdbx_database_status.recvd_initial_deposition_date   2007-04-24 
_pdbx_database_status.deposit_site                    RCSB 
_pdbx_database_status.process_site                    RCSB 
_pdbx_database_status.status_code_sf                  REL 
_pdbx_database_status.status_code_mr                  ? 
_pdbx_database_status.SG_entry                        ? 
_pdbx_database_status.pdb_format_compatible           Y 
_pdbx_database_status.status_code_cs                  ? 
_pdbx_database_status.methods_development_category    ? 
_pdbx_database_status.status_code_nmr_data            ? 
# 
loop_
_audit_author.name 
_audit_author.pdbx_ordinal 
'Pentelute, B.L.'  1 
'Kent, S.B.H.'     2 
'Gates, Z.P.'      3 
'Tereshko, V.'     4 
'Kossiakoff, A.A.' 5 
'Kurutz, J.'       6 
'Dashnau, J.'      7 
'Vaderkooi, J.M.'  8 
# 
_citation.id                        primary 
_citation.title                     
'X-ray structure of snow flea antifreeze protein determined by racemic crystallization of synthetic protein enantiomers' 
_citation.journal_abbrev            J.Am.Chem.Soc. 
_citation.journal_volume            130 
_citation.page_first                9695 
_citation.page_last                 9701 
_citation.year                      2008 
_citation.journal_id_ASTM           JACSAT 
_citation.country                   US 
_citation.journal_id_ISSN           0002-7863 
_citation.journal_id_CSD            0004 
_citation.book_publisher            ? 
_citation.pdbx_database_id_PubMed   18598029 
_citation.pdbx_database_id_DOI      10.1021/ja8013538 
# 
loop_
_citation_author.citation_id 
_citation_author.name 
_citation_author.ordinal 
_citation_author.identifier_ORCID 
primary 'Pentelute, B.L.'  1 ? 
primary 'Gates, Z.P.'      2 ? 
primary 'Tereshko, V.'     3 ? 
primary 'Dashnau, J.L.'    4 ? 
primary 'Vanderkooi, J.M.' 5 ? 
primary 'Kossiakoff, A.A.' 6 ? 
primary 'Kent, S.B.'       7 ? 
# 
loop_
_entity.id 
_entity.type 
_entity.src_method 
_entity.pdbx_description 
_entity.formula_weight 
_entity.pdbx_number_of_molecules 
_entity.pdbx_ec 
_entity.pdbx_mutation 
_entity.pdbx_fragment 
_entity.details 
1 polymer syn '6.5 kDa glycine-rich antifreeze protein' 6489.812 1   ? ? ? ? 
2 water   nat water                                     18.015   113 ? ? ? ? 
# 
_entity_poly.entity_id                      1 
_entity_poly.type                           'polypeptide(L)' 
_entity_poly.nstd_linkage                   no 
_entity_poly.nstd_monomer                   no 
_entity_poly.pdbx_seq_one_letter_code       
;CKGADGAHGVNGCPGTAGAAGSVGGPGCDGGHGGNGGNGNPGCAGGVGGAGGASGGTGVGGRGGKGGSGTPKGADGAPGA
P
;
_entity_poly.pdbx_seq_one_letter_code_can   
;CKGADGAHGVNGCPGTAGAAGSVGGPGCDGGHGGNGGNGNPGCAGGVGGAGGASGGTGVGGRGGKGGSGTPKGADGAPGA
P
;
_entity_poly.pdbx_strand_id                 A 
_entity_poly.pdbx_target_identifier         ? 
# 
_pdbx_entity_nonpoly.entity_id   2 
_pdbx_entity_nonpoly.name        water 
_pdbx_entity_nonpoly.comp_id     HOH 
# 
loop_
_entity_poly_seq.entity_id 
_entity_poly_seq.num 
_entity_poly_seq.mon_id 
_entity_poly_seq.hetero 
1 1  CYS n 
1 2  LYS n 
1 3  GLY n 
1 4  ALA n 
1 5  ASP n 
1 6  GLY n 
1 7  ALA n 
1 8  HIS n 
1 9  GLY n 
1 10 VAL n 
1 11 ASN n 
1 12 GLY n 
1 13 CYS n 
1 14 PRO n 
1 15 GLY n 
1 16 THR n 
1 17 ALA n 
1 18 GLY n 
1 19 ALA n 
1 20 ALA n 
1 21 GLY n 
1 22 SER n 
1 23 VAL n 
1 24 GLY n 
1 25 GLY n 
1 26 PRO n 
1 27 GLY n 
1 28 CYS n 
1 29 ASP n 
1 30 GLY n 
1 31 GLY n 
1 32 HIS n 
1 33 GLY n 
1 34 GLY n 
1 35 ASN n 
1 36 GLY n 
1 37 GLY n 
1 38 ASN n 
1 39 GLY n 
1 40 ASN n 
1 41 PRO n 
1 42 GLY n 
1 43 CYS n 
1 44 ALA n 
1 45 GLY n 
1 46 GLY n 
1 47 VAL n 
1 48 GLY n 
1 49 GLY n 
1 50 ALA n 
1 51 GLY n 
1 52 GLY n 
1 53 ALA n 
1 54 SER n 
1 55 GLY n 
1 56 GLY n 
1 57 THR n 
1 58 GLY n 
1 59 VAL n 
1 60 GLY n 
1 61 GLY n 
1 62 ARG n 
1 63 GLY n 
1 64 GLY n 
1 65 LYS n 
1 66 GLY n 
1 67 GLY n 
1 68 SER n 
1 69 GLY n 
1 70 THR n 
1 71 PRO n 
1 72 LYS n 
1 73 GLY n 
1 74 ALA n 
1 75 ASP n 
1 76 GLY n 
1 77 ALA n 
1 78 PRO n 
1 79 GLY n 
1 80 ALA n 
1 81 PRO n 
# 
_pdbx_entity_src_syn.entity_id              1 
_pdbx_entity_src_syn.pdbx_src_id            1 
_pdbx_entity_src_syn.pdbx_alt_source_flag   sample 
_pdbx_entity_src_syn.pdbx_beg_seq_num       ? 
_pdbx_entity_src_syn.pdbx_end_seq_num       ? 
_pdbx_entity_src_syn.organism_scientific    'Hypogastrura harveyi' 
_pdbx_entity_src_syn.organism_common_name   'snow flea' 
_pdbx_entity_src_syn.ncbi_taxonomy_id       351090 
_pdbx_entity_src_syn.details                'Prepared by total chemical synthesis.' 
# 
loop_
_chem_comp.id 
_chem_comp.type 
_chem_comp.mon_nstd_flag 
_chem_comp.name 
_chem_comp.pdbx_synonyms 
_chem_comp.formula 
_chem_comp.formula_weight 
ALA 'L-peptide linking' y ALANINE         ? 'C3 H7 N O2'     89.093  
ARG 'L-peptide linking' y ARGININE        ? 'C6 H15 N4 O2 1' 175.209 
ASN 'L-peptide linking' y ASPARAGINE      ? 'C4 H8 N2 O3'    132.118 
ASP 'L-peptide linking' y 'ASPARTIC ACID' ? 'C4 H7 N O4'     133.103 
CYS 'L-peptide linking' y CYSTEINE        ? 'C3 H7 N O2 S'   121.158 
GLY 'peptide linking'   y GLYCINE         ? 'C2 H5 N O2'     75.067  
HIS 'L-peptide linking' y HISTIDINE       ? 'C6 H10 N3 O2 1' 156.162 
HOH non-polymer         . WATER           ? 'H2 O'           18.015  
LYS 'L-peptide linking' y LYSINE          ? 'C6 H15 N2 O2 1' 147.195 
PRO 'L-peptide linking' y PROLINE         ? 'C5 H9 N O2'     115.130 
SER 'L-peptide linking' y SERINE          ? 'C3 H7 N O3'     105.093 
THR 'L-peptide linking' y THREONINE       ? 'C4 H9 N O3'     119.119 
VAL 'L-peptide linking' y VALINE          ? 'C5 H11 N O2'    117.146 
# 
loop_
_pdbx_poly_seq_scheme.asym_id 
_pdbx_poly_seq_scheme.entity_id 
_pdbx_poly_seq_scheme.seq_id 
_pdbx_poly_seq_scheme.mon_id 
_pdbx_poly_seq_scheme.ndb_seq_num 
_pdbx_poly_seq_scheme.pdb_seq_num 
_pdbx_poly_seq_scheme.auth_seq_num 
_pdbx_poly_seq_scheme.pdb_mon_id 
_pdbx_poly_seq_scheme.auth_mon_id 
_pdbx_poly_seq_scheme.pdb_strand_id 
_pdbx_poly_seq_scheme.pdb_ins_code 
_pdbx_poly_seq_scheme.hetero 
A 1 1  CYS 1  1  1  CYS CYS A . n 
A 1 2  LYS 2  2  2  LYS LYS A . n 
A 1 3  GLY 3  3  3  GLY GLY A . n 
A 1 4  ALA 4  4  4  ALA ALA A . n 
A 1 5  ASP 5  5  5  ASP ASP A . n 
A 1 6  GLY 6  6  6  GLY GLY A . n 
A 1 7  ALA 7  7  7  ALA ALA A . n 
A 1 8  HIS 8  8  8  HIS HIS A . n 
A 1 9  GLY 9  9  9  GLY GLY A . n 
A 1 10 VAL 10 10 10 VAL VAL A . n 
A 1 11 ASN 11 11 11 ASN ASN A . n 
A 1 12 GLY 12 12 12 GLY GLY A . n 
A 1 13 CYS 13 13 13 CYS CYS A . n 
A 1 14 PRO 14 14 14 PRO PRO A . n 
A 1 15 GLY 15 15 15 GLY GLY A . n 
A 1 16 THR 16 16 16 THR THR A . n 
A 1 17 ALA 17 17 17 ALA ALA A . n 
A 1 18 GLY 18 18 18 GLY GLY A . n 
A 1 19 ALA 19 19 19 ALA ALA A . n 
A 1 20 ALA 20 20 20 ALA ALA A . n 
A 1 21 GLY 21 21 21 GLY GLY A . n 
A 1 22 SER 22 22 22 SER SER A . n 
A 1 23 VAL 23 23 23 VAL VAL A . n 
A 1 24 GLY 24 24 24 GLY GLY A . n 
A 1 25 GLY 25 25 25 GLY GLY A . n 
A 1 26 PRO 26 26 26 PRO PRO A . n 
A 1 27 GLY 27 27 27 GLY GLY A . n 
A 1 28 CYS 28 28 28 CYS CYS A . n 
A 1 29 ASP 29 29 29 ASP ASP A . n 
A 1 30 GLY 30 30 30 GLY GLY A . n 
A 1 31 GLY 31 31 31 GLY GLY A . n 
A 1 32 HIS 32 32 32 HIS HIS A . n 
A 1 33 GLY 33 33 33 GLY GLY A . n 
A 1 34 GLY 34 34 34 GLY GLY A . n 
A 1 35 ASN 35 35 35 ASN ASN A . n 
A 1 36 GLY 36 36 36 GLY GLY A . n 
A 1 37 GLY 37 37 37 GLY GLY A . n 
A 1 38 ASN 38 38 38 ASN ASN A . n 
A 1 39 GLY 39 39 39 GLY GLY A . n 
A 1 40 ASN 40 40 40 ASN ASN A . n 
A 1 41 PRO 41 41 41 PRO PRO A . n 
A 1 42 GLY 42 42 42 GLY GLY A . n 
A 1 43 CYS 43 43 43 CYS CYS A . n 
A 1 44 ALA 44 44 44 ALA ALA A . n 
A 1 45 GLY 45 45 45 GLY GLY A . n 
A 1 46 GLY 46 46 46 GLY GLY A . n 
A 1 47 VAL 47 47 47 VAL VAL A . n 
A 1 48 GLY 48 48 48 GLY GLY A . n 
A 1 49 GLY 49 49 49 GLY GLY A . n 
A 1 50 ALA 50 50 50 ALA ALA A . n 
A 1 51 GLY 51 51 51 GLY GLY A . n 
A 1 52 GLY 52 52 52 GLY GLY A . n 
A 1 53 ALA 53 53 53 ALA ALA A . n 
A 1 54 SER 54 54 54 SER SER A . n 
A 1 55 GLY 55 55 55 GLY GLY A . n 
A 1 56 GLY 56 56 56 GLY GLY A . n 
A 1 57 THR 57 57 57 THR THR A . n 
A 1 58 GLY 58 58 58 GLY GLY A . n 
A 1 59 VAL 59 59 59 VAL VAL A . n 
A 1 60 GLY 60 60 60 GLY GLY A . n 
A 1 61 GLY 61 61 61 GLY GLY A . n 
A 1 62 ARG 62 62 62 ARG ARG A . n 
A 1 63 GLY 63 63 63 GLY GLY A . n 
A 1 64 GLY 64 64 64 GLY GLY A . n 
A 1 65 LYS 65 65 65 LYS LYS A . n 
A 1 66 GLY 66 66 66 GLY GLY A . n 
A 1 67 GLY 67 67 67 GLY GLY A . n 
A 1 68 SER 68 68 68 SER SER A . n 
A 1 69 GLY 69 69 69 GLY GLY A . n 
A 1 70 THR 70 70 70 THR THR A . n 
A 1 71 PRO 71 71 71 PRO PRO A . n 
A 1 72 LYS 72 72 72 LYS LYS A . n 
A 1 73 GLY 73 73 73 GLY GLY A . n 
A 1 74 ALA 74 74 74 ALA ALA A . n 
A 1 75 ASP 75 75 75 ASP ASP A . n 
A 1 76 GLY 76 76 76 GLY GLY A . n 
A 1 77 ALA 77 77 77 ALA ALA A . n 
A 1 78 PRO 78 78 78 PRO PRO A . n 
A 1 79 GLY 79 79 79 GLY GLY A . n 
A 1 80 ALA 80 80 80 ALA ALA A . n 
A 1 81 PRO 81 81 81 PRO PRO A . n 
# 
loop_
_pdbx_nonpoly_scheme.asym_id 
_pdbx_nonpoly_scheme.entity_id 
_pdbx_nonpoly_scheme.mon_id 
_pdbx_nonpoly_scheme.ndb_seq_num 
_pdbx_nonpoly_scheme.pdb_seq_num 
_pdbx_nonpoly_scheme.auth_seq_num 
_pdbx_nonpoly_scheme.pdb_mon_id 
_pdbx_nonpoly_scheme.auth_mon_id 
_pdbx_nonpoly_scheme.pdb_strand_id 
_pdbx_nonpoly_scheme.pdb_ins_code 
B 2 HOH 1   82  1   HOH HOH A . 
B 2 HOH 2   83  2   HOH HOH A . 
B 2 HOH 3   84  3   HOH HOH A . 
B 2 HOH 4   85  4   HOH HOH A . 
B 2 HOH 5   86  5   HOH HOH A . 
B 2 HOH 6   87  6   HOH HOH A . 
B 2 HOH 7   88  7   HOH HOH A . 
B 2 HOH 8   89  8   HOH HOH A . 
B 2 HOH 9   90  9   HOH HOH A . 
B 2 HOH 10  91  10  HOH HOH A . 
B 2 HOH 11  92  11  HOH HOH A . 
B 2 HOH 12  93  12  HOH HOH A . 
B 2 HOH 13  94  13  HOH HOH A . 
B 2 HOH 14  95  14  HOH HOH A . 
B 2 HOH 15  96  15  HOH HOH A . 
B 2 HOH 16  97  16  HOH HOH A . 
B 2 HOH 17  98  17  HOH HOH A . 
B 2 HOH 18  99  18  HOH HOH A . 
B 2 HOH 19  100 19  HOH HOH A . 
B 2 HOH 20  101 20  HOH HOH A . 
B 2 HOH 21  102 21  HOH HOH A . 
B 2 HOH 22  103 22  HOH HOH A . 
B 2 HOH 23  104 23  HOH HOH A . 
B 2 HOH 24  105 24  HOH HOH A . 
B 2 HOH 25  106 25  HOH HOH A . 
B 2 HOH 26  107 26  HOH HOH A . 
B 2 HOH 27  108 27  HOH HOH A . 
B 2 HOH 28  109 28  HOH HOH A . 
B 2 HOH 29  110 29  HOH HOH A . 
B 2 HOH 30  111 30  HOH HOH A . 
B 2 HOH 31  112 31  HOH HOH A . 
B 2 HOH 32  113 32  HOH HOH A . 
B 2 HOH 33  114 33  HOH HOH A . 
B 2 HOH 34  115 34  HOH HOH A . 
B 2 HOH 35  116 35  HOH HOH A . 
B 2 HOH 36  117 36  HOH HOH A . 
B 2 HOH 37  118 37  HOH HOH A . 
B 2 HOH 38  119 38  HOH HOH A . 
B 2 HOH 39  120 39  HOH HOH A . 
B 2 HOH 40  121 40  HOH HOH A . 
B 2 HOH 41  122 41  HOH HOH A . 
B 2 HOH 42  123 42  HOH HOH A . 
B 2 HOH 43  124 43  HOH HOH A . 
B 2 HOH 44  125 44  HOH HOH A . 
B 2 HOH 45  126 45  HOH HOH A . 
B 2 HOH 46  127 46  HOH HOH A . 
B 2 HOH 47  128 47  HOH HOH A . 
B 2 HOH 48  129 48  HOH HOH A . 
B 2 HOH 49  130 49  HOH HOH A . 
B 2 HOH 50  131 50  HOH HOH A . 
B 2 HOH 51  132 51  HOH HOH A . 
B 2 HOH 52  133 52  HOH HOH A . 
B 2 HOH 53  134 53  HOH HOH A . 
B 2 HOH 54  135 54  HOH HOH A . 
B 2 HOH 55  136 55  HOH HOH A . 
B 2 HOH 56  137 56  HOH HOH A . 
B 2 HOH 57  138 57  HOH HOH A . 
B 2 HOH 58  139 58  HOH HOH A . 
B 2 HOH 59  140 59  HOH HOH A . 
B 2 HOH 60  141 60  HOH HOH A . 
B 2 HOH 61  142 61  HOH HOH A . 
B 2 HOH 62  143 62  HOH HOH A . 
B 2 HOH 63  144 63  HOH HOH A . 
B 2 HOH 64  145 64  HOH HOH A . 
B 2 HOH 65  146 65  HOH HOH A . 
B 2 HOH 66  147 66  HOH HOH A . 
B 2 HOH 67  148 67  HOH HOH A . 
B 2 HOH 68  149 68  HOH HOH A . 
B 2 HOH 69  150 69  HOH HOH A . 
B 2 HOH 70  151 70  HOH HOH A . 
B 2 HOH 71  152 71  HOH HOH A . 
B 2 HOH 72  153 72  HOH HOH A . 
B 2 HOH 73  154 73  HOH HOH A . 
B 2 HOH 74  155 74  HOH HOH A . 
B 2 HOH 75  156 75  HOH HOH A . 
B 2 HOH 76  157 76  HOH HOH A . 
B 2 HOH 77  158 77  HOH HOH A . 
B 2 HOH 78  159 78  HOH HOH A . 
B 2 HOH 79  160 79  HOH HOH A . 
B 2 HOH 80  161 80  HOH HOH A . 
B 2 HOH 81  162 81  HOH HOH A . 
B 2 HOH 82  163 82  HOH HOH A . 
B 2 HOH 83  164 83  HOH HOH A . 
B 2 HOH 84  165 84  HOH HOH A . 
B 2 HOH 85  166 85  HOH HOH A . 
B 2 HOH 86  167 86  HOH HOH A . 
B 2 HOH 87  168 87  HOH HOH A . 
B 2 HOH 88  169 88  HOH HOH A . 
B 2 HOH 89  170 89  HOH HOH A . 
B 2 HOH 90  171 90  HOH HOH A . 
B 2 HOH 91  172 91  HOH HOH A . 
B 2 HOH 92  173 92  HOH HOH A . 
B 2 HOH 93  174 93  HOH HOH A . 
B 2 HOH 94  175 94  HOH HOH A . 
B 2 HOH 95  176 95  HOH HOH A . 
B 2 HOH 96  177 96  HOH HOH A . 
B 2 HOH 97  178 97  HOH HOH A . 
B 2 HOH 98  179 98  HOH HOH A . 
B 2 HOH 99  180 99  HOH HOH A . 
B 2 HOH 100 181 100 HOH HOH A . 
B 2 HOH 101 182 101 HOH HOH A . 
B 2 HOH 102 183 102 HOH HOH A . 
B 2 HOH 103 184 103 HOH HOH A . 
B 2 HOH 104 185 104 HOH HOH A . 
B 2 HOH 105 186 105 HOH HOH A . 
B 2 HOH 106 187 106 HOH HOH A . 
B 2 HOH 107 188 107 HOH HOH A . 
B 2 HOH 108 189 108 HOH HOH A . 
B 2 HOH 109 190 109 HOH HOH A . 
B 2 HOH 110 191 110 HOH HOH A . 
B 2 HOH 111 192 111 HOH HOH A . 
B 2 HOH 112 193 112 HOH HOH A . 
B 2 HOH 113 194 113 HOH HOH A . 
# 
loop_
_software.name 
_software.classification 
_software.version 
_software.citation_id 
_software.pdbx_ordinal 
REFMAC   refinement       5.2.0005 ? 1 
HKL-2000 'data reduction' .        ? 2 
HKL-2000 'data scaling'   .        ? 3 
MOLREP   phasing          .        ? 4 
# 
_cell.entry_id           2PNE 
_cell.length_a           16.699 
_cell.length_b           74.281 
_cell.length_c           17.687 
_cell.angle_alpha        90.00 
_cell.angle_beta         102.20 
_cell.angle_gamma        90.00 
_cell.Z_PDB              2 
_cell.pdbx_unique_axis   ? 
_cell.length_a_esd       ? 
_cell.length_b_esd       ? 
_cell.length_c_esd       ? 
_cell.angle_alpha_esd    ? 
_cell.angle_beta_esd     ? 
_cell.angle_gamma_esd    ? 
# 
_symmetry.entry_id                         2PNE 
_symmetry.space_group_name_H-M             'P 1 21 1' 
_symmetry.pdbx_full_space_group_name_H-M   ? 
_symmetry.cell_setting                     ? 
_symmetry.Int_Tables_number                4 
_symmetry.space_group_name_Hall            ? 
# 
_exptl.entry_id          2PNE 
_exptl.method            'X-RAY DIFFRACTION' 
_exptl.crystals_number   1 
# 
_exptl_crystal.id                    1 
_exptl_crystal.density_meas          ? 
_exptl_crystal.density_Matthews      1.65 
_exptl_crystal.density_percent_sol   25.7 
_exptl_crystal.description           ? 
_exptl_crystal.F_000                 ? 
_exptl_crystal.preparation           ? 
# 
_exptl_crystal_grow.crystal_id      1 
_exptl_crystal_grow.method          'VAPOR DIFFUSION, HANGING DROP' 
_exptl_crystal_grow.temp            296 
_exptl_crystal_grow.temp_details    ? 
_exptl_crystal_grow.pH              6.5 
_exptl_crystal_grow.pdbx_details    'pH 6.5, VAPOR DIFFUSION, HANGING DROP, temperature 296K' 
_exptl_crystal_grow.pdbx_pH_range   . 
# 
_diffrn.id                     1 
_diffrn.ambient_temp           100.0 
_diffrn.ambient_temp_details   ? 
_diffrn.crystal_id             1 
# 
_diffrn_detector.diffrn_id              1 
_diffrn_detector.detector               CCD 
_diffrn_detector.type                   ? 
_diffrn_detector.pdbx_collection_date   2006-12-03 
_diffrn_detector.details                ? 
# 
_diffrn_radiation.diffrn_id                        1 
_diffrn_radiation.wavelength_id                    1 
_diffrn_radiation.pdbx_monochromatic_or_laue_m_l   M 
_diffrn_radiation.monochromator                    'DOUBLE CRYSTAL SI(111)' 
_diffrn_radiation.pdbx_diffrn_protocol             'SINGLE WAVELENGTH' 
_diffrn_radiation.pdbx_scattering_type             x-ray 
# 
_diffrn_radiation_wavelength.id           1 
_diffrn_radiation_wavelength.wavelength   0.97918 
_diffrn_radiation_wavelength.wt           1.0 
# 
_diffrn_source.diffrn_id                   1 
_diffrn_source.source                      SYNCHROTRON 
_diffrn_source.type                        'APS BEAMLINE 19-BM' 
_diffrn_source.pdbx_synchrotron_site       APS 
_diffrn_source.pdbx_synchrotron_beamline   19-BM 
_diffrn_source.pdbx_wavelength             0.97918 
_diffrn_source.pdbx_wavelength_list        ? 
# 
_reflns.entry_id                     2PNE 
_reflns.observed_criterion_sigma_I   -3.000 
_reflns.observed_criterion_sigma_F   ? 
_reflns.d_resolution_low             50.00 
_reflns.d_resolution_high            0.95 
_reflns.number_obs                   23972 
_reflns.number_all                   ? 
_reflns.percent_possible_obs         90.6 
_reflns.pdbx_Rmerge_I_obs            0.059 
_reflns.pdbx_Rsym_value              ? 
_reflns.pdbx_netI_over_sigmaI        17.9 
_reflns.B_iso_Wilson_estimate        ? 
_reflns.pdbx_redundancy              3.3 
_reflns.R_free_details               ? 
_reflns.limit_h_max                  ? 
_reflns.limit_h_min                  ? 
_reflns.limit_k_max                  ? 
_reflns.limit_k_min                  ? 
_reflns.limit_l_max                  ? 
_reflns.limit_l_min                  ? 
_reflns.observed_criterion_F_max     ? 
_reflns.observed_criterion_F_min     ? 
_reflns.pdbx_chi_squared             ? 
_reflns.pdbx_scaling_rejects         ? 
_reflns.pdbx_diffrn_id               1 
_reflns.pdbx_ordinal                 1 
# 
_reflns_shell.d_res_high             0.95 
_reflns_shell.d_res_low              0.98 
_reflns_shell.percent_possible_all   46.0 
_reflns_shell.Rmerge_I_obs           0.25 
_reflns_shell.pdbx_Rsym_value        ? 
_reflns_shell.meanI_over_sigI_obs    3.0 
_reflns_shell.pdbx_redundancy        1.30 
_reflns_shell.percent_possible_obs   ? 
_reflns_shell.number_unique_all      ? 
_reflns_shell.number_measured_all    ? 
_reflns_shell.number_measured_obs    ? 
_reflns_shell.number_unique_obs      ? 
_reflns_shell.pdbx_chi_squared       ? 
_reflns_shell.pdbx_diffrn_id         ? 
_reflns_shell.pdbx_ordinal           1 
# 
_refine.entry_id                                 2PNE 
_refine.ls_number_reflns_obs                     21783 
_refine.ls_number_reflns_all                     ? 
_refine.pdbx_ls_sigma_I                          ? 
_refine.pdbx_ls_sigma_F                          ? 
_refine.pdbx_data_cutoff_high_absF               ? 
_refine.pdbx_data_cutoff_low_absF                ? 
_refine.pdbx_data_cutoff_high_rms_absF           ? 
_refine.ls_d_res_low                             17.29 
_refine.ls_d_res_high                            0.98 
_refine.ls_percent_reflns_obs                    95.5 
_refine.ls_R_factor_obs                          0.141 
_refine.ls_R_factor_all                          ? 
_refine.ls_R_factor_R_work                       0.140 
_refine.ls_R_factor_R_free                       0.164 
_refine.ls_R_factor_R_free_error                 ? 
_refine.ls_R_factor_R_free_error_details         ? 
_refine.ls_percent_reflns_R_free                 5.100 
_refine.ls_number_reflns_R_free                  1173 
_refine.ls_number_parameters                     ? 
_refine.ls_number_restraints                     ? 
_refine.occupancy_min                            ? 
_refine.occupancy_max                            ? 
_refine.correlation_coeff_Fo_to_Fc               0.978 
_refine.correlation_coeff_Fo_to_Fc_free          0.971 
_refine.B_iso_mean                               6.59 
_refine.aniso_B[1][1]                            0.11000 
_refine.aniso_B[2][2]                            -0.79000 
_refine.aniso_B[3][3]                            1.02000 
_refine.aniso_B[1][2]                            0.00000 
_refine.aniso_B[1][3]                            0.79000 
_refine.aniso_B[2][3]                            0.00000 
_refine.solvent_model_details                    MASK 
_refine.solvent_model_param_ksol                 ? 
_refine.solvent_model_param_bsol                 ? 
_refine.pdbx_solvent_vdw_probe_radii             1.20 
_refine.pdbx_solvent_ion_probe_radii             0.80 
_refine.pdbx_solvent_shrinkage_radii             0.80 
_refine.pdbx_ls_cross_valid_method               THROUGHOUT 
_refine.details                                  'HYDROGENS HAVE BEEN ADDED IN THE RIDING POSITIONS' 
_refine.pdbx_starting_model                      'PDB entry 3BOG' 
_refine.pdbx_method_to_determine_struct          'MOLECULAR REPLACEMENT' 
_refine.pdbx_isotropic_thermal_model             ? 
_refine.pdbx_stereochemistry_target_values       'MAXIMUM LIKELIHOOD' 
_refine.pdbx_stereochem_target_val_spec_case     ? 
_refine.pdbx_R_Free_selection_details            RANDOM 
_refine.pdbx_overall_ESU_R                       0.026 
_refine.pdbx_overall_ESU_R_Free                  0.027 
_refine.overall_SU_ML                            0.020 
_refine.pdbx_overall_phase_error                 ? 
_refine.overall_SU_B                             0.818 
_refine.ls_redundancy_reflns_obs                 ? 
_refine.B_iso_min                                ? 
_refine.B_iso_max                                ? 
_refine.overall_SU_R_Cruickshank_DPI             ? 
_refine.overall_SU_R_free                        ? 
_refine.ls_wR_factor_R_free                      ? 
_refine.ls_wR_factor_R_work                      ? 
_refine.overall_FOM_free_R_set                   ? 
_refine.overall_FOM_work_R_set                   ? 
_refine.pdbx_refine_id                           'X-RAY DIFFRACTION' 
_refine.pdbx_diffrn_id                           1 
_refine.pdbx_TLS_residual_ADP_flag               ? 
_refine.pdbx_overall_SU_R_free_Cruickshank_DPI   ? 
_refine.pdbx_overall_SU_R_Blow_DPI               ? 
_refine.pdbx_overall_SU_R_free_Blow_DPI          ? 
# 
_refine_hist.pdbx_refine_id                   'X-RAY DIFFRACTION' 
_refine_hist.cycle_id                         LAST 
_refine_hist.pdbx_number_atoms_protein        453 
_refine_hist.pdbx_number_atoms_nucleic_acid   0 
_refine_hist.pdbx_number_atoms_ligand         0 
_refine_hist.number_atoms_solvent             113 
_refine_hist.number_atoms_total               566 
_refine_hist.d_res_high                       0.98 
_refine_hist.d_res_low                        17.29 
# 
loop_
_refine_ls_restr.type 
_refine_ls_restr.dev_ideal 
_refine_ls_restr.dev_ideal_target 
_refine_ls_restr.weight 
_refine_ls_restr.number 
_refine_ls_restr.pdbx_refine_id 
_refine_ls_restr.pdbx_restraint_function 
r_bond_refined_d             0.017  0.021  ? 462 'X-RAY DIFFRACTION' ? 
r_bond_other_d               0.001  0.020  ? 306 'X-RAY DIFFRACTION' ? 
r_angle_refined_deg          1.674  1.966  ? 619 'X-RAY DIFFRACTION' ? 
r_angle_other_deg            0.865  3.011  ? 741 'X-RAY DIFFRACTION' ? 
r_dihedral_angle_1_deg       7.229  5.000  ? 80  'X-RAY DIFFRACTION' ? 
r_dihedral_angle_2_deg       34.410 26.000 ? 10  'X-RAY DIFFRACTION' ? 
r_dihedral_angle_3_deg       10.983 15.000 ? 40  'X-RAY DIFFRACTION' ? 
r_dihedral_angle_4_deg       12.307 15.000 ? 1   'X-RAY DIFFRACTION' ? 
r_chiral_restr               0.112  0.200  ? 51  'X-RAY DIFFRACTION' ? 
r_gen_planes_refined         0.007  0.020  ? 615 'X-RAY DIFFRACTION' ? 
r_gen_planes_other           0.001  0.020  ? 82  'X-RAY DIFFRACTION' ? 
r_nbd_refined                0.198  0.200  ? 107 'X-RAY DIFFRACTION' ? 
r_nbd_other                  0.183  0.200  ? 339 'X-RAY DIFFRACTION' ? 
r_nbtor_refined              0.160  0.200  ? 267 'X-RAY DIFFRACTION' ? 
r_nbtor_other                0.083  0.200  ? 237 'X-RAY DIFFRACTION' ? 
r_xyhbond_nbd_refined        0.183  0.200  ? 70  'X-RAY DIFFRACTION' ? 
r_xyhbond_nbd_other          ?      ?      ? ?   'X-RAY DIFFRACTION' ? 
r_metal_ion_refined          ?      ?      ? ?   'X-RAY DIFFRACTION' ? 
r_metal_ion_other            ?      ?      ? ?   'X-RAY DIFFRACTION' ? 
r_symmetry_vdw_refined       0.156  0.200  ? 2   'X-RAY DIFFRACTION' ? 
r_symmetry_vdw_other         0.212  0.200  ? 28  'X-RAY DIFFRACTION' ? 
r_symmetry_hbond_refined     0.146  0.200  ? 28  'X-RAY DIFFRACTION' ? 
r_symmetry_hbond_other       ?      ?      ? ?   'X-RAY DIFFRACTION' ? 
r_symmetry_metal_ion_refined ?      ?      ? ?   'X-RAY DIFFRACTION' ? 
r_symmetry_metal_ion_other   ?      ?      ? ?   'X-RAY DIFFRACTION' ? 
r_mcbond_it                  1.429  1.500  ? 380 'X-RAY DIFFRACTION' ? 
r_mcbond_other               1.147  1.500  ? 193 'X-RAY DIFFRACTION' ? 
r_mcangle_it                 1.938  2.000  ? 552 'X-RAY DIFFRACTION' ? 
r_scbond_it                  2.685  3.000  ? 88  'X-RAY DIFFRACTION' ? 
r_scangle_it                 3.541  4.500  ? 67  'X-RAY DIFFRACTION' ? 
r_rigid_bond_restr           1.340  3.000  ? 468 'X-RAY DIFFRACTION' ? 
r_sphericity_free            9.026  3.000  ? 86  'X-RAY DIFFRACTION' ? 
r_sphericity_bonded          4.616  3.000  ? 453 'X-RAY DIFFRACTION' ? 
# 
_refine_ls_shell.pdbx_total_number_of_bins_used   20 
_refine_ls_shell.d_res_high                       0.98 
_refine_ls_shell.d_res_low                        1.00 
_refine_ls_shell.number_reflns_R_work             1368 
_refine_ls_shell.R_factor_R_work                  0.3030 
_refine_ls_shell.percent_reflns_obs               83.55 
_refine_ls_shell.R_factor_R_free                  0.2550 
_refine_ls_shell.R_factor_R_free_error            ? 
_refine_ls_shell.percent_reflns_R_free            ? 
_refine_ls_shell.number_reflns_R_free             69 
_refine_ls_shell.number_reflns_all                ? 
_refine_ls_shell.R_factor_all                     ? 
_refine_ls_shell.redundancy_reflns_obs            ? 
_refine_ls_shell.number_reflns_obs                ? 
_refine_ls_shell.pdbx_refine_id                   'X-RAY DIFFRACTION' 
# 
_struct.entry_id                  2PNE 
_struct.title                     'Crystal Structure of the Snow Flea Antifreeze Protein' 
_struct.pdbx_model_details        ? 
_struct.pdbx_CASP_flag            ? 
_struct.pdbx_model_type_details   ? 
# 
_struct_keywords.entry_id        2PNE 
_struct_keywords.pdbx_keywords   'ANTIFREEZE PROTEIN' 
_struct_keywords.text            'antifreeze protein, chemical protein synthesis, native chemical ligation' 
# 
loop_
_struct_asym.id 
_struct_asym.pdbx_blank_PDB_chainid_flag 
_struct_asym.pdbx_modified 
_struct_asym.entity_id 
_struct_asym.details 
A N N 1 ? 
B N N 2 ? 
# 
_struct_ref.id                         1 
_struct_ref.db_name                    UNP 
_struct_ref.db_code                    Q38PT6_9HEXA 
_struct_ref.pdbx_db_accession          Q38PT6 
_struct_ref.entity_id                  1 
_struct_ref.pdbx_seq_one_letter_code   
;CKGADGAHGVNGCPGTAGAAGSVGGPGCDGGHGGNGGNGNPGCAGGVGGAGGASGGTGVGGRGGKGGSGTPKGADGAPGA
P
;
_struct_ref.pdbx_align_begin           23 
_struct_ref.pdbx_db_isoform            ? 
# 
_struct_ref_seq.align_id                      1 
_struct_ref_seq.ref_id                        1 
_struct_ref_seq.pdbx_PDB_id_code              2PNE 
_struct_ref_seq.pdbx_strand_id                A 
_struct_ref_seq.seq_align_beg                 1 
_struct_ref_seq.pdbx_seq_align_beg_ins_code   ? 
_struct_ref_seq.seq_align_end                 81 
_struct_ref_seq.pdbx_seq_align_end_ins_code   ? 
_struct_ref_seq.pdbx_db_accession             Q38PT6 
_struct_ref_seq.db_align_beg                  23 
_struct_ref_seq.pdbx_db_align_beg_ins_code    ? 
_struct_ref_seq.db_align_end                  103 
_struct_ref_seq.pdbx_db_align_end_ins_code    ? 
_struct_ref_seq.pdbx_auth_seq_align_beg       1 
_struct_ref_seq.pdbx_auth_seq_align_end       81 
# 
_pdbx_struct_assembly.id                   1 
_pdbx_struct_assembly.details              author_and_software_defined_assembly 
_pdbx_struct_assembly.method_details       PISA 
_pdbx_struct_assembly.oligomeric_details   monomeric 
_pdbx_struct_assembly.oligomeric_count     1 
# 
_pdbx_struct_assembly_gen.assembly_id       1 
_pdbx_struct_assembly_gen.oper_expression   1 
_pdbx_struct_assembly_gen.asym_id_list      A,B 
# 
_pdbx_struct_oper_list.id                   1 
_pdbx_struct_oper_list.type                 'identity operation' 
_pdbx_struct_oper_list.name                 1_555 
_pdbx_struct_oper_list.symmetry_operation   x,y,z 
_pdbx_struct_oper_list.matrix[1][1]         1.0000000000 
_pdbx_struct_oper_list.matrix[1][2]         0.0000000000 
_pdbx_struct_oper_list.matrix[1][3]         0.0000000000 
_pdbx_struct_oper_list.vector[1]            0.0000000000 
_pdbx_struct_oper_list.matrix[2][1]         0.0000000000 
_pdbx_struct_oper_list.matrix[2][2]         1.0000000000 
_pdbx_struct_oper_list.matrix[2][3]         0.0000000000 
_pdbx_struct_oper_list.vector[2]            0.0000000000 
_pdbx_struct_oper_list.matrix[3][1]         0.0000000000 
_pdbx_struct_oper_list.matrix[3][2]         0.0000000000 
_pdbx_struct_oper_list.matrix[3][3]         1.0000000000 
_pdbx_struct_oper_list.vector[3]            0.0000000000 
# 
loop_
_struct_conn.id 
_struct_conn.conn_type_id 
_struct_conn.pdbx_leaving_atom_flag 
_struct_conn.pdbx_PDB_id 
_struct_conn.ptnr1_label_asym_id 
_struct_conn.ptnr1_label_comp_id 
_struct_conn.ptnr1_label_seq_id 
_struct_conn.ptnr1_label_atom_id 
_struct_conn.pdbx_ptnr1_label_alt_id 
_struct_conn.pdbx_ptnr1_PDB_ins_code 
_struct_conn.pdbx_ptnr1_standard_comp_id 
_struct_conn.ptnr1_symmetry 
_struct_conn.ptnr2_label_asym_id 
_struct_conn.ptnr2_label_comp_id 
_struct_conn.ptnr2_label_seq_id 
_struct_conn.ptnr2_label_atom_id 
_struct_conn.pdbx_ptnr2_label_alt_id 
_struct_conn.pdbx_ptnr2_PDB_ins_code 
_struct_conn.ptnr1_auth_asym_id 
_struct_conn.ptnr1_auth_comp_id 
_struct_conn.ptnr1_auth_seq_id 
_struct_conn.ptnr2_auth_asym_id 
_struct_conn.ptnr2_auth_comp_id 
_struct_conn.ptnr2_auth_seq_id 
_struct_conn.ptnr2_symmetry 
_struct_conn.pdbx_ptnr3_label_atom_id 
_struct_conn.pdbx_ptnr3_label_seq_id 
_struct_conn.pdbx_ptnr3_label_comp_id 
_struct_conn.pdbx_ptnr3_label_asym_id 
_struct_conn.pdbx_ptnr3_label_alt_id 
_struct_conn.pdbx_ptnr3_PDB_ins_code 
_struct_conn.details 
_struct_conn.pdbx_dist_value 
_struct_conn.pdbx_value_order 
_struct_conn.pdbx_role 
disulf1 disulf ? ? A CYS 1  SG ? ? ? 1_555 A CYS 28 SG ? ? A CYS 1  A CYS 28 1_555 ? ? ? ? ? ? ? 2.087 ? ? 
disulf2 disulf ? ? A CYS 13 SG ? ? ? 1_555 A CYS 43 SG ? ? A CYS 13 A CYS 43 1_555 ? ? ? ? ? ? ? 1.999 ? ? 
# 
_struct_conn_type.id          disulf 
_struct_conn_type.criteria    ? 
_struct_conn_type.reference   ? 
# 
loop_
_pdbx_modification_feature.ordinal 
_pdbx_modification_feature.label_comp_id 
_pdbx_modification_feature.label_asym_id 
_pdbx_modification_feature.label_seq_id 
_pdbx_modification_feature.label_alt_id 
_pdbx_modification_feature.modified_residue_label_comp_id 
_pdbx_modification_feature.modified_residue_label_asym_id 
_pdbx_modification_feature.modified_residue_label_seq_id 
_pdbx_modification_feature.modified_residue_label_alt_id 
_pdbx_modification_feature.auth_comp_id 
_pdbx_modification_feature.auth_asym_id 
_pdbx_modification_feature.auth_seq_id 
_pdbx_modification_feature.PDB_ins_code 
_pdbx_modification_feature.symmetry 
_pdbx_modification_feature.modified_residue_auth_comp_id 
_pdbx_modification_feature.modified_residue_auth_asym_id 
_pdbx_modification_feature.modified_residue_auth_seq_id 
_pdbx_modification_feature.modified_residue_PDB_ins_code 
_pdbx_modification_feature.modified_residue_symmetry 
_pdbx_modification_feature.comp_id_linking_atom 
_pdbx_modification_feature.modified_residue_id_linking_atom 
_pdbx_modification_feature.modified_residue_id 
_pdbx_modification_feature.ref_pcm_id 
_pdbx_modification_feature.ref_comp_id 
_pdbx_modification_feature.type 
_pdbx_modification_feature.category 
1 CYS A 1  ? CYS A 28 ? CYS A 1  ? 1_555 CYS A 28 ? 1_555 SG SG . . . None 'Disulfide bridge' 
2 CYS A 13 ? CYS A 43 ? CYS A 13 ? 1_555 CYS A 43 ? 1_555 SG SG . . . None 'Disulfide bridge' 
# 
loop_
_struct_mon_prot_cis.pdbx_id 
_struct_mon_prot_cis.label_comp_id 
_struct_mon_prot_cis.label_seq_id 
_struct_mon_prot_cis.label_asym_id 
_struct_mon_prot_cis.label_alt_id 
_struct_mon_prot_cis.pdbx_PDB_ins_code 
_struct_mon_prot_cis.auth_comp_id 
_struct_mon_prot_cis.auth_seq_id 
_struct_mon_prot_cis.auth_asym_id 
_struct_mon_prot_cis.pdbx_label_comp_id_2 
_struct_mon_prot_cis.pdbx_label_seq_id_2 
_struct_mon_prot_cis.pdbx_label_asym_id_2 
_struct_mon_prot_cis.pdbx_PDB_ins_code_2 
_struct_mon_prot_cis.pdbx_auth_comp_id_2 
_struct_mon_prot_cis.pdbx_auth_seq_id_2 
_struct_mon_prot_cis.pdbx_auth_asym_id_2 
_struct_mon_prot_cis.pdbx_PDB_model_num 
_struct_mon_prot_cis.pdbx_omega_angle 
1 CYS 13 A . ? CYS 13 A PRO 14 A ? PRO 14 A 1 5.65  
2 THR 70 A . ? THR 70 A PRO 71 A ? PRO 71 A 1 -4.40 
# 
_pdbx_entry_details.entry_id                   2PNE 
_pdbx_entry_details.compound_details           ? 
_pdbx_entry_details.source_details             ? 
_pdbx_entry_details.nonpolymer_details         ? 
_pdbx_entry_details.sequence_details           ? 
_pdbx_entry_details.has_ligand_of_interest     ? 
_pdbx_entry_details.has_protein_modification   Y 
# 
loop_
_pdbx_validate_close_contact.id 
_pdbx_validate_close_contact.PDB_model_num 
_pdbx_validate_close_contact.auth_atom_id_1 
_pdbx_validate_close_contact.auth_asym_id_1 
_pdbx_validate_close_contact.auth_comp_id_1 
_pdbx_validate_close_contact.auth_seq_id_1 
_pdbx_validate_close_contact.PDB_ins_code_1 
_pdbx_validate_close_contact.label_alt_id_1 
_pdbx_validate_close_contact.auth_atom_id_2 
_pdbx_validate_close_contact.auth_asym_id_2 
_pdbx_validate_close_contact.auth_comp_id_2 
_pdbx_validate_close_contact.auth_seq_id_2 
_pdbx_validate_close_contact.PDB_ins_code_2 
_pdbx_validate_close_contact.label_alt_id_2 
_pdbx_validate_close_contact.dist 
1 1 O A HOH 154 ? ? O A HOH 170 ? ? 1.69 
2 1 O A HOH 129 ? ? O A HOH 151 ? ? 2.17 
# 
loop_
_chem_comp_atom.comp_id 
_chem_comp_atom.atom_id 
_chem_comp_atom.type_symbol 
_chem_comp_atom.pdbx_aromatic_flag 
_chem_comp_atom.pdbx_stereo_config 
_chem_comp_atom.pdbx_ordinal 
ALA N    N N N 1   
ALA CA   C N S 2   
ALA C    C N N 3   
ALA O    O N N 4   
ALA CB   C N N 5   
ALA OXT  O N N 6   
ALA H    H N N 7   
ALA H2   H N N 8   
ALA HA   H N N 9   
ALA HB1  H N N 10  
ALA HB2  H N N 11  
ALA HB3  H N N 12  
ALA HXT  H N N 13  
ARG N    N N N 14  
ARG CA   C N S 15  
ARG C    C N N 16  
ARG O    O N N 17  
ARG CB   C N N 18  
ARG CG   C N N 19  
ARG CD   C N N 20  
ARG NE   N N N 21  
ARG CZ   C N N 22  
ARG NH1  N N N 23  
ARG NH2  N N N 24  
ARG OXT  O N N 25  
ARG H    H N N 26  
ARG H2   H N N 27  
ARG HA   H N N 28  
ARG HB2  H N N 29  
ARG HB3  H N N 30  
ARG HG2  H N N 31  
ARG HG3  H N N 32  
ARG HD2  H N N 33  
ARG HD3  H N N 34  
ARG HE   H N N 35  
ARG HH11 H N N 36  
ARG HH12 H N N 37  
ARG HH21 H N N 38  
ARG HH22 H N N 39  
ARG HXT  H N N 40  
ASN N    N N N 41  
ASN CA   C N S 42  
ASN C    C N N 43  
ASN O    O N N 44  
ASN CB   C N N 45  
ASN CG   C N N 46  
ASN OD1  O N N 47  
ASN ND2  N N N 48  
ASN OXT  O N N 49  
ASN H    H N N 50  
ASN H2   H N N 51  
ASN HA   H N N 52  
ASN HB2  H N N 53  
ASN HB3  H N N 54  
ASN HD21 H N N 55  
ASN HD22 H N N 56  
ASN HXT  H N N 57  
ASP N    N N N 58  
ASP CA   C N S 59  
ASP C    C N N 60  
ASP O    O N N 61  
ASP CB   C N N 62  
ASP CG   C N N 63  
ASP OD1  O N N 64  
ASP OD2  O N N 65  
ASP OXT  O N N 66  
ASP H    H N N 67  
ASP H2   H N N 68  
ASP HA   H N N 69  
ASP HB2  H N N 70  
ASP HB3  H N N 71  
ASP HD2  H N N 72  
ASP HXT  H N N 73  
CYS N    N N N 74  
CYS CA   C N R 75  
CYS C    C N N 76  
CYS O    O N N 77  
CYS CB   C N N 78  
CYS SG   S N N 79  
CYS OXT  O N N 80  
CYS H    H N N 81  
CYS H2   H N N 82  
CYS HA   H N N 83  
CYS HB2  H N N 84  
CYS HB3  H N N 85  
CYS HG   H N N 86  
CYS HXT  H N N 87  
GLY N    N N N 88  
GLY CA   C N N 89  
GLY C    C N N 90  
GLY O    O N N 91  
GLY OXT  O N N 92  
GLY H    H N N 93  
GLY H2   H N N 94  
GLY HA2  H N N 95  
GLY HA3  H N N 96  
GLY HXT  H N N 97  
HIS N    N N N 98  
HIS CA   C N S 99  
HIS C    C N N 100 
HIS O    O N N 101 
HIS CB   C N N 102 
HIS CG   C Y N 103 
HIS ND1  N Y N 104 
HIS CD2  C Y N 105 
HIS CE1  C Y N 106 
HIS NE2  N Y N 107 
HIS OXT  O N N 108 
HIS H    H N N 109 
HIS H2   H N N 110 
HIS HA   H N N 111 
HIS HB2  H N N 112 
HIS HB3  H N N 113 
HIS HD1  H N N 114 
HIS HD2  H N N 115 
HIS HE1  H N N 116 
HIS HE2  H N N 117 
HIS HXT  H N N 118 
HOH O    O N N 119 
HOH H1   H N N 120 
HOH H2   H N N 121 
LYS N    N N N 122 
LYS CA   C N S 123 
LYS C    C N N 124 
LYS O    O N N 125 
LYS CB   C N N 126 
LYS CG   C N N 127 
LYS CD   C N N 128 
LYS CE   C N N 129 
LYS NZ   N N N 130 
LYS OXT  O N N 131 
LYS H    H N N 132 
LYS H2   H N N 133 
LYS HA   H N N 134 
LYS HB2  H N N 135 
LYS HB3  H N N 136 
LYS HG2  H N N 137 
LYS HG3  H N N 138 
LYS HD2  H N N 139 
LYS HD3  H N N 140 
LYS HE2  H N N 141 
LYS HE3  H N N 142 
LYS HZ1  H N N 143 
LYS HZ2  H N N 144 
LYS HZ3  H N N 145 
LYS HXT  H N N 146 
PRO N    N N N 147 
PRO CA   C N S 148 
PRO C    C N N 149 
PRO O    O N N 150 
PRO CB   C N N 151 
PRO CG   C N N 152 
PRO CD   C N N 153 
PRO OXT  O N N 154 
PRO H    H N N 155 
PRO HA   H N N 156 
PRO HB2  H N N 157 
PRO HB3  H N N 158 
PRO HG2  H N N 159 
PRO HG3  H N N 160 
PRO HD2  H N N 161 
PRO HD3  H N N 162 
PRO HXT  H N N 163 
SER N    N N N 164 
SER CA   C N S 165 
SER C    C N N 166 
SER O    O N N 167 
SER CB   C N N 168 
SER OG   O N N 169 
SER OXT  O N N 170 
SER H    H N N 171 
SER H2   H N N 172 
SER HA   H N N 173 
SER HB2  H N N 174 
SER HB3  H N N 175 
SER HG   H N N 176 
SER HXT  H N N 177 
THR N    N N N 178 
THR CA   C N S 179 
THR C    C N N 180 
THR O    O N N 181 
THR CB   C N R 182 
THR OG1  O N N 183 
THR CG2  C N N 184 
THR OXT  O N N 185 
THR H    H N N 186 
THR H2   H N N 187 
THR HA   H N N 188 
THR HB   H N N 189 
THR HG1  H N N 190 
THR HG21 H N N 191 
THR HG22 H N N 192 
THR HG23 H N N 193 
THR HXT  H N N 194 
VAL N    N N N 195 
VAL CA   C N S 196 
VAL C    C N N 197 
VAL O    O N N 198 
VAL CB   C N N 199 
VAL CG1  C N N 200 
VAL CG2  C N N 201 
VAL OXT  O N N 202 
VAL H    H N N 203 
VAL H2   H N N 204 
VAL HA   H N N 205 
VAL HB   H N N 206 
VAL HG11 H N N 207 
VAL HG12 H N N 208 
VAL HG13 H N N 209 
VAL HG21 H N N 210 
VAL HG22 H N N 211 
VAL HG23 H N N 212 
VAL HXT  H N N 213 
# 
loop_
_chem_comp_bond.comp_id 
_chem_comp_bond.atom_id_1 
_chem_comp_bond.atom_id_2 
_chem_comp_bond.value_order 
_chem_comp_bond.pdbx_aromatic_flag 
_chem_comp_bond.pdbx_stereo_config 
_chem_comp_bond.pdbx_ordinal 
ALA N   CA   sing N N 1   
ALA N   H    sing N N 2   
ALA N   H2   sing N N 3   
ALA CA  C    sing N N 4   
ALA CA  CB   sing N N 5   
ALA CA  HA   sing N N 6   
ALA C   O    doub N N 7   
ALA C   OXT  sing N N 8   
ALA CB  HB1  sing N N 9   
ALA CB  HB2  sing N N 10  
ALA CB  HB3  sing N N 11  
ALA OXT HXT  sing N N 12  
ARG N   CA   sing N N 13  
ARG N   H    sing N N 14  
ARG N   H2   sing N N 15  
ARG CA  C    sing N N 16  
ARG CA  CB   sing N N 17  
ARG CA  HA   sing N N 18  
ARG C   O    doub N N 19  
ARG C   OXT  sing N N 20  
ARG CB  CG   sing N N 21  
ARG CB  HB2  sing N N 22  
ARG CB  HB3  sing N N 23  
ARG CG  CD   sing N N 24  
ARG CG  HG2  sing N N 25  
ARG CG  HG3  sing N N 26  
ARG CD  NE   sing N N 27  
ARG CD  HD2  sing N N 28  
ARG CD  HD3  sing N N 29  
ARG NE  CZ   sing N N 30  
ARG NE  HE   sing N N 31  
ARG CZ  NH1  sing N N 32  
ARG CZ  NH2  doub N N 33  
ARG NH1 HH11 sing N N 34  
ARG NH1 HH12 sing N N 35  
ARG NH2 HH21 sing N N 36  
ARG NH2 HH22 sing N N 37  
ARG OXT HXT  sing N N 38  
ASN N   CA   sing N N 39  
ASN N   H    sing N N 40  
ASN N   H2   sing N N 41  
ASN CA  C    sing N N 42  
ASN CA  CB   sing N N 43  
ASN CA  HA   sing N N 44  
ASN C   O    doub N N 45  
ASN C   OXT  sing N N 46  
ASN CB  CG   sing N N 47  
ASN CB  HB2  sing N N 48  
ASN CB  HB3  sing N N 49  
ASN CG  OD1  doub N N 50  
ASN CG  ND2  sing N N 51  
ASN ND2 HD21 sing N N 52  
ASN ND2 HD22 sing N N 53  
ASN OXT HXT  sing N N 54  
ASP N   CA   sing N N 55  
ASP N   H    sing N N 56  
ASP N   H2   sing N N 57  
ASP CA  C    sing N N 58  
ASP CA  CB   sing N N 59  
ASP CA  HA   sing N N 60  
ASP C   O    doub N N 61  
ASP C   OXT  sing N N 62  
ASP CB  CG   sing N N 63  
ASP CB  HB2  sing N N 64  
ASP CB  HB3  sing N N 65  
ASP CG  OD1  doub N N 66  
ASP CG  OD2  sing N N 67  
ASP OD2 HD2  sing N N 68  
ASP OXT HXT  sing N N 69  
CYS N   CA   sing N N 70  
CYS N   H    sing N N 71  
CYS N   H2   sing N N 72  
CYS CA  C    sing N N 73  
CYS CA  CB   sing N N 74  
CYS CA  HA   sing N N 75  
CYS C   O    doub N N 76  
CYS C   OXT  sing N N 77  
CYS CB  SG   sing N N 78  
CYS CB  HB2  sing N N 79  
CYS CB  HB3  sing N N 80  
CYS SG  HG   sing N N 81  
CYS OXT HXT  sing N N 82  
GLY N   CA   sing N N 83  
GLY N   H    sing N N 84  
GLY N   H2   sing N N 85  
GLY CA  C    sing N N 86  
GLY CA  HA2  sing N N 87  
GLY CA  HA3  sing N N 88  
GLY C   O    doub N N 89  
GLY C   OXT  sing N N 90  
GLY OXT HXT  sing N N 91  
HIS N   CA   sing N N 92  
HIS N   H    sing N N 93  
HIS N   H2   sing N N 94  
HIS CA  C    sing N N 95  
HIS CA  CB   sing N N 96  
HIS CA  HA   sing N N 97  
HIS C   O    doub N N 98  
HIS C   OXT  sing N N 99  
HIS CB  CG   sing N N 100 
HIS CB  HB2  sing N N 101 
HIS CB  HB3  sing N N 102 
HIS CG  ND1  sing Y N 103 
HIS CG  CD2  doub Y N 104 
HIS ND1 CE1  doub Y N 105 
HIS ND1 HD1  sing N N 106 
HIS CD2 NE2  sing Y N 107 
HIS CD2 HD2  sing N N 108 
HIS CE1 NE2  sing Y N 109 
HIS CE1 HE1  sing N N 110 
HIS NE2 HE2  sing N N 111 
HIS OXT HXT  sing N N 112 
HOH O   H1   sing N N 113 
HOH O   H2   sing N N 114 
LYS N   CA   sing N N 115 
LYS N   H    sing N N 116 
LYS N   H2   sing N N 117 
LYS CA  C    sing N N 118 
LYS CA  CB   sing N N 119 
LYS CA  HA   sing N N 120 
LYS C   O    doub N N 121 
LYS C   OXT  sing N N 122 
LYS CB  CG   sing N N 123 
LYS CB  HB2  sing N N 124 
LYS CB  HB3  sing N N 125 
LYS CG  CD   sing N N 126 
LYS CG  HG2  sing N N 127 
LYS CG  HG3  sing N N 128 
LYS CD  CE   sing N N 129 
LYS CD  HD2  sing N N 130 
LYS CD  HD3  sing N N 131 
LYS CE  NZ   sing N N 132 
LYS CE  HE2  sing N N 133 
LYS CE  HE3  sing N N 134 
LYS NZ  HZ1  sing N N 135 
LYS NZ  HZ2  sing N N 136 
LYS NZ  HZ3  sing N N 137 
LYS OXT HXT  sing N N 138 
PRO N   CA   sing N N 139 
PRO N   CD   sing N N 140 
PRO N   H    sing N N 141 
PRO CA  C    sing N N 142 
PRO CA  CB   sing N N 143 
PRO CA  HA   sing N N 144 
PRO C   O    doub N N 145 
PRO C   OXT  sing N N 146 
PRO CB  CG   sing N N 147 
PRO CB  HB2  sing N N 148 
PRO CB  HB3  sing N N 149 
PRO CG  CD   sing N N 150 
PRO CG  HG2  sing N N 151 
PRO CG  HG3  sing N N 152 
PRO CD  HD2  sing N N 153 
PRO CD  HD3  sing N N 154 
PRO OXT HXT  sing N N 155 
SER N   CA   sing N N 156 
SER N   H    sing N N 157 
SER N   H2   sing N N 158 
SER CA  C    sing N N 159 
SER CA  CB   sing N N 160 
SER CA  HA   sing N N 161 
SER C   O    doub N N 162 
SER C   OXT  sing N N 163 
SER CB  OG   sing N N 164 
SER CB  HB2  sing N N 165 
SER CB  HB3  sing N N 166 
SER OG  HG   sing N N 167 
SER OXT HXT  sing N N 168 
THR N   CA   sing N N 169 
THR N   H    sing N N 170 
THR N   H2   sing N N 171 
THR CA  C    sing N N 172 
THR CA  CB   sing N N 173 
THR CA  HA   sing N N 174 
THR C   O    doub N N 175 
THR C   OXT  sing N N 176 
THR CB  OG1  sing N N 177 
THR CB  CG2  sing N N 178 
THR CB  HB   sing N N 179 
THR OG1 HG1  sing N N 180 
THR CG2 HG21 sing N N 181 
THR CG2 HG22 sing N N 182 
THR CG2 HG23 sing N N 183 
THR OXT HXT  sing N N 184 
VAL N   CA   sing N N 185 
VAL N   H    sing N N 186 
VAL N   H2   sing N N 187 
VAL CA  C    sing N N 188 
VAL CA  CB   sing N N 189 
VAL CA  HA   sing N N 190 
VAL C   O    doub N N 191 
VAL C   OXT  sing N N 192 
VAL CB  CG1  sing N N 193 
VAL CB  CG2  sing N N 194 
VAL CB  HB   sing N N 195 
VAL CG1 HG11 sing N N 196 
VAL CG1 HG12 sing N N 197 
VAL CG1 HG13 sing N N 198 
VAL CG2 HG21 sing N N 199 
VAL CG2 HG22 sing N N 200 
VAL CG2 HG23 sing N N 201 
VAL OXT HXT  sing N N 202 
# 
_pdbx_initial_refinement_model.id               1 
_pdbx_initial_refinement_model.entity_id_list   ? 
_pdbx_initial_refinement_model.type             'experimental model' 
_pdbx_initial_refinement_model.source_name      PDB 
_pdbx_initial_refinement_model.accession_code   3BOG 
_pdbx_initial_refinement_model.details          'PDB entry 3BOG' 
# 
_atom_sites.entry_id                    2PNE 
_atom_sites.fract_transf_matrix[1][1]   -0.02520912 
_atom_sites.fract_transf_matrix[1][2]   0.04247028 
_atom_sites.fract_transf_matrix[1][3]   -0.03625559 
_atom_sites.fract_transf_matrix[2][1]   -0.01223503 
_atom_sites.fract_transf_matrix[2][2]   -0.00485695 
_atom_sites.fract_transf_matrix[2][3]   0.00281773 
_atom_sites.fract_transf_matrix[3][1]   -0.00889695 
_atom_sites.fract_transf_matrix[3][2]   0.04375013 
_atom_sites.fract_transf_matrix[3][3]   0.03678063 
_atom_sites.fract_transf_vector[1]      0.398610 
_atom_sites.fract_transf_vector[2]      0.002199 
_atom_sites.fract_transf_vector[3]      0.133276 
# 
loop_
_atom_type.symbol 
C 
N 
O 
S 
# 
loop_
_atom_site.group_PDB 
_atom_site.id 
_atom_site.type_symbol 
_atom_site.label_atom_id 
_atom_site.label_alt_id 
_atom_site.label_comp_id 
_atom_site.label_asym_id 
_atom_site.label_entity_id 
_atom_site.label_seq_id 
_atom_site.pdbx_PDB_ins_code 
_atom_site.Cartn_x 
_atom_site.Cartn_y 
_atom_site.Cartn_z 
_atom_site.occupancy 
_atom_site.B_iso_or_equiv 
_atom_site.pdbx_formal_charge 
_atom_site.auth_seq_id 
_atom_site.auth_comp_id 
_atom_site.auth_asym_id 
_atom_site.auth_atom_id 
_atom_site.pdbx_PDB_model_num 
ATOM   1   N N   . CYS A 1 1  ? 12.561  14.019  -2.470  1.00 9.08  ? 1   CYS A N   1 
ATOM   2   C CA  . CYS A 1 1  ? 11.165  14.320  -2.070  1.00 8.22  ? 1   CYS A CA  1 
ATOM   3   C C   . CYS A 1 1  ? 10.312  13.191  -2.611  1.00 6.81  ? 1   CYS A C   1 
ATOM   4   O O   . CYS A 1 1  ? 10.782  12.426  -3.438  1.00 7.20  ? 1   CYS A O   1 
ATOM   5   C CB  . CYS A 1 1  ? 10.650  15.648  -2.607  1.00 8.95  ? 1   CYS A CB  1 
ATOM   6   S SG  . CYS A 1 1  ? 10.706  15.957  -4.372  1.00 9.59  ? 1   CYS A SG  1 
ATOM   7   N N   . LYS A 1 2  ? 9.095   13.067  -2.107  1.00 6.16  ? 2   LYS A N   1 
ATOM   8   C CA  . LYS A 1 2  ? 8.285   11.886  -2.401  1.00 5.57  ? 2   LYS A CA  1 
ATOM   9   C C   . LYS A 1 2  ? 6.809   12.247  -2.190  1.00 6.15  ? 2   LYS A C   1 
ATOM   10  O O   . LYS A 1 2  ? 6.462   13.073  -1.311  1.00 7.09  ? 2   LYS A O   1 
ATOM   11  C CB  . LYS A 1 2  ? 8.709   10.731  -1.449  1.00 5.72  ? 2   LYS A CB  1 
ATOM   12  C CG  . LYS A 1 2  ? 7.991   9.419   -1.687  1.00 5.43  ? 2   LYS A CG  1 
ATOM   13  C CD  . LYS A 1 2  ? 8.369   8.299   -0.707  1.00 5.99  ? 2   LYS A CD  1 
ATOM   14  C CE  . LYS A 1 2  ? 8.211   8.682   0.735   1.00 5.97  ? 2   LYS A CE  1 
ATOM   15  N NZ  . LYS A 1 2  ? 6.778   9.014   1.033   1.00 6.07  ? 2   LYS A NZ  1 
ATOM   16  N N   . GLY A 1 3  ? 5.961   11.606  -2.998  1.00 5.92  ? 3   GLY A N   1 
ATOM   17  C CA  . GLY A 1 3  ? 4.520   11.701  -2.742  1.00 6.18  ? 3   GLY A CA  1 
ATOM   18  C C   . GLY A 1 3  ? 4.160   11.117  -1.373  1.00 5.39  ? 3   GLY A C   1 
ATOM   19  O O   . GLY A 1 3  ? 4.914   10.331  -0.768  1.00 6.15  ? 3   GLY A O   1 
ATOM   20  N N   . ALA A 1 4  ? 2.972   11.501  -0.884  1.00 6.06  ? 4   ALA A N   1 
ATOM   21  C CA  . ALA A 1 4  ? 2.483   10.967  0.398   1.00 6.35  ? 4   ALA A CA  1 
ATOM   22  C C   . ALA A 1 4  ? 2.240   9.482   0.321   1.00 5.99  ? 4   ALA A C   1 
ATOM   23  O O   . ALA A 1 4  ? 1.664   8.958   -0.666  1.00 6.62  ? 4   ALA A O   1 
ATOM   24  C CB  . ALA A 1 4  ? 1.183   11.627  0.810   1.00 7.72  ? 4   ALA A CB  1 
ATOM   25  N N   . ASP A 1 5  ? 2.628   8.791   1.374   1.00 5.95  ? 5   ASP A N   1 
ATOM   26  C CA  . ASP A 1 5  ? 2.248   7.415   1.521   1.00 4.91  ? 5   ASP A CA  1 
ATOM   27  C C   . ASP A 1 5  ? 0.733   7.232   1.777   1.00 5.40  ? 5   ASP A C   1 
ATOM   28  O O   . ASP A 1 5  ? 0.084   8.107   2.367   1.00 5.78  ? 5   ASP A O   1 
ATOM   29  C CB  . ASP A 1 5  ? 3.040   6.749   2.678   1.00 5.55  ? 5   ASP A CB  1 
ATOM   30  C CG  . ASP A 1 5  ? 4.537   6.698   2.409   1.00 5.81  ? 5   ASP A CG  1 
ATOM   31  O OD1 . ASP A 1 5  ? 4.997   7.067   1.291   1.00 5.09  ? 5   ASP A OD1 1 
ATOM   32  O OD2 . ASP A 1 5  ? 5.266   6.306   3.380   1.00 6.94  ? 5   ASP A OD2 1 
ATOM   33  N N   . GLY A 1 6  ? 0.225   6.087   1.347   1.00 5.36  ? 6   GLY A N   1 
ATOM   34  C CA  . GLY A 1 6  ? -1.185  5.772   1.589   1.00 5.11  ? 6   GLY A CA  1 
ATOM   35  C C   . GLY A 1 6  ? -1.442  5.333   3.008   1.00 4.54  ? 6   GLY A C   1 
ATOM   36  O O   . GLY A 1 6  ? -0.628  4.672   3.674   1.00 4.90  ? 6   GLY A O   1 
ATOM   37  N N   . ALA A 1 7  ? -2.655  5.634   3.489   1.00 4.63  ? 7   ALA A N   1 
ATOM   38  C CA  . ALA A 1 7  ? -3.085  5.173   4.812   1.00 4.63  ? 7   ALA A CA  1 
ATOM   39  C C   . ALA A 1 7  ? -3.124  3.679   4.873   1.00 4.44  ? 7   ALA A C   1 
ATOM   40  O O   . ALA A 1 7  ? -3.511  2.990   3.923   1.00 5.63  ? 7   ALA A O   1 
ATOM   41  C CB  . ALA A 1 7  ? -4.465  5.706   5.139   1.00 6.07  ? 7   ALA A CB  1 
ATOM   42  N N   . HIS A 1 8  ? -2.756  3.121   6.029   1.00 5.10  ? 8   HIS A N   1 
ATOM   43  C CA  . HIS A 1 8  ? -2.899  1.697   6.250   1.00 5.50  ? 8   HIS A CA  1 
ATOM   44  C C   . HIS A 1 8  ? -4.357  1.303   6.357   1.00 5.88  ? 8   HIS A C   1 
ATOM   45  O O   . HIS A 1 8  ? -5.230  2.132   6.715   1.00 7.14  ? 8   HIS A O   1 
ATOM   46  C CB  . HIS A 1 8  ? -2.177  1.283   7.540   1.00 6.04  ? 8   HIS A CB  1 
ATOM   47  C CG  . HIS A 1 8  ? -0.750  1.702   7.523   1.00 6.38  ? 8   HIS A CG  1 
ATOM   48  N ND1 . HIS A 1 8  ? 0.132   1.372   6.497   1.00 7.16  ? 8   HIS A ND1 1 
ATOM   49  C CD2 . HIS A 1 8  ? -0.077  2.492   8.382   1.00 7.79  ? 8   HIS A CD2 1 
ATOM   50  C CE1 . HIS A 1 8  ? 1.299   1.952   6.771   1.00 9.66  ? 8   HIS A CE1 1 
ATOM   51  N NE2 . HIS A 1 8  ? 1.183   2.664   7.890   1.00 8.32  ? 8   HIS A NE2 1 
ATOM   52  N N   . GLY A 1 9  ? -4.614  0.054   6.043   1.00 5.73  ? 9   GLY A N   1 
ATOM   53  C CA  . GLY A 1 9  ? -5.952  -0.462  6.303   1.00 5.78  ? 9   GLY A CA  1 
ATOM   54  C C   . GLY A 1 9  ? -6.216  -0.623  7.789   1.00 5.55  ? 9   GLY A C   1 
ATOM   55  O O   . GLY A 1 9  ? -5.303  -0.518  8.606   1.00 7.32  ? 9   GLY A O   1 
ATOM   56  N N   . VAL A 1 10 ? -7.455  -0.922  8.130   1.00 5.96  ? 10  VAL A N   1 
ATOM   57  C CA  . VAL A 1 10 ? -7.912  -1.128  9.515   1.00 6.44  ? 10  VAL A CA  1 
ATOM   58  C C   . VAL A 1 10 ? -7.886  -2.599  9.851   1.00 5.44  ? 10  VAL A C   1 
ATOM   59  O O   . VAL A 1 10 ? -8.268  -3.435  9.041   1.00 6.43  ? 10  VAL A O   1 
ATOM   60  C CB  . VAL A 1 10 ? -9.360  -0.541  9.759   1.00 7.57  ? 10  VAL A CB  1 
ATOM   61  C CG1 . VAL A 1 10 ? -10.486 -1.488  9.261   1.00 12.64 ? 10  VAL A CG1 1 
ATOM   62  C CG2 . VAL A 1 10 ? -9.636  -0.403  11.212  1.00 9.19  ? 10  VAL A CG2 1 
ATOM   63  N N   . ASN A 1 11 ? -7.438  -2.949  11.077  1.00 5.57  ? 11  ASN A N   1 
ATOM   64  C CA  . ASN A 1 11 ? -7.559  -4.327  11.563  1.00 5.55  ? 11  ASN A CA  1 
ATOM   65  C C   . ASN A 1 11 ? -9.055  -4.619  11.820  1.00 5.88  ? 11  ASN A C   1 
ATOM   66  O O   . ASN A 1 11 ? -9.752  -3.745  12.365  1.00 7.39  ? 11  ASN A O   1 
ATOM   67  C CB  . ASN A 1 11 ? -6.751  -4.463  12.862  1.00 6.05  ? 11  ASN A CB  1 
ATOM   68  C CG  . ASN A 1 11 ? -5.260  -4.149  12.635  1.00 6.87  ? 11  ASN A CG  1 
ATOM   69  O OD1 . ASN A 1 11 ? -4.668  -4.582  11.635  1.00 7.31  ? 11  ASN A OD1 1 
ATOM   70  N ND2 . ASN A 1 11 ? -4.637  -3.475  13.596  1.00 8.47  ? 11  ASN A ND2 1 
ATOM   71  N N   . GLY A 1 12 ? -9.518  -5.810  11.455  1.00 6.12  ? 12  GLY A N   1 
ATOM   72  C CA  . GLY A 1 12 ? -10.927 -6.086  11.628  1.00 6.97  ? 12  GLY A CA  1 
ATOM   73  C C   . GLY A 1 12 ? -11.355 -7.363  11.003  1.00 6.39  ? 12  GLY A C   1 
ATOM   74  O O   . GLY A 1 12 ? -10.538 -8.239  10.793  1.00 6.39  ? 12  GLY A O   1 
ATOM   75  N N   . CYS A 1 13 ? -12.673 -7.472  10.707  1.00 7.08  ? 13  CYS A N   1 
ATOM   76  C CA  . CYS A 1 13 ? -13.184 -8.691  10.093  1.00 7.86  ? 13  CYS A CA  1 
ATOM   77  C C   . CYS A 1 13 ? -13.943 -8.319  8.827   1.00 8.61  ? 13  CYS A C   1 
ATOM   78  O O   . CYS A 1 13 ? -15.142 -8.205  8.869   1.00 10.13 ? 13  CYS A O   1 
ATOM   79  C CB  . CYS A 1 13 ? -14.092 -9.531  11.041  1.00 9.28  ? 13  CYS A CB  1 
ATOM   80  S SG  . CYS A 1 13 ? -14.421 -11.175 10.434  1.00 10.83 ? 13  CYS A SG  1 
ATOM   81  N N   . PRO A 1 14 ? -13.269 -8.167  7.674   1.00 7.42  ? 14  PRO A N   1 
ATOM   82  C CA  . PRO A 1 14 ? -11.859 -8.419  7.403   1.00 6.33  ? 14  PRO A CA  1 
ATOM   83  C C   . PRO A 1 14 ? -11.020 -7.174  7.692   1.00 5.72  ? 14  PRO A C   1 
ATOM   84  O O   . PRO A 1 14 ? -11.507 -6.078  7.884   1.00 5.95  ? 14  PRO A O   1 
ATOM   85  C CB  . PRO A 1 14 ? -11.840 -8.684  5.892   1.00 7.60  ? 14  PRO A CB  1 
ATOM   86  C CG  . PRO A 1 14 ? -12.874 -7.743  5.378   1.00 8.07  ? 14  PRO A CG  1 
ATOM   87  C CD  . PRO A 1 14 ? -13.969 -7.757  6.432   1.00 8.85  ? 14  PRO A CD  1 
ATOM   88  N N   . GLY A 1 15 ? -9.706  -7.393  7.685   1.00 5.53  ? 15  GLY A N   1 
ATOM   89  C CA  . GLY A 1 15 ? -8.809  -6.254  7.572   1.00 5.39  ? 15  GLY A CA  1 
ATOM   90  C C   . GLY A 1 15 ? -9.082  -5.549  6.256   1.00 5.76  ? 15  GLY A C   1 
ATOM   91  O O   . GLY A 1 15 ? -9.381  -6.197  5.255   1.00 7.09  ? 15  GLY A O   1 
ATOM   92  N N   . THR A 1 16 ? -8.999  -4.226  6.265   1.00 6.21  ? 16  THR A N   1 
ATOM   93  C CA  . THR A 1 16 ? -9.321  -3.489  5.022   1.00 6.45  ? 16  THR A CA  1 
ATOM   94  C C   . THR A 1 16 ? -8.032  -3.152  4.230   1.00 4.66  ? 16  THR A C   1 
ATOM   95  O O   . THR A 1 16 ? -6.902  -3.259  4.711   1.00 4.32  ? 16  THR A O   1 
ATOM   96  C CB  . THR A 1 16 ? -10.163 -2.292  5.266   1.00 7.48  ? 16  THR A CB  1 
ATOM   97  O OG1 . THR A 1 16 ? -9.389  -1.346  6.014   1.00 8.39  ? 16  THR A OG1 1 
ATOM   98  C CG2 . THR A 1 16 ? -11.479 -2.679  6.021   1.00 11.59 ? 16  THR A CG2 1 
ATOM   99  N N   . ALA A 1 17 ? -8.238  -2.732  2.989   1.00 4.68  ? 17  ALA A N   1 
ATOM   100 C CA  . ALA A 1 17 ? -7.103  -2.499  2.070   1.00 4.12  ? 17  ALA A CA  1 
ATOM   101 C C   . ALA A 1 17 ? -6.314  -1.264  2.529   1.00 4.49  ? 17  ALA A C   1 
ATOM   102 O O   . ALA A 1 17 ? -6.881  -0.227  2.940   1.00 4.56  ? 17  ALA A O   1 
ATOM   103 C CB  . ALA A 1 17 ? -7.630  -2.245  0.685   1.00 5.22  ? 17  ALA A CB  1 
ATOM   104 N N   . GLY A 1 18 ? -4.979  -1.358  2.377   1.00 4.44  ? 18  GLY A N   1 
ATOM   105 C CA  . GLY A 1 18 ? -4.175  -0.137  2.422   1.00 4.62  ? 18  GLY A CA  1 
ATOM   106 C C   . GLY A 1 18 ? -4.475  0.731   1.189   1.00 4.58  ? 18  GLY A C   1 
ATOM   107 O O   . GLY A 1 18 ? -4.818  0.225   0.101   1.00 5.53  ? 18  GLY A O   1 
ATOM   108 N N   . ALA A 1 19 ? -4.325  2.029   1.362   1.00 4.15  ? 19  ALA A N   1 
ATOM   109 C CA  . ALA A 1 19 ? -4.590  3.000   0.262   1.00 4.77  ? 19  ALA A CA  1 
ATOM   110 C C   . ALA A 1 19 ? -3.337  3.032   -0.640  1.00 4.16  ? 19  ALA A C   1 
ATOM   111 O O   . ALA A 1 19 ? -2.202  2.887   -0.198  1.00 4.47  ? 19  ALA A O   1 
ATOM   112 C CB  . ALA A 1 19 ? -4.902  4.342   0.828   1.00 5.36  ? 19  ALA A CB  1 
ATOM   113 N N   . ALA A 1 20 ? -3.569  3.323   -1.921  1.00 4.61  ? 20  ALA A N   1 
ATOM   114 C CA  . ALA A 1 20 ? -2.463  3.537   -2.848  1.00 4.14  ? 20  ALA A CA  1 
ATOM   115 C C   . ALA A 1 20 ? -1.624  4.743   -2.399  1.00 4.42  ? 20  ALA A C   1 
ATOM   116 O O   . ALA A 1 20 ? -2.140  5.763   -1.909  1.00 5.12  ? 20  ALA A O   1 
ATOM   117 C CB  . ALA A 1 20 ? -2.995  3.747   -4.290  1.00 5.16  ? 20  ALA A CB  1 
ATOM   118 N N   . GLY A 1 21 ? -0.318  4.631   -2.629  1.00 4.70  ? 21  GLY A N   1 
ATOM   119 C CA  . GLY A 1 21 ? 0.584   5.784   -2.499  1.00 5.17  ? 21  GLY A CA  1 
ATOM   120 C C   . GLY A 1 21 ? 0.251   6.830   -3.539  1.00 5.87  ? 21  GLY A C   1 
ATOM   121 O O   . GLY A 1 21 ? -0.297  6.528   -4.612  1.00 6.99  ? 21  GLY A O   1 
ATOM   122 N N   . SER A 1 22 ? 0.567   8.078   -3.193  1.00 5.80  ? 22  SER A N   1 
ATOM   123 C CA  . SER A 1 22 ? 0.324   9.202   -4.072  1.00 5.88  ? 22  SER A CA  1 
ATOM   124 C C   . SER A 1 22 ? 1.421   9.258   -5.124  1.00 5.99  ? 22  SER A C   1 
ATOM   125 O O   . SER A 1 22 ? 2.620   8.922   -4.913  1.00 6.22  ? 22  SER A O   1 
ATOM   126 C CB  . SER A 1 22 ? 0.230   10.467  -3.251  1.00 7.11  ? 22  SER A CB  1 
ATOM   127 O OG  . SER A 1 22 ? -0.881  10.346  -2.368  1.00 11.12 ? 22  SER A OG  1 
ATOM   128 N N   . VAL A 1 23 ? 1.048   9.749   -6.296  1.00 5.72  ? 23  VAL A N   1 
ATOM   129 C CA  . VAL A 1 23 ? 1.998   10.004  -7.342  1.00 5.56  ? 23  VAL A CA  1 
ATOM   130 C C   . VAL A 1 23 ? 3.060   10.985  -6.832  1.00 5.14  ? 23  VAL A C   1 
ATOM   131 O O   . VAL A 1 23 ? 2.746   11.890  -6.023  1.00 5.73  ? 23  VAL A O   1 
ATOM   132 C CB  . VAL A 1 23 ? 1.285   10.598  -8.587  1.00 6.48  ? 23  VAL A CB  1 
ATOM   133 C CG1 . VAL A 1 23 ? 0.723   11.992  -8.277  1.00 6.84  ? 23  VAL A CG1 1 
ATOM   134 C CG2 . VAL A 1 23 ? 2.200   10.622  -9.791  1.00 6.41  ? 23  VAL A CG2 1 
ATOM   135 N N   . GLY A 1 24 ? 4.310   10.818  -7.282  1.00 5.54  ? 24  GLY A N   1 
ATOM   136 C CA  . GLY A 1 24 ? 5.306   11.842  -7.020  1.00 5.52  ? 24  GLY A CA  1 
ATOM   137 C C   . GLY A 1 24 ? 5.043   13.071  -7.877  1.00 6.54  ? 24  GLY A C   1 
ATOM   138 O O   . GLY A 1 24 ? 4.872   12.933  -9.101  1.00 7.90  ? 24  GLY A O   1 
ATOM   139 N N   . GLY A 1 25 ? 4.938   14.237  -7.261  1.00 7.32  ? 25  GLY A N   1 
ATOM   140 C CA  . GLY A 1 25 ? 4.907   15.466  -8.031  1.00 7.86  ? 25  GLY A CA  1 
ATOM   141 C C   . GLY A 1 25 ? 6.198   15.650  -8.781  1.00 7.47  ? 25  GLY A C   1 
ATOM   142 O O   . GLY A 1 25 ? 7.138   14.879  -8.632  1.00 7.96  ? 25  GLY A O   1 
ATOM   143 N N   . PRO A 1 26 ? 6.256   16.655  -9.655  1.00 8.78  ? 26  PRO A N   1 
ATOM   144 C CA  . PRO A 1 26 ? 7.451   16.831  -10.479 1.00 8.90  ? 26  PRO A CA  1 
ATOM   145 C C   . PRO A 1 26 ? 8.718   16.874  -9.616  1.00 8.77  ? 26  PRO A C   1 
ATOM   146 O O   . PRO A 1 26 ? 8.802   17.628  -8.643  1.00 9.89  ? 26  PRO A O   1 
ATOM   147 C CB  . PRO A 1 26 ? 7.171   18.152  -11.199 1.00 10.16 ? 26  PRO A CB  1 
ATOM   148 C CG  . PRO A 1 26 ? 5.630   18.148  -11.356 1.00 10.12 ? 26  PRO A CG  1 
ATOM   149 C CD  . PRO A 1 26 ? 5.189   17.613  -10.011 1.00 9.09  ? 26  PRO A CD  1 
ATOM   150 N N   . GLY A 1 27 ? 9.644   16.005  -9.949  1.00 8.03  ? 27  GLY A N   1 
ATOM   151 C CA  . GLY A 1 27 ? 10.923  15.923  -9.252  1.00 7.47  ? 27  GLY A CA  1 
ATOM   152 C C   . GLY A 1 27 ? 10.908  15.062  -7.994  1.00 7.31  ? 27  GLY A C   1 
ATOM   153 O O   . GLY A 1 27 ? 11.902  15.038  -7.280  1.00 7.09  ? 27  GLY A O   1 
ATOM   154 N N   . CYS A 1 28 ? 9.792   14.356  -7.732  1.00 6.22  ? 28  CYS A N   1 
ATOM   155 C CA  . CYS A 1 28 ? 9.630   13.558  -6.489  1.00 6.26  ? 28  CYS A CA  1 
ATOM   156 C C   . CYS A 1 28 ? 9.379   12.076  -6.800  1.00 5.71  ? 28  CYS A C   1 
ATOM   157 O O   . CYS A 1 28 ? 8.844   11.713  -7.842  1.00 6.35  ? 28  CYS A O   1 
ATOM   158 C CB  . CYS A 1 28 ? 8.487   14.146  -5.648  1.00 6.86  ? 28  CYS A CB  1 
ATOM   159 S SG  . CYS A 1 28 ? 8.761   15.844  -5.121  1.00 9.73  ? 28  CYS A SG  1 
ATOM   160 N N   . ASP A 1 29 ? 9.821   11.264  -5.852  1.00 5.09  ? 29  ASP A N   1 
ATOM   161 C CA  . ASP A 1 29 ? 9.586   9.831   -5.881  1.00 5.09  ? 29  ASP A CA  1 
ATOM   162 C C   . ASP A 1 29 ? 8.107   9.485   -5.641  1.00 5.24  ? 29  ASP A C   1 
ATOM   163 O O   . ASP A 1 29 ? 7.361   10.308  -5.099  1.00 5.06  ? 29  ASP A O   1 
ATOM   164 C CB  . ASP A 1 29 ? 10.387  9.169   -4.748  1.00 5.53  ? 29  ASP A CB  1 
ATOM   165 C CG  . ASP A 1 29 ? 11.897  9.447   -4.819  1.00 7.16  ? 29  ASP A CG  1 
ATOM   166 O OD1 . ASP A 1 29 ? 12.411  9.862   -5.894  1.00 6.76  ? 29  ASP A OD1 1 
ATOM   167 O OD2 . ASP A 1 29 ? 12.517  9.267   -3.743  1.00 7.55  ? 29  ASP A OD2 1 
ATOM   168 N N   . GLY A 1 30 ? 7.705   8.263   -6.018  1.00 5.32  ? 30  GLY A N   1 
ATOM   169 C CA  . GLY A 1 30 ? 6.339   7.868   -5.720  1.00 5.10  ? 30  GLY A CA  1 
ATOM   170 C C   . GLY A 1 30 ? 6.125   7.540   -4.245  1.00 4.82  ? 30  GLY A C   1 
ATOM   171 O O   . GLY A 1 30 ? 6.991   6.975   -3.550  1.00 5.05  ? 30  GLY A O   1 
ATOM   172 N N   . GLY A 1 31 ? 4.895   7.779   -3.768  1.00 4.74  ? 31  GLY A N   1 
ATOM   173 C CA  . GLY A 1 31 ? 4.539   7.424   -2.405  1.00 4.87  ? 31  GLY A CA  1 
ATOM   174 C C   . GLY A 1 31 ? 4.296   5.932   -2.251  1.00 4.30  ? 31  GLY A C   1 
ATOM   175 O O   . GLY A 1 31 ? 3.932   5.238   -3.187  1.00 4.98  ? 31  GLY A O   1 
ATOM   176 N N   . HIS A 1 32 ? 4.499   5.439   -1.028  1.00 4.26  ? 32  HIS A N   1 
ATOM   177 C CA  . HIS A 1 32 ? 4.380   4.016   -0.729  1.00 4.19  ? 32  HIS A CA  1 
ATOM   178 C C   . HIS A 1 32 ? 2.904   3.684   -0.390  1.00 4.48  ? 32  HIS A C   1 
ATOM   179 O O   . HIS A 1 32 ? 2.220   4.478   0.270   1.00 5.36  ? 32  HIS A O   1 
ATOM   180 C CB  . HIS A 1 32 ? 5.256   3.655   0.473   1.00 4.62  ? 32  HIS A CB  1 
ATOM   181 C CG  . HIS A 1 32 ? 6.688   4.044   0.259   1.00 4.94  ? 32  HIS A CG  1 
ATOM   182 N ND1 . HIS A 1 32 ? 7.396   3.623   -0.848  1.00 5.74  ? 32  HIS A ND1 1 
ATOM   183 C CD2 . HIS A 1 32 ? 7.543   4.779   1.020   1.00 4.92  ? 32  HIS A CD2 1 
ATOM   184 C CE1 . HIS A 1 32 ? 8.619   4.123   -0.760  1.00 6.06  ? 32  HIS A CE1 1 
ATOM   185 N NE2 . HIS A 1 32 ? 8.742   4.816   0.357   1.00 5.27  ? 32  HIS A NE2 1 
ATOM   186 N N   . GLY A 1 33 ? 2.482   2.501   -0.832  1.00 4.38  ? 33  GLY A N   1 
ATOM   187 C CA  . GLY A 1 33 ? 1.121   2.089   -0.455  1.00 4.54  ? 33  GLY A CA  1 
ATOM   188 C C   . GLY A 1 33 ? 1.013   1.754   1.028   1.00 4.36  ? 33  GLY A C   1 
ATOM   189 O O   . GLY A 1 33 ? 2.009   1.398   1.699   1.00 4.90  ? 33  GLY A O   1 
ATOM   190 N N   . GLY A 1 34 ? -0.206  1.852   1.546   1.00 4.08  ? 34  GLY A N   1 
ATOM   191 C CA  . GLY A 1 34 ? -0.458  1.459   2.947   1.00 4.36  ? 34  GLY A CA  1 
ATOM   192 C C   . GLY A 1 34 ? -0.452  -0.031  3.129   1.00 3.90  ? 34  GLY A C   1 
ATOM   193 O O   . GLY A 1 34 ? -0.749  -0.807  2.211   1.00 4.31  ? 34  GLY A O   1 
ATOM   194 N N   . ASN A 1 35 ? -0.073  -0.464  4.319   1.00 4.41  ? 35  ASN A N   1 
ATOM   195 C CA  . ASN A 1 35 ? -0.152  -1.871  4.647   1.00 4.25  ? 35  ASN A CA  1 
ATOM   196 C C   . ASN A 1 35 ? -1.618  -2.261  4.846   1.00 5.14  ? 35  ASN A C   1 
ATOM   197 O O   . ASN A 1 35 ? -2.402  -1.434  5.349   1.00 6.32  ? 35  ASN A O   1 
ATOM   198 C CB  . ASN A 1 35 ? 0.608   -2.185  5.946   1.00 4.96  ? 35  ASN A CB  1 
ATOM   199 C CG  . ASN A 1 35 ? 2.084   -1.869  5.845   1.00 6.16  ? 35  ASN A CG  1 
ATOM   200 O OD1 . ASN A 1 35 ? 2.710   -1.970  4.786   1.00 5.33  ? 35  ASN A OD1 1 
ATOM   201 N ND2 . ASN A 1 35 ? 2.640   -1.416  6.950   1.00 12.91 ? 35  ASN A ND2 1 
ATOM   202 N N   . GLY A 1 36 ? -1.984  -3.476  4.434   1.00 4.23  ? 36  GLY A N   1 
ATOM   203 C CA  . GLY A 1 36 ? -3.340  -3.898  4.676   1.00 4.86  ? 36  GLY A CA  1 
ATOM   204 C C   . GLY A 1 36 ? -3.631  -4.170  6.150   1.00 4.40  ? 36  GLY A C   1 
ATOM   205 O O   . GLY A 1 36 ? -2.726  -4.435  6.980   1.00 4.55  ? 36  GLY A O   1 
ATOM   206 N N   . GLY A 1 37 ? -4.909  -4.081  6.535   1.00 4.28  ? 37  GLY A N   1 
ATOM   207 C CA  . GLY A 1 37 ? -5.300  -4.450  7.899   1.00 4.74  ? 37  GLY A CA  1 
ATOM   208 C C   . GLY A 1 37 ? -5.216  -5.932  8.133   1.00 3.78  ? 37  GLY A C   1 
ATOM   209 O O   . GLY A 1 37 ? -5.390  -6.743  7.237   1.00 4.34  ? 37  GLY A O   1 
ATOM   210 N N   . ASN A 1 38 ? -4.917  -6.289  9.387   1.00 4.47  ? 38  ASN A N   1 
ATOM   211 C CA  . ASN A 1 38 ? -4.888  -7.684  9.796   1.00 4.31  ? 38  ASN A CA  1 
ATOM   212 C C   . ASN A 1 38 ? -6.294  -8.189  10.126  1.00 5.05  ? 38  ASN A C   1 
ATOM   213 O O   . ASN A 1 38 ? -7.057  -7.478  10.838  1.00 5.54  ? 38  ASN A O   1 
ATOM   214 C CB  . ASN A 1 38 ? -3.976  -7.837  11.011  1.00 5.13  ? 38  ASN A CB  1 
ATOM   215 C CG  . ASN A 1 38 ? -2.574  -7.385  10.660  1.00 5.96  ? 38  ASN A CG  1 
ATOM   216 O OD1 . ASN A 1 38 ? -1.955  -7.965  9.813   1.00 6.34  ? 38  ASN A OD1 1 
ATOM   217 N ND2 . ASN A 1 38 ? -2.168  -6.227  11.168  1.00 11.38 ? 38  ASN A ND2 1 
ATOM   218 N N   . GLY A 1 39 ? -6.611  -9.381  9.664   1.00 4.74  ? 39  GLY A N   1 
ATOM   219 C CA  . GLY A 1 39 ? -7.907  -9.968  9.991   1.00 4.64  ? 39  GLY A CA  1 
ATOM   220 C C   . GLY A 1 39 ? -7.938  -10.485 11.430  1.00 5.82  ? 39  GLY A C   1 
ATOM   221 O O   . GLY A 1 39 ? -7.008  -11.142 11.912  1.00 6.24  ? 39  GLY A O   1 
ATOM   222 N N   . ASN A 1 40 ? -9.061  -10.229 12.099  1.00 6.20  ? 40  ASN A N   1 
ATOM   223 C CA  . ASN A 1 40 ? -9.335  -10.860 13.384  1.00 7.27  ? 40  ASN A CA  1 
ATOM   224 C C   . ASN A 1 40 ? -9.422  -12.376 13.125  1.00 7.27  ? 40  ASN A C   1 
ATOM   225 O O   . ASN A 1 40 ? -9.521  -12.852 11.974  1.00 6.68  ? 40  ASN A O   1 
ATOM   226 C CB  . ASN A 1 40 ? -10.674 -10.359 13.941  1.00 8.29  ? 40  ASN A CB  1 
ATOM   227 C CG  . ASN A 1 40 ? -10.719 -8.859  14.278  1.00 8.21  ? 40  ASN A CG  1 
ATOM   228 O OD1 . ASN A 1 40 ? -11.837 -8.284  14.394  1.00 11.54 ? 40  ASN A OD1 1 
ATOM   229 N ND2 . ASN A 1 40 ? -9.622  -8.236  14.530  1.00 8.96  ? 40  ASN A ND2 1 
ATOM   230 N N   . PRO A 1 41 ? -9.389  -13.205 14.187  1.00 8.65  ? 41  PRO A N   1 
ATOM   231 C CA  . PRO A 1 41 ? -9.508  -14.657 13.970  1.00 8.65  ? 41  PRO A CA  1 
ATOM   232 C C   . PRO A 1 41 ? -10.690 -15.031 13.070  1.00 9.75  ? 41  PRO A C   1 
ATOM   233 O O   . PRO A 1 41 ? -11.793 -14.530 13.250  1.00 11.10 ? 41  PRO A O   1 
ATOM   234 C CB  . PRO A 1 41 ? -9.644  -15.220 15.402  1.00 9.58  ? 41  PRO A CB  1 
ATOM   235 C CG  . PRO A 1 41 ? -8.850  -14.225 16.207  1.00 10.24 ? 41  PRO A CG  1 
ATOM   236 C CD  . PRO A 1 41 ? -9.177  -12.880 15.603  1.00 9.89  ? 41  PRO A CD  1 
ATOM   237 N N   . GLY A 1 42 ? -10.425 -15.839 12.064  1.00 8.80  ? 42  GLY A N   1 
ATOM   238 C CA  . GLY A 1 42 ? -11.455 -16.293 11.152  1.00 9.78  ? 42  GLY A CA  1 
ATOM   239 C C   . GLY A 1 42 ? -11.708 -15.364 9.993   1.00 9.53  ? 42  GLY A C   1 
ATOM   240 O O   . GLY A 1 42 ? -12.560 -15.645 9.164   1.00 11.39 ? 42  GLY A O   1 
ATOM   241 N N   . CYS A 1 43 ? -10.971 -14.262 9.895   1.00 7.74  ? 43  CYS A N   1 
ATOM   242 C CA  . CYS A 1 43 ? -11.291 -13.231 8.908   1.00 6.74  ? 43  CYS A CA  1 
ATOM   243 C C   . CYS A 1 43 ? -10.139 -12.969 7.949   1.00 6.02  ? 43  CYS A C   1 
ATOM   244 O O   . CYS A 1 43 ? -8.964  -13.093 8.335   1.00 5.82  ? 43  CYS A O   1 
ATOM   245 C CB  . CYS A 1 43 ? -11.648 -11.920 9.598   1.00 7.11  ? 43  CYS A CB  1 
ATOM   246 S SG  . CYS A 1 43 ? -12.780 -12.168 10.997  1.00 9.73  ? 43  CYS A SG  1 
ATOM   247 N N   . ALA A 1 44 ? -10.474 -12.541 6.734   1.00 6.30  ? 44  ALA A N   1 
ATOM   248 C CA  . ALA A 1 44 ? -9.466  -12.246 5.712   1.00 5.43  ? 44  ALA A CA  1 
ATOM   249 C C   . ALA A 1 44 ? -8.612  -11.029 6.150   1.00 5.03  ? 44  ALA A C   1 
ATOM   250 O O   . ALA A 1 44 ? -9.079  -10.101 6.806   1.00 5.65  ? 44  ALA A O   1 
ATOM   251 C CB  . ALA A 1 44 ? -10.132 -11.942 4.378   1.00 6.89  ? 44  ALA A CB  1 
ATOM   252 N N   . GLY A 1 45 ? -7.375  -11.009 5.647   1.00 4.69  ? 45  GLY A N   1 
ATOM   253 C CA  . GLY A 1 45 ? -6.512  -9.817  5.736   1.00 4.53  ? 45  GLY A CA  1 
ATOM   254 C C   . GLY A 1 45 ? -6.737  -8.899  4.524   1.00 4.66  ? 45  GLY A C   1 
ATOM   255 O O   . GLY A 1 45 ? -7.144  -9.336  3.442   1.00 5.42  ? 45  GLY A O   1 
ATOM   256 N N   . GLY A 1 46 ? -6.428  -7.618  4.709   1.00 4.45  ? 46  GLY A N   1 
ATOM   257 C CA  . GLY A 1 46 ? -6.554  -6.625  3.628   1.00 4.44  ? 46  GLY A CA  1 
ATOM   258 C C   . GLY A 1 46 ? -5.359  -6.635  2.683   1.00 4.18  ? 46  GLY A C   1 
ATOM   259 O O   . GLY A 1 46 ? -4.221  -6.876  3.080   1.00 4.56  ? 46  GLY A O   1 
ATOM   260 N N   . VAL A 1 47 ? -5.607  -6.265  1.434   1.00 4.28  ? 47  VAL A N   1 
ATOM   261 C CA  . VAL A 1 47 ? -4.511  -6.132  0.479   1.00 4.27  ? 47  VAL A CA  1 
ATOM   262 C C   . VAL A 1 47 ? -3.679  -4.873  0.834   1.00 4.43  ? 47  VAL A C   1 
ATOM   263 O O   . VAL A 1 47 ? -4.213  -3.868  1.341   1.00 4.63  ? 47  VAL A O   1 
ATOM   264 C CB  . VAL A 1 47 ? -5.031  -6.039  -0.966  1.00 5.04  ? 47  VAL A CB  1 
ATOM   265 C CG1 . VAL A 1 47 ? -5.822  -4.735  -1.206  1.00 6.38  ? 47  VAL A CG1 1 
ATOM   266 C CG2 . VAL A 1 47 ? -3.910  -6.144  -1.970  1.00 7.19  ? 47  VAL A CG2 1 
ATOM   267 N N   . GLY A 1 48 ? -2.372  -4.940  0.533   1.00 4.45  ? 48  GLY A N   1 
ATOM   268 C CA  . GLY A 1 48 ? -1.565  -3.720  0.602   1.00 4.40  ? 48  GLY A CA  1 
ATOM   269 C C   . GLY A 1 48 ? -1.896  -2.749  -0.565  1.00 4.48  ? 48  GLY A C   1 
ATOM   270 O O   . GLY A 1 48 ? -2.328  -3.192  -1.648  1.00 4.69  ? 48  GLY A O   1 
ATOM   271 N N   . GLY A 1 49 ? -1.740  -1.459  -0.303  1.00 4.10  ? 49  GLY A N   1 
ATOM   272 C CA  . GLY A 1 49 ? -1.935  -0.462  -1.376  1.00 4.29  ? 49  GLY A CA  1 
ATOM   273 C C   . GLY A 1 49 ? -0.831  -0.511  -2.407  1.00 4.03  ? 49  GLY A C   1 
ATOM   274 O O   . GLY A 1 49 ? 0.331   -0.789  -2.101  1.00 4.46  ? 49  GLY A O   1 
ATOM   275 N N   . ALA A 1 50 ? -1.159  -0.140  -3.642  1.00 4.17  ? 50  ALA A N   1 
ATOM   276 C CA  . ALA A 1 50 ? -0.140  -0.020  -4.686  1.00 4.55  ? 50  ALA A CA  1 
ATOM   277 C C   . ALA A 1 50 ? 0.728   1.212   -4.406  1.00 4.66  ? 50  ALA A C   1 
ATOM   278 O O   . ALA A 1 50 ? 0.284   2.212   -3.827  1.00 5.16  ? 50  ALA A O   1 
ATOM   279 C CB  . ALA A 1 50 ? -0.812  0.159   -6.075  1.00 5.51  ? 50  ALA A CB  1 
ATOM   280 N N   . GLY A 1 51 ? 1.957   1.127   -4.908  1.00 4.76  ? 51  GLY A N   1 
ATOM   281 C CA  . GLY A 1 51 ? 2.830   2.321   -4.880  1.00 4.75  ? 51  GLY A CA  1 
ATOM   282 C C   . GLY A 1 51 ? 2.472   3.351   -5.949  1.00 5.41  ? 51  GLY A C   1 
ATOM   283 O O   . GLY A 1 51 ? 1.910   3.011   -6.997  1.00 5.45  ? 51  GLY A O   1 
ATOM   284 N N   . GLY A 1 52 ? 2.798   4.610   -5.667  1.00 4.68  ? 52  GLY A N   1 
ATOM   285 C CA  . GLY A 1 52 ? 2.609   5.681   -6.650  1.00 5.03  ? 52  GLY A CA  1 
ATOM   286 C C   . GLY A 1 52 ? 3.757   5.742   -7.643  1.00 4.94  ? 52  GLY A C   1 
ATOM   287 O O   . GLY A 1 52 ? 4.891   5.259   -7.393  1.00 5.01  ? 52  GLY A O   1 
ATOM   288 N N   . ALA A 1 53 ? 3.490   6.334   -8.795  1.00 4.95  ? 53  ALA A N   1 
ATOM   289 C CA  . ALA A 1 53 ? 4.509   6.484   -9.827  1.00 5.14  ? 53  ALA A CA  1 
ATOM   290 C C   . ALA A 1 53 ? 5.471   7.605   -9.470  1.00 5.06  ? 53  ALA A C   1 
ATOM   291 O O   . ALA A 1 53 ? 5.132   8.578   -8.796  1.00 5.76  ? 53  ALA A O   1 
ATOM   292 C CB  . ALA A 1 53 ? 3.860   6.808   -11.156 1.00 6.00  ? 53  ALA A CB  1 
ATOM   293 N N   . SER A 1 54 ? 6.692   7.432   -10.013 1.00 6.03  ? 54  SER A N   1 
ATOM   294 C CA  . SER A 1 54 ? 7.728   8.475   -9.913  1.00 7.28  ? 54  SER A CA  1 
ATOM   295 C C   . SER A 1 54 ? 7.392   9.714   -10.755 1.00 5.87  ? 54  SER A C   1 
ATOM   296 O O   . SER A 1 54 ? 6.767   9.620   -11.796 1.00 8.13  ? 54  SER A O   1 
ATOM   297 C CB  . SER A 1 54 ? 9.061   7.858   -10.326 1.00 8.04  ? 54  SER A CB  1 
ATOM   298 O OG  A SER A 1 54 ? 9.479   8.291   -11.582 0.50 10.98 ? 54  SER A OG  1 
ATOM   299 O OG  B SER A 1 54 ? 10.125  8.763   -10.374 0.50 8.66  ? 54  SER A OG  1 
ATOM   300 N N   . GLY A 1 55 ? 7.837   10.864  -10.289 1.00 6.68  ? 55  GLY A N   1 
ATOM   301 C CA  . GLY A 1 55 ? 7.820   12.121  -11.053 1.00 8.53  ? 55  GLY A CA  1 
ATOM   302 C C   . GLY A 1 55 ? 9.158   12.413  -11.736 1.00 8.92  ? 55  GLY A C   1 
ATOM   303 O O   . GLY A 1 55 ? 9.661   13.538  -11.661 1.00 12.06 ? 55  GLY A O   1 
ATOM   304 N N   . GLY A 1 56 ? 9.712   11.420  -12.428 1.00 10.64 ? 56  GLY A N   1 
ATOM   305 C CA  . GLY A 1 56 ? 10.941  11.587  -13.211 1.00 11.58 ? 56  GLY A CA  1 
ATOM   306 C C   . GLY A 1 56 ? 12.226  11.326  -12.454 1.00 11.07 ? 56  GLY A C   1 
ATOM   307 O O   . GLY A 1 56 ? 13.310  11.670  -12.944 1.00 13.32 ? 56  GLY A O   1 
ATOM   308 N N   . THR A 1 57 ? 12.112  10.665  -11.296 1.00 10.12 ? 57  THR A N   1 
ATOM   309 C CA  . THR A 1 57 ? 13.280  10.392  -10.452 1.00 8.79  ? 57  THR A CA  1 
ATOM   310 C C   . THR A 1 57 ? 13.759  8.951   -10.606 1.00 8.33  ? 57  THR A C   1 
ATOM   311 O O   . THR A 1 57 ? 14.836  8.606   -10.121 1.00 9.01  ? 57  THR A O   1 
ATOM   312 C CB  . THR A 1 57 ? 12.967  10.607  -8.945  1.00 8.76  ? 57  THR A CB  1 
ATOM   313 O OG1 . THR A 1 57 ? 12.025  9.596   -8.545  1.00 7.93  ? 57  THR A OG1 1 
ATOM   314 C CG2 . THR A 1 57 ? 12.380  11.966  -8.670  1.00 10.33 ? 57  THR A CG2 1 
ATOM   315 N N   . GLY A 1 58 ? 12.954  8.071   -11.213 1.00 8.51  ? 58  GLY A N   1 
ATOM   316 C CA  . GLY A 1 58 ? 13.296  6.671   -11.323 1.00 8.55  ? 58  GLY A CA  1 
ATOM   317 C C   . GLY A 1 58 ? 13.002  5.850   -10.051 1.00 7.60  ? 58  GLY A C   1 
ATOM   318 O O   . GLY A 1 58 ? 13.381  4.682   -9.953  1.00 8.51  ? 58  GLY A O   1 
ATOM   319 N N   . VAL A 1 59 ? 12.291  6.471   -9.101  1.00 6.87  ? 59  VAL A N   1 
ATOM   320 C CA  . VAL A 1 59 ? 11.994  5.820   -7.837  1.00 6.31  ? 59  VAL A CA  1 
ATOM   321 C C   . VAL A 1 59 ? 10.458  5.820   -7.629  1.00 5.28  ? 59  VAL A C   1 
ATOM   322 O O   . VAL A 1 59 ? 9.864   6.818   -7.369  1.00 6.11  ? 59  VAL A O   1 
ATOM   323 C CB  . VAL A 1 59 ? 12.699  6.496   -6.653  1.00 6.94  ? 59  VAL A CB  1 
ATOM   324 C CG1 . VAL A 1 59 ? 12.580  5.605   -5.416  1.00 7.42  ? 59  VAL A CG1 1 
ATOM   325 C CG2 . VAL A 1 59 ? 14.158  6.802   -6.959  1.00 7.51  ? 59  VAL A CG2 1 
ATOM   326 N N   . GLY A 1 60 ? 9.882   4.640   -7.855  1.00 6.54  ? 60  GLY A N   1 
ATOM   327 C CA  . GLY A 1 60 ? 8.437   4.473   -7.603  1.00 6.90  ? 60  GLY A CA  1 
ATOM   328 C C   . GLY A 1 60 ? 8.205   4.123   -6.126  1.00 5.46  ? 60  GLY A C   1 
ATOM   329 O O   . GLY A 1 60 ? 9.122   3.793   -5.375  1.00 6.50  ? 60  GLY A O   1 
ATOM   330 N N   . GLY A 1 61 ? 6.950   4.161   -5.728  1.00 4.95  ? 61  GLY A N   1 
ATOM   331 C CA  . GLY A 1 61 ? 6.572   3.753   -4.386  1.00 4.93  ? 61  GLY A CA  1 
ATOM   332 C C   . GLY A 1 61 ? 6.627   2.266   -4.213  1.00 4.69  ? 61  GLY A C   1 
ATOM   333 O O   . GLY A 1 61 ? 6.385   1.476   -5.161  1.00 5.73  ? 61  GLY A O   1 
ATOM   334 N N   . ARG A 1 62 ? 6.894   1.839   -2.997  1.00 4.70  ? 62  ARG A N   1 
ATOM   335 C CA  . ARG A 1 62 ? 6.729   0.437   -2.621  1.00 5.06  ? 62  ARG A CA  1 
ATOM   336 C C   . ARG A 1 62 ? 5.241   0.095   -2.493  1.00 5.46  ? 62  ARG A C   1 
ATOM   337 O O   . ARG A 1 62 ? 4.421   0.961   -2.101  1.00 5.78  ? 62  ARG A O   1 
ATOM   338 C CB  . ARG A 1 62 ? 7.358   0.181   -1.245  1.00 5.35  ? 62  ARG A CB  1 
ATOM   339 C CG  . ARG A 1 62 ? 8.895   0.361   -1.230  1.00 6.06  ? 62  ARG A CG  1 
ATOM   340 C CD  . ARG A 1 62 ? 9.612   -0.664  -2.028  1.00 6.46  ? 62  ARG A CD  1 
ATOM   341 N NE  . ARG A 1 62 ? 11.033  -0.630  -1.698  1.00 7.46  ? 62  ARG A NE  1 
ATOM   342 C CZ  . ARG A 1 62 ? 11.894  -1.562  -2.059  1.00 7.26  ? 62  ARG A CZ  1 
ATOM   343 N NH1 . ARG A 1 62 ? 13.144  -1.515  -1.605  1.00 9.60  ? 62  ARG A NH1 1 
ATOM   344 N NH2 . ARG A 1 62 ? 11.547  -2.544  -2.877  1.00 7.95  ? 62  ARG A NH2 1 
ATOM   345 N N   . GLY A 1 63 ? 4.902   -1.150  -2.781  1.00 5.11  ? 63  GLY A N   1 
ATOM   346 C CA  . GLY A 1 63 ? 3.583   -1.627  -2.374  1.00 5.19  ? 63  GLY A CA  1 
ATOM   347 C C   . GLY A 1 63 ? 3.501   -1.804  -0.864  1.00 5.10  ? 63  GLY A C   1 
ATOM   348 O O   . GLY A 1 63 ? 4.515   -2.071  -0.177  1.00 6.11  ? 63  GLY A O   1 
ATOM   349 N N   . GLY A 1 64 ? 2.302   -1.681  -0.325  1.00 4.51  ? 64  GLY A N   1 
ATOM   350 C CA  . GLY A 1 64 ? 2.104   -2.012  1.081   1.00 4.47  ? 64  GLY A CA  1 
ATOM   351 C C   . GLY A 1 64 ? 2.193   -3.481  1.361   1.00 4.22  ? 64  GLY A C   1 
ATOM   352 O O   . GLY A 1 64 ? 2.007   -4.316  0.453   1.00 4.93  ? 64  GLY A O   1 
ATOM   353 N N   . LYS A 1 65 ? 2.486   -3.845  2.602   1.00 4.34  ? 65  LYS A N   1 
ATOM   354 C CA  . LYS A 1 65 ? 2.440   -5.261  2.992   1.00 4.54  ? 65  LYS A CA  1 
ATOM   355 C C   . LYS A 1 65 ? 0.990   -5.723  3.165   1.00 4.97  ? 65  LYS A C   1 
ATOM   356 O O   . LYS A 1 65 ? 0.192   -4.982  3.787   1.00 5.66  ? 65  LYS A O   1 
ATOM   357 C CB  . LYS A 1 65 ? 3.211   -5.472  4.309   1.00 5.19  ? 65  LYS A CB  1 
ATOM   358 C CG  . LYS A 1 65 ? 4.696   -5.032  4.242   1.00 6.29  ? 65  LYS A CG  1 
ATOM   359 C CD  . LYS A 1 65 ? 5.538   -5.610  3.105   1.00 6.63  ? 65  LYS A CD  1 
ATOM   360 C CE  . LYS A 1 65 ? 5.793   -6.980  3.270   1.00 6.62  ? 65  LYS A CE  1 
ATOM   361 N NZ  . LYS A 1 65 ? 6.502   -7.611  2.075   1.00 6.87  ? 65  LYS A NZ  1 
ATOM   362 N N   . GLY A 1 66 ? 0.663   -6.915  2.680   1.00 4.59  ? 66  GLY A N   1 
ATOM   363 C CA  . GLY A 1 66 ? -0.685  -7.396  2.948   1.00 4.98  ? 66  GLY A CA  1 
ATOM   364 C C   . GLY A 1 66 ? -0.927  -7.607  4.437   1.00 5.19  ? 66  GLY A C   1 
ATOM   365 O O   . GLY A 1 66 ? 0.021   -7.729  5.260   1.00 6.16  ? 66  GLY A O   1 
ATOM   366 N N   . GLY A 1 67 ? -2.194  -7.614  4.832   1.00 4.68  ? 67  GLY A N   1 
ATOM   367 C CA  . GLY A 1 67 ? -2.515  -7.971  6.214   1.00 4.62  ? 67  GLY A CA  1 
ATOM   368 C C   . GLY A 1 67 ? -2.500  -9.476  6.411   1.00 4.88  ? 67  GLY A C   1 
ATOM   369 O O   . GLY A 1 67 ? -2.817  -10.271 5.521   1.00 6.09  ? 67  GLY A O   1 
ATOM   370 N N   . SER A 1 68 ? -2.142  -9.891  7.629   1.00 4.65  ? 68  SER A N   1 
ATOM   371 C CA  . SER A 1 68 ? -2.344  -11.267 8.030   1.00 4.94  ? 68  SER A CA  1 
ATOM   372 C C   . SER A 1 68 ? -3.845  -11.595 8.081   1.00 4.46  ? 68  SER A C   1 
ATOM   373 O O   . SER A 1 68 ? -4.669  -10.692 8.203   1.00 5.08  ? 68  SER A O   1 
ATOM   374 C CB  . SER A 1 68 ? -1.690  -11.538 9.398   1.00 6.29  ? 68  SER A CB  1 
ATOM   375 O OG  A SER A 1 68 ? -2.274  -10.697 10.354  0.50 5.72  ? 68  SER A OG  1 
ATOM   376 O OG  B SER A 1 68 ? -0.300  -11.382 9.285   0.50 5.94  ? 68  SER A OG  1 
ATOM   377 N N   . GLY A 1 69 ? -4.151  -12.892 8.012   1.00 5.06  ? 69  GLY A N   1 
ATOM   378 C CA  . GLY A 1 69 ? -5.545  -13.295 8.138   1.00 5.37  ? 69  GLY A CA  1 
ATOM   379 C C   . GLY A 1 69 ? -5.753  -14.646 7.480   1.00 5.51  ? 69  GLY A C   1 
ATOM   380 O O   . GLY A 1 69 ? -4.820  -15.358 7.136   1.00 6.46  ? 69  GLY A O   1 
ATOM   381 N N   . THR A 1 70 ? -7.043  -14.970 7.310   1.00 6.09  ? 70  THR A N   1 
ATOM   382 C CA  . THR A 1 70 ? -7.498  -16.243 6.793   1.00 6.87  ? 70  THR A CA  1 
ATOM   383 C C   . THR A 1 70 ? -8.513  -15.956 5.674   1.00 6.46  ? 70  THR A C   1 
ATOM   384 O O   . THR A 1 70 ? -9.715  -15.815 5.963   1.00 8.93  ? 70  THR A O   1 
ATOM   385 C CB  . THR A 1 70 ? -8.208  -17.077 7.894   1.00 8.92  ? 70  THR A CB  1 
ATOM   386 O OG1 . THR A 1 70 ? -7.413  -17.042 9.095   1.00 11.87 ? 70  THR A OG1 1 
ATOM   387 C CG2 . THR A 1 70 ? -8.441  -18.473 7.402   1.00 10.95 ? 70  THR A CG2 1 
ATOM   388 N N   . PRO A 1 71 ? -8.059  -15.856 4.421   1.00 6.88  ? 71  PRO A N   1 
ATOM   389 C CA  . PRO A 1 71 ? -6.660  -15.902 3.980   1.00 6.31  ? 71  PRO A CA  1 
ATOM   390 C C   . PRO A 1 71 ? -6.021  -14.506 4.119   1.00 5.76  ? 71  PRO A C   1 
ATOM   391 O O   . PRO A 1 71 ? -6.674  -13.519 4.357   1.00 6.09  ? 71  PRO A O   1 
ATOM   392 C CB  . PRO A 1 71 ? -6.770  -16.322 2.533   1.00 8.16  ? 71  PRO A CB  1 
ATOM   393 C CG  . PRO A 1 71 ? -7.988  -15.656 2.104   1.00 8.80  ? 71  PRO A CG  1 
ATOM   394 C CD  . PRO A 1 71 ? -8.965  -15.655 3.275   1.00 8.44  ? 71  PRO A CD  1 
ATOM   395 N N   . LYS A 1 72 ? -4.704  -14.531 3.994   1.00 5.95  ? 72  LYS A N   1 
ATOM   396 C CA  . LYS A 1 72 ? -3.956  -13.287 4.092   1.00 5.82  ? 72  LYS A CA  1 
ATOM   397 C C   . LYS A 1 72 ? -4.228  -12.379 2.885   1.00 4.58  ? 72  LYS A C   1 
ATOM   398 O O   . LYS A 1 72 ? -4.604  -12.867 1.787   1.00 4.87  ? 72  LYS A O   1 
ATOM   399 C CB  . LYS A 1 72 ? -2.461  -13.553 4.273   1.00 7.35  ? 72  LYS A CB  1 
ATOM   400 C CG  . LYS A 1 72 ? -1.827  -14.171 3.164   1.00 9.42  ? 72  LYS A CG  1 
ATOM   401 C CD  . LYS A 1 72 ? -0.361  -14.591 3.468   1.00 9.51  ? 72  LYS A CD  1 
ATOM   402 C CE  . LYS A 1 72 ? -0.243  -15.442 4.718   1.00 9.38  ? 72  LYS A CE  1 
ATOM   403 N NZ  . LYS A 1 72 ? -0.568  -16.901 4.509   1.00 12.96 ? 72  LYS A NZ  1 
ATOM   404 N N   . GLY A 1 73 ? -4.009  -11.096 3.096   1.00 4.45  ? 73  GLY A N   1 
ATOM   405 C CA  . GLY A 1 73 ? -3.977  -10.152 1.999   1.00 4.78  ? 73  GLY A CA  1 
ATOM   406 C C   . GLY A 1 73 ? -2.697  -10.200 1.206   1.00 5.12  ? 73  GLY A C   1 
ATOM   407 O O   . GLY A 1 73 ? -1.637  -10.366 1.774   1.00 6.48  ? 73  GLY A O   1 
ATOM   408 N N   . ALA A 1 74 ? -2.763  -9.996  -0.105  1.00 5.87  ? 74  ALA A N   1 
ATOM   409 C CA  . ALA A 1 74 ? -1.540  -9.855  -0.930  1.00 5.91  ? 74  ALA A CA  1 
ATOM   410 C C   . ALA A 1 74 ? -0.885  -8.493  -0.661  1.00 5.64  ? 74  ALA A C   1 
ATOM   411 O O   . ALA A 1 74 ? -1.548  -7.542  -0.216  1.00 5.93  ? 74  ALA A O   1 
ATOM   412 C CB  . ALA A 1 74 ? -1.892  -9.959  -2.417  1.00 6.89  ? 74  ALA A CB  1 
ATOM   413 N N   . ASP A 1 75 ? 0.420   -8.406  -0.963  1.00 6.30  ? 75  ASP A N   1 
ATOM   414 C CA  . ASP A 1 75 ? 1.100   -7.108  -0.964  1.00 5.45  ? 75  ASP A CA  1 
ATOM   415 C C   . ASP A 1 75 ? 0.557   -6.246  -2.104  1.00 5.69  ? 75  ASP A C   1 
ATOM   416 O O   . ASP A 1 75 ? 0.031   -6.738  -3.111  1.00 5.73  ? 75  ASP A O   1 
ATOM   417 C CB  . ASP A 1 75 ? 2.641   -7.231  -1.141  1.00 5.91  ? 75  ASP A CB  1 
ATOM   418 C CG  . ASP A 1 75 ? 3.379   -7.822  0.079   1.00 7.35  ? 75  ASP A CG  1 
ATOM   419 O OD1 . ASP A 1 75 ? 2.786   -8.047  1.143   1.00 7.19  ? 75  ASP A OD1 1 
ATOM   420 O OD2 . ASP A 1 75 ? 4.598   -8.168  -0.074  1.00 9.18  ? 75  ASP A OD2 1 
ATOM   421 N N   . GLY A 1 76 ? 0.695   -4.951  -1.933  1.00 4.51  ? 76  GLY A N   1 
ATOM   422 C CA  . GLY A 1 76 ? 0.457   -4.047  -3.073  1.00 4.53  ? 76  GLY A CA  1 
ATOM   423 C C   . GLY A 1 76 ? 1.592   -4.194  -4.085  1.00 4.94  ? 76  GLY A C   1 
ATOM   424 O O   . GLY A 1 76 ? 2.723   -4.585  -3.755  1.00 5.30  ? 76  GLY A O   1 
ATOM   425 N N   . ALA A 1 77 ? 1.274   -3.852  -5.341  1.00 5.02  ? 77  ALA A N   1 
ATOM   426 C CA  . ALA A 1 77 ? 2.302   -3.816  -6.366  1.00 5.75  ? 77  ALA A CA  1 
ATOM   427 C C   . ALA A 1 77 ? 3.011   -2.465  -6.325  1.00 5.33  ? 77  ALA A C   1 
ATOM   428 O O   . ALA A 1 77 ? 2.410   -1.446  -6.001  1.00 6.46  ? 77  ALA A O   1 
ATOM   429 C CB  . ALA A 1 77 ? 1.738   -4.117  -7.738  1.00 8.25  ? 77  ALA A CB  1 
ATOM   430 N N   . PRO A 1 78 ? 4.341   -2.421  -6.603  1.00 5.95  ? 78  PRO A N   1 
ATOM   431 C CA  . PRO A 1 78 ? 5.061   -1.120  -6.558  1.00 6.38  ? 78  PRO A CA  1 
ATOM   432 C C   . PRO A 1 78 ? 4.595   -0.179  -7.647  1.00 6.91  ? 78  PRO A C   1 
ATOM   433 O O   . PRO A 1 78 ? 4.006   -0.604  -8.653  1.00 6.56  ? 78  PRO A O   1 
ATOM   434 C CB  . PRO A 1 78 ? 6.530   -1.486  -6.797  1.00 7.50  ? 78  PRO A CB  1 
ATOM   435 C CG  . PRO A 1 78 ? 6.452   -2.769  -7.407  1.00 7.68  ? 78  PRO A CG  1 
ATOM   436 C CD  . PRO A 1 78 ? 5.225   -3.501  -6.944  1.00 6.95  ? 78  PRO A CD  1 
ATOM   437 N N   . GLY A 1 79 ? 4.879   1.098   -7.443  1.00 7.06  ? 79  GLY A N   1 
ATOM   438 C CA  . GLY A 1 79 ? 4.573   2.093   -8.459  1.00 7.07  ? 79  GLY A CA  1 
ATOM   439 C C   . GLY A 1 79 ? 5.657   2.171   -9.511  1.00 7.04  ? 79  GLY A C   1 
ATOM   440 O O   . GLY A 1 79 ? 6.799   1.742   -9.288  1.00 8.38  ? 79  GLY A O   1 
ATOM   441 N N   . ALA A 1 80 ? 5.283   2.737   -10.657 1.00 6.19  ? 80  ALA A N   1 
ATOM   442 C CA  . ALA A 1 80 ? 6.139   2.849   -11.819 1.00 6.14  ? 80  ALA A CA  1 
ATOM   443 C C   . ALA A 1 80 ? 7.351   3.672   -11.472 1.00 6.30  ? 80  ALA A C   1 
ATOM   444 O O   . ALA A 1 80 ? 7.205   4.849   -11.099 1.00 7.54  ? 80  ALA A O   1 
ATOM   445 C CB  . ALA A 1 80 ? 5.399   3.514   -12.986 1.00 7.75  ? 80  ALA A CB  1 
ATOM   446 N N   . PRO A 1 81 ? 8.546   3.076   -11.615 1.00 6.72  ? 81  PRO A N   1 
ATOM   447 C CA  . PRO A 1 81 ? 9.764   3.863   -11.424 1.00 7.50  ? 81  PRO A CA  1 
ATOM   448 C C   . PRO A 1 81 ? 10.078  4.644   -12.684 1.00 9.48  ? 81  PRO A C   1 
ATOM   449 O O   . PRO A 1 81 ? 9.832   4.183   -13.809 1.00 9.75  ? 81  PRO A O   1 
ATOM   450 C CB  . PRO A 1 81 ? 10.799  2.809   -11.134 1.00 8.92  ? 81  PRO A CB  1 
ATOM   451 C CG  . PRO A 1 81 ? 10.342  1.617   -11.813 1.00 8.71  ? 81  PRO A CG  1 
ATOM   452 C CD  . PRO A 1 81 ? 8.827   1.670   -11.928 1.00 6.08  ? 81  PRO A CD  1 
ATOM   453 O OXT . PRO A 1 81 ? 10.524  5.805   -12.543 1.00 12.53 ? 81  PRO A OXT 1 
HETATM 454 O O   . HOH B 2 .  ? -0.130  -5.383  7.040   1.00 4.93  ? 82  HOH A O   1 
HETATM 455 O O   . HOH B 2 .  ? -1.460  -6.154  -5.404  1.00 6.01  ? 83  HOH A O   1 
HETATM 456 O O   . HOH B 2 .  ? 9.511   6.024   -3.511  1.00 6.40  ? 84  HOH A O   1 
HETATM 457 O O   . HOH B 2 .  ? -1.486  -3.453  -5.997  1.00 6.30  ? 85  HOH A O   1 
HETATM 458 O O   . HOH B 2 .  ? -3.931  -0.091  -4.324  1.00 6.26  ? 86  HOH A O   1 
HETATM 459 O O   . HOH B 2 .  ? -6.286  4.042   -2.630  1.00 7.18  ? 87  HOH A O   1 
HETATM 460 O O   . HOH B 2 .  ? -3.451  -2.778  -4.098  1.00 6.54  ? 88  HOH A O   1 
HETATM 461 O O   . HOH B 2 .  ? 7.851   7.012   3.971   1.00 7.19  ? 89  HOH A O   1 
HETATM 462 O O   . HOH B 2 .  ? -8.435  -5.997  0.773   1.00 7.08  ? 90  HOH A O   1 
HETATM 463 O O   . HOH B 2 .  ? 1.993   3.693   3.667   1.00 7.18  ? 91  HOH A O   1 
HETATM 464 O O   . HOH B 2 .  ? 11.490  7.297   -2.125  1.00 7.39  ? 92  HOH A O   1 
HETATM 465 O O   . HOH B 2 .  ? 4.222   -6.687  -4.503  1.00 7.56  ? 93  HOH A O   1 
HETATM 466 O O   . HOH B 2 .  ? -5.384  -9.497  -1.217  1.00 8.58  ? 94  HOH A O   1 
HETATM 467 O O   . HOH B 2 .  ? -5.754  0.418   -2.447  1.00 8.42  ? 95  HOH A O   1 
HETATM 468 O O   . HOH B 2 .  ? 0.041   10.098  4.238   1.00 7.86  ? 96  HOH A O   1 
HETATM 469 O O   . HOH B 2 .  ? 0.736   7.075   -9.217  1.00 8.24  ? 97  HOH A O   1 
HETATM 470 O O   . HOH B 2 .  ? 4.767   15.215  -3.966  1.00 8.76  ? 98  HOH A O   1 
HETATM 471 O O   . HOH B 2 .  ? 13.320  14.062  -5.143  1.00 8.78  ? 99  HOH A O   1 
HETATM 472 O O   . HOH B 2 .  ? -1.777  12.636  -1.091  1.00 8.33  ? 100 HOH A O   1 
HETATM 473 O O   . HOH B 2 .  ? -6.613  2.405   3.809   1.00 8.48  ? 101 HOH A O   1 
HETATM 474 O O   . HOH B 2 .  ? 6.927   -3.063  -3.369  1.00 8.08  ? 102 HOH A O   1 
HETATM 475 O O   . HOH B 2 .  ? -7.145  -7.797  13.649  1.00 8.25  ? 103 HOH A O   1 
HETATM 476 O O   . HOH B 2 .  ? 5.696   -0.944  -10.713 1.00 8.63  ? 104 HOH A O   1 
HETATM 477 O O   . HOH B 2 .  ? 7.192   9.723   3.724   1.00 8.70  ? 105 HOH A O   1 
HETATM 478 O O   . HOH B 2 .  ? 9.300   -2.503  -4.829  1.00 8.41  ? 106 HOH A O   1 
HETATM 479 O O   . HOH B 2 .  ? 3.699   0.345   3.572   1.00 8.39  ? 107 HOH A O   1 
HETATM 480 O O   . HOH B 2 .  ? 0.963   13.481  -4.821  1.00 8.99  ? 108 HOH A O   1 
HETATM 481 O O   . HOH B 2 .  ? 8.580   -5.523  1.187   1.00 13.36 ? 109 HOH A O   1 
HETATM 482 O O   . HOH B 2 .  ? 2.106   15.822  -5.599  1.00 9.15  ? 110 HOH A O   1 
HETATM 483 O O   . HOH B 2 .  ? -1.704  12.946  -5.092  1.00 9.85  ? 111 HOH A O   1 
HETATM 484 O O   . HOH B 2 .  ? -1.825  10.290  -6.344  1.00 8.51  ? 112 HOH A O   1 
HETATM 485 O O   . HOH B 2 .  ? 4.818   14.540  -11.302 1.00 8.89  ? 113 HOH A O   1 
HETATM 486 O O   . HOH B 2 .  ? 5.655   -0.266  1.662   1.00 9.63  ? 114 HOH A O   1 
HETATM 487 O O   . HOH B 2 .  ? -1.298  -2.288  -8.490  1.00 9.95  ? 115 HOH A O   1 
HETATM 488 O O   . HOH B 2 .  ? -0.912  7.191   -7.114  1.00 9.95  ? 116 HOH A O   1 
HETATM 489 O O   . HOH B 2 .  ? -6.215  2.038   9.879   1.00 10.63 ? 117 HOH A O   1 
HETATM 490 O O   . HOH B 2 .  ? -4.397  -11.818 11.583  1.00 10.83 ? 118 HOH A O   1 
HETATM 491 O O   . HOH B 2 .  ? 1.869   13.785  -2.257  1.00 11.22 ? 119 HOH A O   1 
HETATM 492 O O   . HOH B 2 .  ? -5.791  -11.939 -0.539  1.00 10.38 ? 120 HOH A O   1 
HETATM 493 O O   . HOH B 2 .  ? -5.177  4.049   8.549   1.00 11.11 ? 121 HOH A O   1 
HETATM 494 O O   . HOH B 2 .  ? 14.026  16.792  -7.862  1.00 10.47 ? 122 HOH A O   1 
HETATM 495 O O   . HOH B 2 .  ? -10.292 -6.367  2.729   1.00 12.31 ? 123 HOH A O   1 
HETATM 496 O O   . HOH B 2 .  ? 3.082   -9.943  3.080   1.00 11.39 ? 124 HOH A O   1 
HETATM 497 O O   . HOH B 2 .  ? 6.692   14.619  -13.433 1.00 12.55 ? 125 HOH A O   1 
HETATM 498 O O   . HOH B 2 .  ? 4.008   4.607   5.058   1.00 11.57 ? 126 HOH A O   1 
HETATM 499 O O   . HOH B 2 .  ? -2.616  -1.962  8.877   1.00 11.89 ? 127 HOH A O   1 
HETATM 500 O O   . HOH B 2 .  ? 13.058  11.353  -1.618  1.00 11.85 ? 128 HOH A O   1 
HETATM 501 O O   . HOH B 2 .  ? 0.912   -13.347 7.305   1.00 14.04 ? 129 HOH A O   1 
HETATM 502 O O   . HOH B 2 .  ? -4.420  7.627   2.228   1.00 12.00 ? 130 HOH A O   1 
HETATM 503 O O   . HOH B 2 .  ? 14.408  11.625  -5.738  1.00 12.72 ? 131 HOH A O   1 
HETATM 504 O O   . HOH B 2 .  ? -13.056 -18.247 8.351   1.00 12.59 ? 132 HOH A O   1 
HETATM 505 O O   . HOH B 2 .  ? -0.045  14.726  -0.704  1.00 13.14 ? 133 HOH A O   1 
HETATM 506 O O   . HOH B 2 .  ? -9.061  2.519   13.321  1.00 14.12 ? 134 HOH A O   1 
HETATM 507 O O   . HOH B 2 .  ? 9.032   0.191   -5.627  1.00 14.00 ? 135 HOH A O   1 
HETATM 508 O O   . HOH B 2 .  ? -10.909 -2.717  1.939   1.00 13.90 ? 136 HOH A O   1 
HETATM 509 O O   . HOH B 2 .  ? 2.143   -9.265  5.456   1.00 14.13 ? 137 HOH A O   1 
HETATM 510 O O   . HOH B 2 .  ? 15.189  8.893   -3.375  1.00 13.13 ? 138 HOH A O   1 
HETATM 511 O O   . HOH B 2 .  ? 7.814   5.112   -15.562 1.00 14.36 ? 139 HOH A O   1 
HETATM 512 O O   . HOH B 2 .  ? -2.111  -5.578  14.531  1.00 13.94 ? 140 HOH A O   1 
HETATM 513 O O   . HOH B 2 .  ? -3.467  -14.367 11.034  1.00 13.48 ? 141 HOH A O   1 
HETATM 514 O O   . HOH B 2 .  ? 9.117   0.605   -8.313  1.00 14.45 ? 142 HOH A O   1 
HETATM 515 O O   . HOH B 2 .  ? -1.388  8.262   -0.738  1.00 14.23 ? 143 HOH A O   1 
HETATM 516 O O   . HOH B 2 .  ? 11.344  2.093   -7.701  1.00 13.60 ? 144 HOH A O   1 
HETATM 517 O O   . HOH B 2 .  ? -3.520  -17.097 3.760   1.00 16.21 ? 145 HOH A O   1 
HETATM 518 O O   . HOH B 2 .  ? -16.350 -5.859  8.182   1.00 15.22 ? 146 HOH A O   1 
HETATM 519 O O   . HOH B 2 .  ? -13.850 -4.540  8.169   1.00 14.59 ? 147 HOH A O   1 
HETATM 520 O O   . HOH B 2 .  ? -1.660  -3.160  13.575  1.00 15.94 ? 148 HOH A O   1 
HETATM 521 O O   . HOH B 2 .  ? -9.275  0.783   1.895   1.00 16.26 ? 149 HOH A O   1 
HETATM 522 O O   . HOH B 2 .  ? 10.170  19.213  -6.556  1.00 15.45 ? 150 HOH A O   1 
HETATM 523 O O   . HOH B 2 .  ? 0.119   -15.349 7.078   1.00 16.60 ? 151 HOH A O   1 
HETATM 524 O O   . HOH B 2 .  ? -9.703  -8.106  17.320  1.00 16.40 ? 152 HOH A O   1 
HETATM 525 O O   . HOH B 2 .  ? -9.175  0.591   4.219   1.00 16.23 ? 153 HOH A O   1 
HETATM 526 O O   . HOH B 2 .  ? -7.486  -11.583 2.048   1.00 14.31 ? 154 HOH A O   1 
HETATM 527 O O   . HOH B 2 .  ? 1.845   -10.862 -1.935  1.00 15.71 ? 155 HOH A O   1 
HETATM 528 O O   . HOH B 2 .  ? -7.620  -14.660 10.588  1.00 16.06 ? 156 HOH A O   1 
HETATM 529 O O   . HOH B 2 .  ? -4.892  6.386   -2.445  1.00 15.48 ? 157 HOH A O   1 
HETATM 530 O O   . HOH B 2 .  ? -1.924  -14.811 8.147   1.00 14.35 ? 158 HOH A O   1 
HETATM 531 O O   . HOH B 2 .  ? 10.922  2.033   -4.276  1.00 15.81 ? 159 HOH A O   1 
HETATM 532 O O   . HOH B 2 .  ? 16.708  9.994   -9.027  1.00 17.62 ? 160 HOH A O   1 
HETATM 533 O O   . HOH B 2 .  ? 6.847   18.701  -7.098  1.00 16.55 ? 161 HOH A O   1 
HETATM 534 O O   . HOH B 2 .  ? -14.411 -14.209 13.318  1.00 16.32 ? 162 HOH A O   1 
HETATM 535 O O   . HOH B 2 .  ? -14.179 -5.031  11.031  1.00 15.80 ? 163 HOH A O   1 
HETATM 536 O O   . HOH B 2 .  ? -15.846 -11.796 13.640  1.00 16.64 ? 164 HOH A O   1 
HETATM 537 O O   . HOH B 2 .  ? 11.522  7.619   -14.063 1.00 15.20 ? 165 HOH A O   1 
HETATM 538 O O   . HOH B 2 .  ? 5.788   21.456  -11.445 1.00 16.46 ? 166 HOH A O   1 
HETATM 539 O O   . HOH B 2 .  ? 13.809  2.439   -8.519  1.00 17.21 ? 167 HOH A O   1 
HETATM 540 O O   . HOH B 2 .  ? -12.724 -1.073  3.030   1.00 18.03 ? 168 HOH A O   1 
HETATM 541 O O   . HOH B 2 .  ? 15.789  12.494  -8.082  1.00 18.77 ? 169 HOH A O   1 
HETATM 542 O O   . HOH B 2 .  ? -8.043  -10.437 0.940   1.00 20.83 ? 170 HOH A O   1 
HETATM 543 O O   . HOH B 2 .  ? 6.893   -3.151  0.758   1.00 20.24 ? 171 HOH A O   1 
HETATM 544 O O   . HOH B 2 .  ? -10.373 -21.326 7.345   1.00 18.39 ? 172 HOH A O   1 
HETATM 545 O O   . HOH B 2 .  ? -12.278 -3.138  13.006  1.00 18.56 ? 173 HOH A O   1 
HETATM 546 O O   . HOH B 2 .  ? 14.765  3.437   -12.013 1.00 20.29 ? 174 HOH A O   1 
HETATM 547 O O   . HOH B 2 .  ? 5.322   -10.653 0.703   1.00 21.37 ? 175 HOH A O   1 
HETATM 548 O O   . HOH B 2 .  ? -10.716 -20.270 4.732   1.00 21.96 ? 176 HOH A O   1 
HETATM 549 O O   . HOH B 2 .  ? -11.571 -17.986 5.913   1.00 21.19 ? 177 HOH A O   1 
HETATM 550 O O   . HOH B 2 .  ? -10.453 -1.833  14.469  1.00 20.63 ? 178 HOH A O   1 
HETATM 551 O O   . HOH B 2 .  ? -12.096 -14.954 4.763   1.00 22.10 ? 179 HOH A O   1 
HETATM 552 O O   . HOH B 2 .  ? -8.283  -17.638 11.906  1.00 24.63 ? 180 HOH A O   1 
HETATM 553 O O   . HOH B 2 .  ? -11.626 -13.988 1.979   1.00 21.88 ? 181 HOH A O   1 
HETATM 554 O O   . HOH B 2 .  ? 5.092   18.136  -5.099  1.00 21.58 ? 182 HOH A O   1 
HETATM 555 O O   . HOH B 2 .  ? -4.538  -7.027  15.135  1.00 22.38 ? 183 HOH A O   1 
HETATM 556 O O   . HOH B 2 .  ? 6.157   11.858  -14.546 1.00 22.73 ? 184 HOH A O   1 
HETATM 557 O O   . HOH B 2 .  ? -12.748 -0.471  12.678  1.00 24.94 ? 185 HOH A O   1 
HETATM 558 O O   . HOH B 2 .  ? 0.457   -12.213 1.924   1.00 22.84 ? 186 HOH A O   1 
HETATM 559 O O   . HOH B 2 .  ? -5.309  -18.578 8.884   1.00 26.21 ? 187 HOH A O   1 
HETATM 560 O O   . HOH B 2 .  ? -13.830 -0.247  5.576   1.00 24.60 ? 188 HOH A O   1 
HETATM 561 O O   . HOH B 2 .  ? -14.785 -2.609  6.652   1.00 26.24 ? 189 HOH A O   1 
HETATM 562 O O   . HOH B 2 .  ? -17.547 -11.402 11.538  1.00 25.28 ? 190 HOH A O   1 
HETATM 563 O O   . HOH B 2 .  ? -4.913  -18.504 5.665   1.00 25.30 ? 191 HOH A O   1 
HETATM 564 O O   . HOH B 2 .  ? -2.245  -3.644  10.562  1.00 29.45 ? 192 HOH A O   1 
HETATM 565 O O   . HOH B 2 .  ? -11.127 -9.063  2.407   1.00 27.38 ? 193 HOH A O   1 
HETATM 566 O O   . HOH B 2 .  ? -8.651  -19.629 10.706  1.00 29.04 ? 194 HOH A O   1 
# 
loop_
_atom_site_anisotrop.id 
_atom_site_anisotrop.type_symbol 
_atom_site_anisotrop.pdbx_label_atom_id 
_atom_site_anisotrop.pdbx_label_alt_id 
_atom_site_anisotrop.pdbx_label_comp_id 
_atom_site_anisotrop.pdbx_label_asym_id 
_atom_site_anisotrop.pdbx_label_seq_id 
_atom_site_anisotrop.pdbx_PDB_ins_code 
_atom_site_anisotrop.U[1][1] 
_atom_site_anisotrop.U[2][2] 
_atom_site_anisotrop.U[3][3] 
_atom_site_anisotrop.U[1][2] 
_atom_site_anisotrop.U[1][3] 
_atom_site_anisotrop.U[2][3] 
_atom_site_anisotrop.pdbx_auth_seq_id 
_atom_site_anisotrop.pdbx_auth_comp_id 
_atom_site_anisotrop.pdbx_auth_asym_id 
_atom_site_anisotrop.pdbx_auth_atom_id 
1   N N   . CYS A 1  ? 0.1140 0.0938 0.1370 -0.0117 -0.0012 -0.0012 1   CYS A N   
2   C CA  . CYS A 1  ? 0.1211 0.0714 0.1199 -0.0043 -0.0019 -0.0002 1   CYS A CA  
3   C C   . CYS A 1  ? 0.0987 0.0421 0.1177 0.0042  -0.0071 -0.0031 1   CYS A C   
4   O O   . CYS A 1  ? 0.1036 0.0551 0.1149 0.0058  -0.0023 -0.0030 1   CYS A O   
5   C CB  . CYS A 1  ? 0.1363 0.0732 0.1304 -0.0199 -0.0010 -0.0122 1   CYS A CB  
6   S SG  . CYS A 1  ? 0.1648 0.0483 0.1513 -0.0069 0.0152  -0.0061 1   CYS A SG  
7   N N   . LYS A 2  ? 0.1091 0.0260 0.0989 0.0050  -0.0028 -0.0055 2   LYS A N   
8   C CA  . LYS A 2  ? 0.0864 0.0309 0.0940 0.0168  0.0052  -0.0067 2   LYS A CA  
9   C C   . LYS A 2  ? 0.0931 0.0343 0.1060 0.0239  0.0106  -0.0027 2   LYS A C   
10  O O   . LYS A 2  ? 0.1044 0.0400 0.1247 0.0290  0.0095  -0.0164 2   LYS A O   
11  C CB  . LYS A 2  ? 0.0933 0.0287 0.0953 0.0145  0.0058  -0.0031 2   LYS A CB  
12  C CG  . LYS A 2  ? 0.0863 0.0333 0.0864 0.0164  0.0108  -0.0115 2   LYS A CG  
13  C CD  . LYS A 2  ? 0.0956 0.0297 0.1023 0.0153  -0.0022 -0.0096 2   LYS A CD  
14  C CE  . LYS A 2  ? 0.0719 0.0604 0.0944 0.0200  0.0025  0.0031  2   LYS A CE  
15  N NZ  . LYS A 2  ? 0.0954 0.0512 0.0837 0.0276  0.0061  -0.0047 2   LYS A NZ  
16  N N   . GLY A 3  ? 0.0944 0.0394 0.0908 0.0244  0.0113  0.0014  3   GLY A N   
17  C CA  . GLY A 3  ? 0.0867 0.0450 0.1028 0.0249  0.0091  -0.0082 3   GLY A CA  
18  C C   . GLY A 3  ? 0.0829 0.0282 0.0936 0.0114  0.0101  -0.0045 3   GLY A C   
19  O O   . GLY A 3  ? 0.0834 0.0360 0.1141 0.0248  0.0121  0.0050  3   GLY A O   
20  N N   . ALA A 4  ? 0.0884 0.0380 0.1037 0.0281  0.0041  0.0000  4   ALA A N   
21  C CA  . ALA A 4  ? 0.0934 0.0415 0.1062 0.0318  0.0098  -0.0059 4   ALA A CA  
22  C C   . ALA A 4  ? 0.0831 0.0386 0.1057 0.0271  0.0095  -0.0023 4   ALA A C   
23  O O   . ALA A 4  ? 0.1181 0.0330 0.1002 0.0256  0.0003  -0.0011 4   ALA A O   
24  C CB  . ALA A 4  ? 0.1222 0.0374 0.1336 0.0331  0.0194  -0.0025 4   ALA A CB  
25  N N   . ASP A 5  ? 0.0911 0.0297 0.1051 0.0168  -0.0081 -0.0037 5   ASP A N   
26  C CA  . ASP A 5  ? 0.0736 0.0334 0.0794 0.0187  -0.0025 -0.0074 5   ASP A CA  
27  C C   . ASP A 5  ? 0.0926 0.0361 0.0762 0.0234  0.0010  -0.0113 5   ASP A C   
28  O O   . ASP A 5  ? 0.0866 0.0332 0.0998 0.0140  0.0029  -0.0179 5   ASP A O   
29  C CB  . ASP A 5  ? 0.0880 0.0300 0.0926 0.0170  -0.0017 -0.0024 5   ASP A CB  
30  C CG  . ASP A 5  ? 0.0831 0.0306 0.1068 0.0120  0.0006  -0.0151 5   ASP A CG  
31  O OD1 . ASP A 5  ? 0.0677 0.0307 0.0946 0.0089  0.0016  -0.0154 5   ASP A OD1 
32  O OD2 . ASP A 5  ? 0.0923 0.0771 0.0944 0.0202  -0.0030 -0.0158 5   ASP A OD2 
33  N N   . GLY A 6  ? 0.0901 0.0360 0.0775 0.0150  0.0078  -0.0174 6   GLY A N   
34  C CA  . GLY A 6  ? 0.0823 0.0352 0.0766 0.0159  0.0048  -0.0153 6   GLY A CA  
35  C C   . GLY A 6  ? 0.0717 0.0349 0.0658 0.0150  0.0020  -0.0132 6   GLY A C   
36  O O   . GLY A 6  ? 0.0797 0.0374 0.0688 0.0184  0.0013  -0.0156 6   GLY A O   
37  N N   . ALA A 7  ? 0.0768 0.0341 0.0649 0.0141  0.0024  -0.0132 7   ALA A N   
38  C CA  . ALA A 7  ? 0.0714 0.0381 0.0666 0.0161  0.0047  -0.0153 7   ALA A CA  
39  C C   . ALA A 7  ? 0.0718 0.0388 0.0581 0.0160  0.0090  -0.0127 7   ALA A C   
40  O O   . ALA A 7  ? 0.1143 0.0329 0.0665 0.0098  -0.0043 -0.0168 7   ALA A O   
41  C CB  . ALA A 7  ? 0.0838 0.0596 0.0869 0.0413  0.0165  -0.0053 7   ALA A CB  
42  N N   . HIS A 8  ? 0.0954 0.0335 0.0648 0.0177  0.0101  -0.0093 8   HIS A N   
43  C CA  . HIS A 8  ? 0.1098 0.0359 0.0632 0.0246  0.0079  -0.0090 8   HIS A CA  
44  C C   . HIS A 8  ? 0.1133 0.0344 0.0755 0.0234  0.0184  -0.0067 8   HIS A C   
45  O O   . HIS A 8  ? 0.1213 0.0362 0.1136 0.0227  0.0311  -0.0134 8   HIS A O   
46  C CB  . HIS A 8  ? 0.1111 0.0417 0.0767 0.0315  0.0086  -0.0123 8   HIS A CB  
47  C CG  . HIS A 8  ? 0.1437 0.0414 0.0570 0.0327  -0.0075 -0.0169 8   HIS A CG  
48  N ND1 . HIS A 8  ? 0.1294 0.0593 0.0830 0.0082  0.0144  -0.0420 8   HIS A ND1 
49  C CD2 . HIS A 8  ? 0.1321 0.0675 0.0964 0.0362  -0.0057 -0.0309 8   HIS A CD2 
50  C CE1 . HIS A 8  ? 0.1599 0.0974 0.1097 -0.0077 0.0072  -0.0471 8   HIS A CE1 
51  N NE2 . HIS A 8  ? 0.1443 0.0606 0.1112 0.0112  -0.0105 -0.0445 8   HIS A NE2 
52  N N   . GLY A 9  ? 0.1056 0.0381 0.0737 0.0253  0.0144  -0.0104 9   GLY A N   
53  C CA  . GLY A 9  ? 0.1067 0.0390 0.0738 0.0276  0.0105  -0.0107 9   GLY A CA  
54  C C   . GLY A 9  ? 0.0972 0.0301 0.0833 0.0132  0.0076  -0.0103 9   GLY A C   
55  O O   . GLY A 9  ? 0.1316 0.0549 0.0914 -0.0025 0.0167  -0.0277 9   GLY A O   
56  N N   . VAL A 10 ? 0.1103 0.0383 0.0779 0.0220  0.0133  -0.0157 10  VAL A N   
57  C CA  . VAL A 10 ? 0.1064 0.0596 0.0787 0.0324  0.0172  -0.0209 10  VAL A CA  
58  C C   . VAL A 10 ? 0.0788 0.0543 0.0732 0.0336  0.0095  -0.0133 10  VAL A C   
59  O O   . VAL A 10 ? 0.1051 0.0620 0.0771 0.0192  0.0070  -0.0075 10  VAL A O   
60  C CB  . VAL A 10 ? 0.1148 0.0686 0.1041 0.0524  0.0228  -0.0171 10  VAL A CB  
61  C CG1 . VAL A 10 ? 0.1577 0.1494 0.1732 0.0175  0.0093  -0.0221 10  VAL A CG1 
62  C CG2 . VAL A 10 ? 0.1342 0.0925 0.1225 0.0365  0.0343  -0.0248 10  VAL A CG2 
63  N N   . ASN A 11 ? 0.0890 0.0548 0.0678 0.0242  0.0094  -0.0254 11  ASN A N   
64  C CA  . ASN A 11 ? 0.0863 0.0589 0.0655 0.0288  0.0013  -0.0182 11  ASN A CA  
65  C C   . ASN A 11 ? 0.1050 0.0514 0.0668 0.0413  0.0135  -0.0066 11  ASN A C   
66  O O   . ASN A 11 ? 0.1073 0.0681 0.1053 0.0277  0.0237  -0.0262 11  ASN A O   
67  C CB  . ASN A 11 ? 0.1045 0.0561 0.0690 0.0369  0.0013  -0.0228 11  ASN A CB  
68  C CG  . ASN A 11 ? 0.1073 0.0757 0.0780 0.0357  -0.0113 -0.0472 11  ASN A CG  
69  O OD1 . ASN A 11 ? 0.0966 0.0861 0.0948 0.0301  -0.0067 -0.0604 11  ASN A OD1 
70  N ND2 . ASN A 11 ? 0.1154 0.0973 0.1088 0.0372  -0.0153 -0.0606 11  ASN A ND2 
71  N N   . GLY A 12 ? 0.0930 0.0514 0.0878 0.0277  0.0153  -0.0084 12  GLY A N   
72  C CA  . GLY A 12 ? 0.0977 0.0754 0.0915 0.0257  0.0126  0.0032  12  GLY A CA  
73  C C   . GLY A 12 ? 0.1025 0.0486 0.0916 0.0223  0.0071  -0.0073 12  GLY A C   
74  O O   . GLY A 12 ? 0.0937 0.0464 0.1026 0.0340  0.0052  -0.0055 12  GLY A O   
75  N N   . CYS A 13 ? 0.0869 0.0719 0.1102 0.0253  0.0159  -0.0051 13  CYS A N   
76  C CA  . CYS A 13 ? 0.1030 0.0796 0.1160 0.0108  0.0131  -0.0077 13  CYS A CA  
77  C C   . CYS A 13 ? 0.0978 0.1048 0.1244 0.0167  -0.0068 -0.0102 13  CYS A C   
78  O O   . CYS A 13 ? 0.0970 0.1454 0.1423 0.0098  -0.0019 -0.0147 13  CYS A O   
79  C CB  . CYS A 13 ? 0.1054 0.1324 0.1147 0.0318  0.0228  0.0082  13  CYS A CB  
80  S SG  . CYS A 13 ? 0.1237 0.1076 0.1799 0.0130  0.0275  0.0012  13  CYS A SG  
81  N N   . PRO A 14 ? 0.0851 0.0909 0.1057 0.0030  -0.0048 -0.0056 14  PRO A N   
82  C CA  . PRO A 14 ? 0.0864 0.0610 0.0929 0.0133  0.0032  -0.0169 14  PRO A CA  
83  C C   . PRO A 14 ? 0.0930 0.0429 0.0812 0.0168  0.0003  -0.0170 14  PRO A C   
84  O O   . PRO A 14 ? 0.0815 0.0498 0.0947 0.0227  0.0043  -0.0137 14  PRO A O   
85  C CB  . PRO A 14 ? 0.1129 0.0829 0.0927 -0.0024 -0.0017 -0.0135 14  PRO A CB  
86  C CG  . PRO A 14 ? 0.1137 0.0952 0.0972 0.0037  0.0006  -0.0149 14  PRO A CG  
87  C CD  . PRO A 14 ? 0.1047 0.1150 0.1165 0.0159  -0.0041 -0.0077 14  PRO A CD  
88  N N   . GLY A 15 ? 0.0720 0.0599 0.0781 0.0167  0.0001  -0.0082 15  GLY A N   
89  C CA  . GLY A 15 ? 0.0853 0.0490 0.0704 0.0158  -0.0020 -0.0119 15  GLY A CA  
90  C C   . GLY A 15 ? 0.0734 0.0760 0.0690 0.0207  0.0031  -0.0022 15  GLY A C   
91  O O   . GLY A 15 ? 0.1087 0.0939 0.0667 0.0027  -0.0020 -0.0099 15  GLY A O   
92  N N   . THR A 16 ? 0.0764 0.0934 0.0661 0.0109  -0.0037 0.0035  16  THR A N   
93  C CA  . THR A 16 ? 0.0907 0.0727 0.0816 0.0197  -0.0045 0.0121  16  THR A CA  
94  C C   . THR A 16 ? 0.0693 0.0384 0.0693 0.0211  0.0028  -0.0101 16  THR A C   
95  O O   . THR A 16 ? 0.0627 0.0375 0.0638 0.0181  -0.0014 -0.0105 16  THR A O   
96  C CB  . THR A 16 ? 0.0885 0.1066 0.0892 0.0229  0.0071  0.0119  16  THR A CB  
97  O OG1 . THR A 16 ? 0.1358 0.0911 0.0918 0.0784  0.0162  0.0000  16  THR A OG1 
98  C CG2 . THR A 16 ? 0.1139 0.1922 0.1342 0.0126  0.0053  0.0247  16  THR A CG2 
99  N N   . ALA A 17 ? 0.0676 0.0409 0.0692 0.0229  -0.0004 -0.0120 17  ALA A N   
100 C CA  . ALA A 17 ? 0.0689 0.0305 0.0571 0.0096  0.0043  -0.0089 17  ALA A CA  
101 C C   . ALA A 17 ? 0.0750 0.0299 0.0655 0.0144  0.0020  -0.0037 17  ALA A C   
102 O O   . ALA A 17 ? 0.0669 0.0338 0.0723 0.0180  0.0043  -0.0040 17  ALA A O   
103 C CB  . ALA A 17 ? 0.0864 0.0469 0.0649 0.0218  0.0056  -0.0080 17  ALA A CB  
104 N N   . GLY A 18 ? 0.0735 0.0303 0.0647 0.0125  0.0027  -0.0074 18  GLY A N   
105 C CA  . GLY A 18 ? 0.0669 0.0320 0.0762 0.0083  0.0029  -0.0154 18  GLY A CA  
106 C C   . GLY A 18 ? 0.0759 0.0390 0.0591 0.0205  0.0095  -0.0092 18  GLY A C   
107 O O   . GLY A 18 ? 0.0993 0.0507 0.0600 0.0052  0.0019  -0.0137 18  GLY A O   
108 N N   . ALA A 19 ? 0.0734 0.0337 0.0503 0.0184  -0.0038 -0.0071 19  ALA A N   
109 C CA  . ALA A 19 ? 0.0748 0.0389 0.0674 0.0259  -0.0020 -0.0023 19  ALA A CA  
110 C C   . ALA A 19 ? 0.0667 0.0345 0.0569 0.0154  -0.0010 -0.0107 19  ALA A C   
111 O O   . ALA A 19 ? 0.0701 0.0335 0.0661 0.0176  -0.0041 -0.0088 19  ALA A O   
112 C CB  . ALA A 19 ? 0.0847 0.0426 0.0761 0.0319  0.0054  -0.0003 19  ALA A CB  
113 N N   . ALA A 20 ? 0.0686 0.0367 0.0697 0.0184  -0.0005 -0.0128 20  ALA A N   
114 C CA  . ALA A 20 ? 0.0581 0.0340 0.0648 0.0148  0.0037  -0.0074 20  ALA A CA  
115 C C   . ALA A 20 ? 0.0650 0.0306 0.0721 0.0138  0.0057  -0.0025 20  ALA A C   
116 O O   . ALA A 20 ? 0.0707 0.0363 0.0873 0.0198  0.0077  -0.0084 20  ALA A O   
117 C CB  . ALA A 20 ? 0.0726 0.0567 0.0667 0.0153  0.0067  -0.0069 20  ALA A CB  
118 N N   . GLY A 21 ? 0.0667 0.0308 0.0809 0.0132  0.0082  -0.0056 21  GLY A N   
119 C CA  . GLY A 21 ? 0.0749 0.0297 0.0918 0.0135  0.0035  -0.0061 21  GLY A CA  
120 C C   . GLY A 21 ? 0.1031 0.0329 0.0871 0.0222  0.0081  -0.0063 21  GLY A C   
121 O O   . GLY A 21 ? 0.1388 0.0415 0.0851 0.0116  0.0070  -0.0019 21  GLY A O   
122 N N   . SER A 22 ? 0.0925 0.0306 0.0971 0.0161  0.0013  -0.0097 22  SER A N   
123 C CA  . SER A 22 ? 0.0871 0.0312 0.1049 0.0187  0.0071  -0.0025 22  SER A CA  
124 C C   . SER A 22 ? 0.0941 0.0311 0.1022 0.0197  -0.0066 -0.0043 22  SER A C   
125 O O   . SER A 22 ? 0.0825 0.0409 0.1126 0.0296  -0.0120 -0.0022 22  SER A O   
126 C CB  . SER A 22 ? 0.1188 0.0373 0.1138 0.0334  0.0119  0.0027  22  SER A CB  
127 O OG  . SER A 22 ? 0.1886 0.0665 0.1672 0.0401  0.0378  0.0001  22  SER A OG  
128 N N   . VAL A 23 ? 0.0748 0.0340 0.1084 0.0206  -0.0086 -0.0007 23  VAL A N   
129 C CA  . VAL A 23 ? 0.0760 0.0349 0.1001 0.0220  -0.0101 -0.0071 23  VAL A CA  
130 C C   . VAL A 23 ? 0.0734 0.0286 0.0931 0.0122  0.0012  -0.0027 23  VAL A C   
131 O O   . VAL A 23 ? 0.0711 0.0369 0.1095 0.0178  0.0082  -0.0164 23  VAL A O   
132 C CB  . VAL A 23 ? 0.0944 0.0487 0.1029 0.0190  -0.0114 0.0130  23  VAL A CB  
133 C CG1 . VAL A 23 ? 0.0983 0.0480 0.1134 0.0288  -0.0042 0.0084  23  VAL A CG1 
134 C CG2 . VAL A 23 ? 0.0899 0.0437 0.1099 0.0331  -0.0071 -0.0146 23  VAL A CG2 
135 N N   . GLY A 24 ? 0.0858 0.0346 0.0897 0.0233  0.0036  -0.0021 24  GLY A N   
136 C CA  . GLY A 24 ? 0.0791 0.0296 0.1011 0.0149  -0.0020 -0.0024 24  GLY A CA  
137 C C   . GLY A 24 ? 0.0805 0.0429 0.1248 0.0239  0.0005  0.0026  24  GLY A C   
138 O O   . GLY A 24 ? 0.1038 0.0800 0.1161 0.0032  -0.0064 0.0146  24  GLY A O   
139 N N   . GLY A 25 ? 0.1046 0.0370 0.1362 0.0304  0.0024  0.0014  25  GLY A N   
140 C CA  . GLY A 25 ? 0.1178 0.0377 0.1431 0.0282  -0.0087 0.0088  25  GLY A CA  
141 C C   . GLY A 25 ? 0.1028 0.0493 0.1316 0.0092  -0.0094 0.0217  25  GLY A C   
142 O O   . GLY A 25 ? 0.0940 0.0658 0.1422 0.0110  -0.0081 0.0342  25  GLY A O   
143 N N   . PRO A 26 ? 0.1098 0.0754 0.1481 0.0029  -0.0211 0.0284  26  PRO A N   
144 C CA  . PRO A 26 ? 0.1085 0.0920 0.1375 0.0039  -0.0166 0.0328  26  PRO A CA  
145 C C   . PRO A 26 ? 0.1190 0.0868 0.1271 0.0168  -0.0040 0.0360  26  PRO A C   
146 O O   . PRO A 26 ? 0.1157 0.0919 0.1682 0.0034  -0.0077 0.0268  26  PRO A O   
147 C CB  . PRO A 26 ? 0.1227 0.1165 0.1467 0.0106  -0.0135 0.0330  26  PRO A CB  
148 C CG  . PRO A 26 ? 0.1296 0.1079 0.1469 0.0182  -0.0164 0.0274  26  PRO A CG  
149 C CD  . PRO A 26 ? 0.1158 0.0749 0.1544 0.0112  -0.0198 0.0240  26  PRO A CD  
150 N N   . GLY A 27 ? 0.0967 0.0896 0.1187 -0.0028 -0.0007 0.0219  27  GLY A N   
151 C CA  . GLY A 27 ? 0.0932 0.0722 0.1182 0.0106  0.0011  0.0252  27  GLY A CA  
152 C C   . GLY A 27 ? 0.0935 0.0701 0.1139 0.0044  -0.0046 0.0213  27  GLY A C   
153 O O   . GLY A 27 ? 0.0920 0.0581 0.1193 -0.0019 -0.0036 0.0181  27  GLY A O   
154 N N   . CYS A 28 ? 0.0872 0.0415 0.1074 0.0132  -0.0068 0.0191  28  CYS A N   
155 C CA  . CYS A 28 ? 0.0892 0.0442 0.1042 0.0171  -0.0016 0.0081  28  CYS A CA  
156 C C   . CYS A 28 ? 0.0827 0.0309 0.1032 0.0174  0.0013  0.0053  28  CYS A C   
157 O O   . CYS A 28 ? 0.1073 0.0345 0.0992 0.0136  -0.0120 0.0015  28  CYS A O   
158 C CB  . CYS A 28 ? 0.0938 0.0488 0.1180 0.0033  0.0118  0.0056  28  CYS A CB  
159 S SG  . CYS A 28 ? 0.1713 0.0322 0.1660 0.0299  0.0144  -0.0068 28  CYS A SG  
160 N N   . ASP A 29 ? 0.0754 0.0285 0.0895 0.0116  0.0023  -0.0050 29  ASP A N   
161 C CA  . ASP A 29 ? 0.0727 0.0332 0.0874 0.0191  0.0002  0.0024  29  ASP A CA  
162 C C   . ASP A 29 ? 0.0870 0.0358 0.0761 0.0230  0.0057  -0.0075 29  ASP A C   
163 O O   . ASP A 29 ? 0.0780 0.0316 0.0824 0.0154  0.0058  -0.0087 29  ASP A O   
164 C CB  . ASP A 29 ? 0.0842 0.0275 0.0984 0.0111  0.0082  0.0020  29  ASP A CB  
165 C CG  . ASP A 29 ? 0.1095 0.0526 0.1100 0.0033  -0.0001 -0.0007 29  ASP A CG  
166 O OD1 . ASP A 29 ? 0.0793 0.0470 0.1302 0.0090  0.0110  -0.0011 29  ASP A OD1 
167 O OD2 . ASP A 29 ? 0.0881 0.0685 0.1304 0.0069  -0.0054 0.0185  29  ASP A OD2 
168 N N   . GLY A 30 ? 0.0881 0.0323 0.0816 0.0197  0.0073  -0.0045 30  GLY A N   
169 C CA  . GLY A 30 ? 0.0754 0.0292 0.0889 0.0136  0.0008  -0.0035 30  GLY A CA  
170 C C   . GLY A 30 ? 0.0639 0.0325 0.0865 0.0162  -0.0007 -0.0046 30  GLY A C   
171 O O   . GLY A 30 ? 0.0723 0.0385 0.0810 0.0246  0.0052  -0.0005 30  GLY A O   
172 N N   . GLY A 31 ? 0.0687 0.0306 0.0806 0.0151  0.0020  0.0014  31  GLY A N   
173 C CA  . GLY A 31 ? 0.0693 0.0336 0.0820 0.0190  -0.0019 -0.0034 31  GLY A CA  
174 C C   . GLY A 31 ? 0.0562 0.0310 0.0759 0.0128  -0.0042 -0.0055 31  GLY A C   
175 O O   . GLY A 31 ? 0.0806 0.0298 0.0786 0.0152  -0.0034 -0.0050 31  GLY A O   
176 N N   . HIS A 32 ? 0.0568 0.0299 0.0752 0.0088  0.0015  -0.0099 32  HIS A N   
177 C CA  . HIS A 32 ? 0.0630 0.0308 0.0653 0.0135  -0.0061 -0.0069 32  HIS A CA  
178 C C   . HIS A 32 ? 0.0710 0.0344 0.0647 0.0184  -0.0040 -0.0096 32  HIS A C   
179 O O   . HIS A 32 ? 0.0681 0.0383 0.0971 0.0138  0.0064  -0.0226 32  HIS A O   
180 C CB  . HIS A 32 ? 0.0804 0.0296 0.0652 0.0147  -0.0017 -0.0042 32  HIS A CB  
181 C CG  . HIS A 32 ? 0.0833 0.0328 0.0715 0.0207  -0.0005 -0.0010 32  HIS A CG  
182 N ND1 . HIS A 32 ? 0.0901 0.0378 0.0899 0.0224  0.0073  -0.0149 32  HIS A ND1 
183 C CD2 . HIS A 32 ? 0.0709 0.0376 0.0784 0.0236  -0.0016 -0.0021 32  HIS A CD2 
184 C CE1 . HIS A 32 ? 0.0947 0.0342 0.1012 0.0224  -0.0031 -0.0120 32  HIS A CE1 
185 N NE2 . HIS A 32 ? 0.0676 0.0323 0.1000 0.0169  0.0138  0.0090  32  HIS A NE2 
186 N N   . GLY A 33 ? 0.0682 0.0366 0.0615 0.0156  0.0072  -0.0113 33  GLY A N   
187 C CA  . GLY A 33 ? 0.0714 0.0352 0.0656 0.0147  -0.0046 -0.0159 33  GLY A CA  
188 C C   . GLY A 33 ? 0.0737 0.0333 0.0584 0.0177  0.0001  -0.0070 33  GLY A C   
189 O O   . GLY A 33 ? 0.0757 0.0461 0.0641 0.0219  -0.0028 -0.0020 33  GLY A O   
190 N N   . GLY A 34 ? 0.0642 0.0333 0.0573 0.0143  0.0015  -0.0088 34  GLY A N   
191 C CA  . GLY A 34 ? 0.0752 0.0328 0.0575 0.0147  0.0021  -0.0095 34  GLY A CA  
192 C C   . GLY A 34 ? 0.0534 0.0364 0.0583 0.0055  0.0062  -0.0166 34  GLY A C   
193 O O   . GLY A 34 ? 0.0800 0.0313 0.0522 0.0100  -0.0035 -0.0111 34  GLY A O   
194 N N   . ASN A 35 ? 0.0797 0.0312 0.0566 0.0094  0.0092  -0.0097 35  ASN A N   
195 C CA  . ASN A 35 ? 0.0725 0.0332 0.0555 0.0150  -0.0018 -0.0103 35  ASN A CA  
196 C C   . ASN A 35 ? 0.0886 0.0380 0.0686 0.0245  0.0002  -0.0117 35  ASN A C   
197 O O   . ASN A 35 ? 0.0787 0.0379 0.1234 0.0149  0.0186  -0.0226 35  ASN A O   
198 C CB  . ASN A 35 ? 0.0916 0.0358 0.0608 0.0180  -0.0004 -0.0142 35  ASN A CB  
199 C CG  . ASN A 35 ? 0.1102 0.0556 0.0680 0.0128  0.0043  -0.0341 35  ASN A CG  
200 O OD1 . ASN A 35 ? 0.0860 0.0403 0.0759 0.0125  0.0031  -0.0245 35  ASN A OD1 
201 N ND2 . ASN A 35 ? 0.1426 0.2501 0.0976 -0.0620 -0.0030 -0.0424 35  ASN A ND2 
202 N N   . GLY A 36 ? 0.0728 0.0329 0.0551 0.0134  0.0109  -0.0071 36  GLY A N   
203 C CA  . GLY A 36 ? 0.0834 0.0347 0.0666 0.0208  -0.0014 -0.0091 36  GLY A CA  
204 C C   . GLY A 36 ? 0.0670 0.0344 0.0657 0.0165  0.0022  -0.0091 36  GLY A C   
205 O O   . GLY A 36 ? 0.0577 0.0483 0.0670 0.0253  0.0047  -0.0075 36  GLY A O   
206 N N   . GLY A 37 ? 0.0649 0.0381 0.0593 0.0217  0.0024  -0.0039 37  GLY A N   
207 C CA  . GLY A 37 ? 0.0726 0.0452 0.0623 0.0192  0.0004  -0.0209 37  GLY A CA  
208 C C   . GLY A 37 ? 0.0481 0.0337 0.0617 0.0083  0.0059  -0.0115 37  GLY A C   
209 O O   . GLY A 37 ? 0.0764 0.0362 0.0521 0.0100  -0.0071 -0.0165 37  GLY A O   
210 N N   . ASN A 38 ? 0.0744 0.0404 0.0547 0.0141  0.0054  -0.0163 38  ASN A N   
211 C CA  . ASN A 38 ? 0.0746 0.0382 0.0510 0.0197  -0.0040 -0.0129 38  ASN A CA  
212 C C   . ASN A 38 ? 0.0919 0.0416 0.0585 0.0301  -0.0007 -0.0095 38  ASN A C   
213 O O   . ASN A 38 ? 0.0921 0.0414 0.0767 0.0260  0.0112  -0.0127 38  ASN A O   
214 C CB  . ASN A 38 ? 0.0819 0.0585 0.0543 0.0106  0.0008  -0.0135 38  ASN A CB  
215 C CG  . ASN A 38 ? 0.0864 0.0808 0.0589 0.0218  -0.0150 -0.0278 38  ASN A CG  
216 O OD1 . ASN A 38 ? 0.0724 0.0647 0.1039 0.0207  0.0008  -0.0446 38  ASN A OD1 
217 N ND2 . ASN A 38 ? 0.1594 0.1569 0.1161 -0.0225 0.0106  -0.0553 38  ASN A ND2 
218 N N   . GLY A 39 ? 0.0804 0.0398 0.0598 0.0219  0.0081  -0.0107 39  GLY A N   
219 C CA  . GLY A 39 ? 0.0740 0.0393 0.0629 0.0225  0.0028  -0.0103 39  GLY A CA  
220 C C   . GLY A 39 ? 0.0872 0.0512 0.0826 0.0281  0.0050  -0.0003 39  GLY A C   
221 O O   . GLY A 39 ? 0.0874 0.0587 0.0908 0.0245  0.0028  0.0142  39  GLY A O   
222 N N   . ASN A 40 ? 0.0982 0.0551 0.0821 0.0398  0.0106  0.0071  40  ASN A N   
223 C CA  . ASN A 40 ? 0.0990 0.0796 0.0973 0.0312  0.0101  0.0094  40  ASN A CA  
224 C C   . ASN A 40 ? 0.1033 0.0697 0.1031 0.0248  0.0111  0.0175  40  ASN A C   
225 O O   . ASN A 40 ? 0.0877 0.0611 0.1048 0.0045  0.0119  0.0208  40  ASN A O   
226 C CB  . ASN A 40 ? 0.1203 0.0852 0.1094 0.0314  0.0218  0.0191  40  ASN A CB  
227 C CG  . ASN A 40 ? 0.1213 0.0800 0.1105 0.0595  0.0195  0.0188  40  ASN A CG  
228 O OD1 . ASN A 40 ? 0.1765 0.1051 0.1566 0.0484  0.0379  0.0012  40  ASN A OD1 
229 N ND2 . ASN A 40 ? 0.1120 0.1027 0.1257 0.0405  0.0347  -0.0061 40  ASN A ND2 
230 N N   . PRO A 41 ? 0.1415 0.0764 0.1106 0.0213  0.0069  0.0152  41  PRO A N   
231 C CA  . PRO A 41 ? 0.1329 0.0772 0.1185 0.0206  0.0135  0.0217  41  PRO A CA  
232 C C   . PRO A 41 ? 0.1421 0.0953 0.1330 0.0090  0.0132  0.0388  41  PRO A C   
233 O O   . PRO A 41 ? 0.1436 0.1065 0.1716 0.0060  0.0176  0.0441  41  PRO A O   
234 C CB  . PRO A 41 ? 0.1585 0.0852 0.1201 0.0246  0.0137  0.0185  41  PRO A CB  
235 C CG  . PRO A 41 ? 0.1703 0.0943 0.1244 0.0198  0.0128  0.0168  41  PRO A CG  
236 C CD  . PRO A 41 ? 0.1684 0.0956 0.1118 0.0094  0.0147  0.0052  41  PRO A CD  
237 N N   . GLY A 42 ? 0.1214 0.0833 0.1295 -0.0082 0.0042  0.0302  42  GLY A N   
238 C CA  . GLY A 42 ? 0.1295 0.1033 0.1387 -0.0044 -0.0028 0.0292  42  GLY A CA  
239 C C   . GLY A 42 ? 0.1308 0.0921 0.1387 -0.0090 -0.0103 0.0179  42  GLY A C   
240 O O   . GLY A 42 ? 0.1502 0.1062 0.1764 -0.0241 -0.0279 0.0327  42  GLY A O   
241 N N   . CYS A 43 ? 0.1069 0.0740 0.1132 0.0020  -0.0014 0.0274  43  CYS A N   
242 C CA  . CYS A 43 ? 0.0939 0.0582 0.1038 0.0120  -0.0022 0.0083  43  CYS A CA  
243 C C   . CYS A 43 ? 0.0938 0.0432 0.0917 0.0135  -0.0022 -0.0026 43  CYS A C   
244 O O   . CYS A 43 ? 0.0887 0.0544 0.0777 0.0272  -0.0040 -0.0119 43  CYS A O   
245 C CB  . CYS A 43 ? 0.0827 0.0877 0.0994 0.0033  0.0139  0.0238  43  CYS A CB  
246 S SG  . CYS A 43 ? 0.1313 0.1008 0.1376 0.0294  0.0438  0.0292  43  CYS A SG  
247 N N   . ALA A 44 ? 0.0957 0.0537 0.0899 -0.0004 -0.0079 -0.0102 44  ALA A N   
248 C CA  . ALA A 44 ? 0.0889 0.0407 0.0766 0.0119  -0.0112 -0.0097 44  ALA A CA  
249 C C   . ALA A 44 ? 0.0892 0.0296 0.0721 0.0149  -0.0091 -0.0078 44  ALA A C   
250 O O   . ALA A 44 ? 0.0818 0.0446 0.0881 0.0151  0.0056  -0.0113 44  ALA A O   
251 C CB  . ALA A 44 ? 0.1128 0.0611 0.0878 -0.0010 -0.0182 -0.0165 44  ALA A CB  
252 N N   . GLY A 45 ? 0.0767 0.0311 0.0703 0.0155  0.0066  -0.0051 45  GLY A N   
253 C CA  . GLY A 45 ? 0.0858 0.0299 0.0564 0.0062  -0.0067 -0.0115 45  GLY A CA  
254 C C   . GLY A 45 ? 0.0843 0.0317 0.0611 0.0170  -0.0101 -0.0099 45  GLY A C   
255 O O   . GLY A 45 ? 0.1122 0.0300 0.0636 0.0092  -0.0124 -0.0096 45  GLY A O   
256 N N   . GLY A 46 ? 0.0871 0.0337 0.0482 0.0181  -0.0119 -0.0114 46  GLY A N   
257 C CA  . GLY A 46 ? 0.0786 0.0312 0.0588 0.0132  -0.0019 -0.0099 46  GLY A CA  
258 C C   . GLY A 46 ? 0.0659 0.0341 0.0589 0.0125  -0.0024 -0.0135 46  GLY A C   
259 O O   . GLY A 46 ? 0.0871 0.0320 0.0540 0.0144  0.0007  -0.0096 46  GLY A O   
260 N N   . VAL A 47 ? 0.0706 0.0337 0.0581 0.0158  -0.0007 -0.0101 47  VAL A N   
261 C CA  . VAL A 47 ? 0.0744 0.0301 0.0575 0.0102  0.0047  -0.0083 47  VAL A CA  
262 C C   . VAL A 47 ? 0.0840 0.0303 0.0540 0.0149  0.0020  -0.0054 47  VAL A C   
263 O O   . VAL A 47 ? 0.0650 0.0310 0.0797 0.0095  0.0141  -0.0094 47  VAL A O   
264 C CB  . VAL A 47 ? 0.0949 0.0441 0.0522 0.0030  0.0039  -0.0178 47  VAL A CB  
265 C CG1 . VAL A 47 ? 0.0950 0.0776 0.0697 0.0279  -0.0126 -0.0078 47  VAL A CG1 
266 C CG2 . VAL A 47 ? 0.1255 0.0359 0.1117 0.0253  0.0122  -0.0156 47  VAL A CG2 
267 N N   . GLY A 48 ? 0.0735 0.0298 0.0655 0.0133  0.0123  -0.0019 48  GLY A N   
268 C CA  . GLY A 48 ? 0.0754 0.0329 0.0588 0.0152  0.0035  -0.0088 48  GLY A CA  
269 C C   . GLY A 48 ? 0.0785 0.0345 0.0572 0.0197  0.0017  -0.0070 48  GLY A C   
270 O O   . GLY A 48 ? 0.0891 0.0353 0.0538 0.0189  0.0023  -0.0105 48  GLY A O   
271 N N   . GLY A 49 ? 0.0734 0.0345 0.0476 0.0199  -0.0008 -0.0049 49  GLY A N   
272 C CA  . GLY A 49 ? 0.0801 0.0286 0.0544 0.0100  -0.0018 -0.0067 49  GLY A CA  
273 C C   . GLY A 49 ? 0.0622 0.0382 0.0527 0.0159  -0.0010 -0.0131 49  GLY A C   
274 O O   . GLY A 49 ? 0.0851 0.0292 0.0552 0.0125  0.0008  -0.0059 49  GLY A O   
275 N N   . ALA A 50 ? 0.0638 0.0288 0.0654 0.0093  0.0018  -0.0068 50  ALA A N   
276 C CA  . ALA A 50 ? 0.0813 0.0298 0.0617 0.0137  -0.0021 -0.0070 50  ALA A CA  
277 C C   . ALA A 50 ? 0.0736 0.0297 0.0737 0.0110  0.0082  -0.0075 50  ALA A C   
278 O O   . ALA A 50 ? 0.0693 0.0310 0.0957 0.0077  0.0174  -0.0134 50  ALA A O   
279 C CB  . ALA A 50 ? 0.1125 0.0381 0.0587 0.0094  0.0002  -0.0111 50  ALA A CB  
280 N N   . GLY A 51 ? 0.0778 0.0283 0.0747 0.0121  0.0109  -0.0003 51  GLY A N   
281 C CA  . GLY A 51 ? 0.0688 0.0290 0.0827 0.0099  0.0065  -0.0073 51  GLY A CA  
282 C C   . GLY A 51 ? 0.0861 0.0326 0.0866 0.0209  0.0004  -0.0017 51  GLY A C   
283 O O   . GLY A 51 ? 0.0809 0.0302 0.0955 0.0159  -0.0005 -0.0054 51  GLY A O   
284 N N   . GLY A 52 ? 0.0702 0.0290 0.0787 0.0123  0.0001  -0.0029 52  GLY A N   
285 C CA  . GLY A 52 ? 0.0810 0.0292 0.0806 0.0147  -0.0032 -0.0019 52  GLY A CA  
286 C C   . GLY A 52 ? 0.0786 0.0361 0.0728 0.0227  -0.0040 -0.0093 52  GLY A C   
287 O O   . GLY A 52 ? 0.0783 0.0342 0.0777 0.0212  0.0090  -0.0010 52  GLY A O   
288 N N   . ALA A 53 ? 0.0825 0.0313 0.0742 0.0170  -0.0045 -0.0078 53  ALA A N   
289 C CA  . ALA A 53 ? 0.0841 0.0314 0.0795 0.0155  0.0018  -0.0100 53  ALA A CA  
290 C C   . ALA A 53 ? 0.0850 0.0298 0.0774 0.0150  0.0041  -0.0048 53  ALA A C   
291 O O   . ALA A 53 ? 0.0909 0.0315 0.0963 0.0157  0.0036  -0.0123 53  ALA A O   
292 C CB  . ALA A 53 ? 0.1111 0.0392 0.0772 0.0318  0.0056  -0.0084 53  ALA A CB  
293 N N   . SER A 54 ? 0.1089 0.0303 0.0899 0.0115  0.0118  -0.0129 54  SER A N   
294 C CA  . SER A 54 ? 0.1235 0.0556 0.0974 0.0178  0.0054  -0.0125 54  SER A CA  
295 C C   . SER A 54 ? 0.1029 0.0370 0.0832 0.0219  0.0113  -0.0145 54  SER A C   
296 O O   . SER A 54 ? 0.1481 0.0551 0.1056 0.0121  -0.0074 -0.0066 54  SER A O   
297 C CB  . SER A 54 ? 0.1143 0.0788 0.1121 0.0175  0.0040  -0.0038 54  SER A CB  
298 O OG  A SER A 54 ? 0.1742 0.1095 0.1334 0.0523  0.0146  0.0023  54  SER A OG  
299 O OG  B SER A 54 ? 0.1116 0.0815 0.1361 0.0185  -0.0076 -0.0063 54  SER A OG  
300 N N   . GLY A 55 ? 0.1132 0.0391 0.1013 0.0181  0.0046  -0.0088 55  GLY A N   
301 C CA  . GLY A 55 ? 0.1325 0.0599 0.1314 0.0123  -0.0069 0.0037  55  GLY A CA  
302 C C   . GLY A 55 ? 0.1289 0.0860 0.1238 -0.0074 -0.0114 0.0241  55  GLY A C   
303 O O   . GLY A 55 ? 0.1715 0.1179 0.1686 -0.0223 -0.0086 0.0219  55  GLY A O   
304 N N   . GLY A 56 ? 0.1372 0.1238 0.1430 -0.0011 0.0029  0.0265  56  GLY A N   
305 C CA  . GLY A 56 ? 0.1407 0.1603 0.1388 -0.0033 0.0048  0.0310  56  GLY A CA  
306 C C   . GLY A 56 ? 0.1277 0.1533 0.1393 -0.0078 0.0045  0.0365  56  GLY A C   
307 O O   . GLY A 56 ? 0.1462 0.1981 0.1618 -0.0233 0.0157  0.0585  56  GLY A O   
308 N N   . THR A 57 ? 0.1267 0.1248 0.1329 -0.0013 0.0076  0.0343  57  THR A N   
309 C CA  . THR A 57 ? 0.1008 0.1075 0.1253 0.0098  0.0191  0.0165  57  THR A CA  
310 C C   . THR A 57 ? 0.1079 0.1001 0.1084 0.0072  0.0248  0.0113  57  THR A C   
311 O O   . THR A 57 ? 0.1171 0.1017 0.1235 0.0272  0.0245  0.0070  57  THR A O   
312 C CB  . THR A 57 ? 0.1293 0.0802 0.1230 0.0021  0.0137  0.0065  57  THR A CB  
313 O OG1 . THR A 57 ? 0.1010 0.0747 0.1254 0.0124  0.0261  0.0265  57  THR A OG1 
314 C CG2 . THR A 57 ? 0.1459 0.0830 0.1631 0.0096  0.0289  0.0113  57  THR A CG2 
315 N N   . GLY A 58 ? 0.0972 0.1168 0.1091 0.0030  0.0121  0.0113  58  GLY A N   
316 C CA  . GLY A 58 ? 0.1149 0.1016 0.1082 0.0002  0.0172  -0.0069 58  GLY A CA  
317 C C   . GLY A 58 ? 0.0987 0.0736 0.1164 0.0076  0.0098  -0.0139 58  GLY A C   
318 O O   . GLY A 58 ? 0.1137 0.0901 0.1195 -0.0005 0.0399  -0.0306 58  GLY A O   
319 N N   . VAL A 59 ? 0.0899 0.0676 0.1035 0.0260  0.0094  -0.0050 59  VAL A N   
320 C CA  . VAL A 59 ? 0.0897 0.0533 0.0963 0.0202  0.0129  -0.0050 59  VAL A CA  
321 C C   . VAL A 59 ? 0.0780 0.0325 0.0901 0.0163  0.0145  -0.0068 59  VAL A C   
322 O O   . VAL A 59 ? 0.0723 0.0342 0.1254 0.0186  0.0102  -0.0078 59  VAL A O   
323 C CB  . VAL A 59 ? 0.0991 0.0544 0.1100 0.0231  0.0072  0.0049  59  VAL A CB  
324 C CG1 . VAL A 59 ? 0.1141 0.0604 0.1074 0.0351  0.0116  -0.0050 59  VAL A CG1 
325 C CG2 . VAL A 59 ? 0.0781 0.0727 0.1345 0.0261  0.0010  -0.0072 59  VAL A CG2 
326 N N   . GLY A 60 ? 0.0962 0.0700 0.0820 0.0033  0.0190  -0.0149 60  GLY A N   
327 C CA  . GLY A 60 ? 0.0869 0.0828 0.0923 0.0064  0.0022  -0.0048 60  GLY A CA  
328 C C   . GLY A 60 ? 0.0865 0.0322 0.0885 0.0169  0.0009  -0.0115 60  GLY A C   
329 O O   . GLY A 60 ? 0.0906 0.0714 0.0845 0.0219  0.0105  -0.0023 60  GLY A O   
330 N N   . GLY A 61 ? 0.0722 0.0299 0.0860 0.0143  0.0058  -0.0017 61  GLY A N   
331 C CA  . GLY A 61 ? 0.0727 0.0327 0.0816 0.0177  0.0044  -0.0051 61  GLY A CA  
332 C C   . GLY A 61 ? 0.0616 0.0357 0.0806 0.0139  0.0143  -0.0103 61  GLY A C   
333 O O   . GLY A 61 ? 0.1060 0.0290 0.0827 0.0126  0.0157  -0.0070 61  GLY A O   
334 N N   . ARG A 62 ? 0.0708 0.0313 0.0764 0.0113  0.0125  -0.0092 62  ARG A N   
335 C CA  . ARG A 62 ? 0.0830 0.0322 0.0772 0.0182  0.0109  -0.0039 62  ARG A CA  
336 C C   . ARG A 62 ? 0.0979 0.0333 0.0759 0.0223  0.0179  -0.0017 62  ARG A C   
337 O O   . ARG A 62 ? 0.0893 0.0333 0.0969 0.0185  0.0221  -0.0066 62  ARG A O   
338 C CB  . ARG A 62 ? 0.0844 0.0309 0.0878 0.0152  0.0178  -0.0052 62  ARG A CB  
339 C CG  . ARG A 62 ? 0.1026 0.0327 0.0948 0.0221  0.0081  -0.0064 62  ARG A CG  
340 C CD  . ARG A 62 ? 0.1076 0.0328 0.1047 0.0185  0.0019  -0.0137 62  ARG A CD  
341 N NE  . ARG A 62 ? 0.1124 0.0427 0.1282 0.0316  0.0088  -0.0214 62  ARG A NE  
342 C CZ  . ARG A 62 ? 0.1206 0.0509 0.1041 0.0461  0.0088  -0.0115 62  ARG A CZ  
343 N NH1 . ARG A 62 ? 0.1302 0.1030 0.1315 0.0365  0.0107  -0.0191 62  ARG A NH1 
344 N NH2 . ARG A 62 ? 0.1406 0.0486 0.1128 0.0454  -0.0008 -0.0222 62  ARG A NH2 
345 N N   . GLY A 63 ? 0.0925 0.0341 0.0673 0.0190  0.0198  -0.0055 63  GLY A N   
346 C CA  . GLY A 63 ? 0.0863 0.0361 0.0747 0.0211  0.0051  -0.0114 63  GLY A CA  
347 C C   . GLY A 63 ? 0.0844 0.0332 0.0759 0.0194  0.0039  -0.0073 63  GLY A C   
348 O O   . GLY A 63 ? 0.0855 0.0656 0.0809 0.0249  0.0068  0.0037  63  GLY A O   
349 N N   . GLY A 64 ? 0.0652 0.0349 0.0712 0.0193  0.0111  0.0020  64  GLY A N   
350 C CA  . GLY A 64 ? 0.0685 0.0395 0.0618 0.0225  0.0055  -0.0063 64  GLY A CA  
351 C C   . GLY A 64 ? 0.0563 0.0401 0.0637 0.0168  0.0055  -0.0113 64  GLY A C   
352 O O   . GLY A 64 ? 0.0939 0.0313 0.0618 0.0178  0.0050  -0.0057 64  GLY A O   
353 N N   . LYS A 65 ? 0.0691 0.0359 0.0598 0.0172  0.0088  -0.0077 65  LYS A N   
354 C CA  . LYS A 65 ? 0.0710 0.0389 0.0626 0.0223  0.0069  -0.0064 65  LYS A CA  
355 C C   . LYS A 65 ? 0.0867 0.0368 0.0650 0.0243  0.0033  -0.0073 65  LYS A C   
356 O O   . LYS A 65 ? 0.0726 0.0413 0.1010 0.0132  0.0206  -0.0227 65  LYS A O   
357 C CB  . LYS A 65 ? 0.0895 0.0445 0.0630 0.0273  0.0135  -0.0105 65  LYS A CB  
358 C CG  . LYS A 65 ? 0.0965 0.0407 0.1016 0.0285  0.0031  -0.0159 65  LYS A CG  
359 C CD  . LYS A 65 ? 0.1016 0.0471 0.1029 0.0350  -0.0012 -0.0217 65  LYS A CD  
360 C CE  . LYS A 65 ? 0.1044 0.0439 0.1032 0.0284  -0.0015 -0.0261 65  LYS A CE  
361 N NZ  . LYS A 65 ? 0.1047 0.0568 0.0994 0.0415  0.0140  -0.0191 65  LYS A NZ  
362 N N   . GLY A 66 ? 0.0825 0.0312 0.0606 0.0138  0.0119  -0.0062 66  GLY A N   
363 C CA  . GLY A 66 ? 0.0975 0.0312 0.0605 0.0202  -0.0020 -0.0027 66  GLY A CA  
364 C C   . GLY A 66 ? 0.0862 0.0367 0.0740 0.0252  0.0000  -0.0068 66  GLY A C   
365 O O   . GLY A 66 ? 0.0870 0.0681 0.0789 0.0190  0.0069  -0.0021 66  GLY A O   
366 N N   . GLY A 67 ? 0.0707 0.0517 0.0553 0.0150  -0.0022 -0.0031 67  GLY A N   
367 C CA  . GLY A 67 ? 0.0702 0.0382 0.0670 0.0127  0.0005  -0.0141 67  GLY A CA  
368 C C   . GLY A 67 ? 0.0779 0.0492 0.0583 0.0158  0.0024  -0.0217 67  GLY A C   
369 O O   . GLY A 67 ? 0.1243 0.0489 0.0583 -0.0056 -0.0059 -0.0165 67  GLY A O   
370 N N   . SER A 68 ? 0.0773 0.0462 0.0531 0.0090  -0.0070 -0.0181 68  SER A N   
371 C CA  . SER A 68 ? 0.0854 0.0461 0.0560 0.0252  -0.0097 -0.0151 68  SER A CA  
372 C C   . SER A 68 ? 0.0825 0.0351 0.0519 0.0222  -0.0030 -0.0066 68  SER A C   
373 O O   . SER A 68 ? 0.0837 0.0329 0.0761 0.0186  0.0020  -0.0085 68  SER A O   
374 C CB  . SER A 68 ? 0.0938 0.0619 0.0830 0.0231  -0.0040 -0.0077 68  SER A CB  
375 O OG  A SER A 68 ? 0.1036 0.0501 0.0638 0.0228  -0.0297 -0.0197 68  SER A OG  
376 O OG  B SER A 68 ? 0.0887 0.0554 0.0815 0.0184  -0.0001 -0.0144 68  SER A OG  
377 N N   . GLY A 69 ? 0.0845 0.0341 0.0734 0.0199  -0.0033 -0.0109 69  GLY A N   
378 C CA  . GLY A 69 ? 0.0867 0.0402 0.0770 0.0292  -0.0030 -0.0088 69  GLY A CA  
379 C C   . GLY A 69 ? 0.0946 0.0428 0.0718 0.0221  -0.0026 -0.0071 69  GLY A C   
380 O O   . GLY A 69 ? 0.1040 0.0394 0.1016 0.0225  0.0084  -0.0131 69  GLY A O   
381 N N   . THR A 70 ? 0.0909 0.0512 0.0893 0.0182  0.0000  -0.0121 70  THR A N   
382 C CA  . THR A 70 ? 0.1016 0.0689 0.0903 0.0008  0.0029  -0.0129 70  THR A CA  
383 C C   . THR A 70 ? 0.0994 0.0434 0.1027 0.0078  -0.0046 -0.0141 70  THR A C   
384 O O   . THR A 70 ? 0.1090 0.1060 0.1239 0.0054  0.0058  -0.0175 70  THR A O   
385 C CB  . THR A 70 ? 0.1245 0.0888 0.1254 0.0037  -0.0072 0.0048  70  THR A CB  
386 O OG1 . THR A 70 ? 0.1484 0.1528 0.1497 -0.0025 -0.0006 0.0201  70  THR A OG1 
387 C CG2 . THR A 70 ? 0.1636 0.0927 0.1597 -0.0144 -0.0005 0.0102  70  THR A CG2 
388 N N   . PRO A 71 ? 0.1050 0.0616 0.0946 -0.0003 0.0008  -0.0102 71  PRO A N   
389 C CA  . PRO A 71 ? 0.1088 0.0387 0.0921 0.0173  0.0117  -0.0228 71  PRO A CA  
390 C C   . PRO A 71 ? 0.1044 0.0304 0.0839 0.0128  0.0032  -0.0126 71  PRO A C   
391 O O   . PRO A 71 ? 0.0795 0.0374 0.1143 0.0067  0.0207  -0.0278 71  PRO A O   
392 C CB  . PRO A 71 ? 0.1303 0.0837 0.0959 -0.0112 0.0093  -0.0208 71  PRO A CB  
393 C CG  . PRO A 71 ? 0.1515 0.0802 0.1023 -0.0097 -0.0055 -0.0111 71  PRO A CG  
394 C CD  . PRO A 71 ? 0.1311 0.0776 0.1118 0.0103  -0.0156 -0.0074 71  PRO A CD  
395 N N   . LYS A 72 ? 0.0964 0.0321 0.0976 0.0207  0.0009  -0.0067 72  LYS A N   
396 C CA  . LYS A 72 ? 0.0949 0.0408 0.0852 0.0184  0.0001  -0.0061 72  LYS A CA  
397 C C   . LYS A 72 ? 0.0806 0.0352 0.0582 0.0201  0.0032  -0.0078 72  LYS A C   
398 O O   . LYS A 72 ? 0.0902 0.0327 0.0620 0.0139  -0.0047 -0.0136 72  LYS A O   
399 C CB  . LYS A 72 ? 0.1011 0.0500 0.1280 0.0360  -0.0009 0.0058  72  LYS A CB  
400 C CG  . LYS A 72 ? 0.1451 0.0837 0.1289 0.0195  -0.0147 -0.0037 72  LYS A CG  
401 C CD  . LYS A 72 ? 0.1398 0.0857 0.1358 0.0381  -0.0018 -0.0111 72  LYS A CD  
402 C CE  . LYS A 72 ? 0.1448 0.0958 0.1158 0.0022  0.0004  -0.0249 72  LYS A CE  
403 N NZ  . LYS A 72 ? 0.2009 0.1131 0.1781 0.0288  0.0177  -0.0224 72  LYS A NZ  
404 N N   . GLY A 73 ? 0.0827 0.0344 0.0517 0.0151  -0.0036 -0.0125 73  GLY A N   
405 C CA  . GLY A 73 ? 0.0949 0.0296 0.0569 0.0068  -0.0076 -0.0112 73  GLY A CA  
406 C C   . GLY A 73 ? 0.0989 0.0330 0.0626 0.0129  -0.0015 -0.0145 73  GLY A C   
407 O O   . GLY A 73 ? 0.1258 0.0515 0.0689 0.0109  0.0141  -0.0308 73  GLY A O   
408 N N   . ALA A 74 ? 0.1140 0.0375 0.0714 0.0219  0.0075  -0.0155 74  ALA A N   
409 C CA  . ALA A 74 ? 0.1210 0.0327 0.0708 0.0207  0.0116  -0.0087 74  ALA A CA  
410 C C   . ALA A 74 ? 0.1124 0.0304 0.0714 0.0204  0.0105  -0.0013 74  ALA A C   
411 O O   . ALA A 74 ? 0.1063 0.0342 0.0849 0.0250  0.0230  -0.0005 74  ALA A O   
412 C CB  . ALA A 74 ? 0.1413 0.0500 0.0703 0.0104  0.0102  -0.0146 74  ALA A CB  
413 N N   . ASP A 75 ? 0.1171 0.0419 0.0804 0.0358  0.0151  -0.0057 75  ASP A N   
414 C CA  . ASP A 75 ? 0.0971 0.0359 0.0738 0.0261  0.0043  -0.0058 75  ASP A CA  
415 C C   . ASP A 75 ? 0.1046 0.0515 0.0602 0.0449  0.0057  -0.0017 75  ASP A C   
416 O O   . ASP A 75 ? 0.1080 0.0366 0.0730 0.0278  0.0074  -0.0070 75  ASP A O   
417 C CB  . ASP A 75 ? 0.0936 0.0534 0.0777 0.0341  0.0130  -0.0169 75  ASP A CB  
418 C CG  . ASP A 75 ? 0.1180 0.0624 0.0986 0.0579  0.0097  -0.0023 75  ASP A CG  
419 O OD1 . ASP A 75 ? 0.1380 0.0616 0.0733 0.0603  0.0142  -0.0060 75  ASP A OD1 
420 O OD2 . ASP A 75 ? 0.1409 0.0952 0.1126 0.0712  0.0043  -0.0162 75  ASP A OD2 
421 N N   . GLY A 76 ? 0.0800 0.0382 0.0532 0.0240  0.0043  -0.0062 76  GLY A N   
422 C CA  . GLY A 76 ? 0.0793 0.0311 0.0617 0.0135  -0.0005 -0.0094 76  GLY A CA  
423 C C   . GLY A 76 ? 0.0799 0.0351 0.0725 0.0125  0.0055  -0.0168 76  GLY A C   
424 O O   . GLY A 76 ? 0.0850 0.0467 0.0694 0.0221  0.0170  -0.0159 76  GLY A O   
425 N N   . ALA A 77 ? 0.0986 0.0314 0.0604 0.0038  0.0130  -0.0132 77  ALA A N   
426 C CA  . ALA A 77 ? 0.1119 0.0339 0.0726 0.0109  0.0085  -0.0171 77  ALA A CA  
427 C C   . ALA A 77 ? 0.0882 0.0343 0.0801 0.0205  0.0085  -0.0083 77  ALA A C   
428 O O   . ALA A 77 ? 0.1029 0.0288 0.1136 0.0109  0.0307  -0.0079 77  ALA A O   
429 C CB  . ALA A 77 ? 0.1456 0.1000 0.0676 -0.0069 0.0055  -0.0375 77  ALA A CB  
430 N N   . PRO A 78 ? 0.1134 0.0340 0.0786 0.0266  0.0068  -0.0039 78  PRO A N   
431 C CA  . PRO A 78 ? 0.1117 0.0365 0.0941 0.0266  0.0088  -0.0071 78  PRO A CA  
432 C C   . PRO A 78 ? 0.1056 0.0652 0.0914 0.0342  0.0048  0.0068  78  PRO A C   
433 O O   . PRO A 78 ? 0.0974 0.0515 0.1003 0.0209  0.0066  0.0116  78  PRO A O   
434 C CB  . PRO A 78 ? 0.1174 0.0717 0.0959 0.0239  0.0070  0.0012  78  PRO A CB  
435 C CG  . PRO A 78 ? 0.1147 0.0668 0.1100 0.0425  0.0095  -0.0239 78  PRO A CG  
436 C CD  . PRO A 78 ? 0.1082 0.0580 0.0979 0.0341  0.0118  -0.0166 78  PRO A CD  
437 N N   . GLY A 79 ? 0.1149 0.0511 0.1020 0.0146  0.0123  -0.0035 79  GLY A N   
438 C CA  . GLY A 79 ? 0.1220 0.0338 0.1127 0.0273  0.0158  -0.0037 79  GLY A CA  
439 C C   . GLY A 79 ? 0.1121 0.0460 0.1091 0.0189  0.0268  -0.0150 79  GLY A C   
440 O O   . GLY A 79 ? 0.1431 0.0609 0.1145 0.0268  0.0262  0.0036  79  GLY A O   
441 N N   . ALA A 80 ? 0.1022 0.0357 0.0973 0.0187  0.0169  -0.0158 80  ALA A N   
442 C CA  . ALA A 80 ? 0.1023 0.0387 0.0922 0.0192  0.0180  -0.0188 80  ALA A CA  
443 C C   . ALA A 80 ? 0.1019 0.0416 0.0955 0.0261  0.0221  -0.0142 80  ALA A C   
444 O O   . ALA A 80 ? 0.1213 0.0386 0.1266 0.0105  0.0277  -0.0305 80  ALA A O   
445 C CB  . ALA A 80 ? 0.1144 0.0735 0.1062 0.0181  0.0159  -0.0127 80  ALA A CB  
446 N N   . PRO A 81 ? 0.1121 0.0477 0.0954 0.0196  0.0162  -0.0257 81  PRO A N   
447 C CA  . PRO A 81 ? 0.1196 0.0572 0.1079 0.0167  0.0096  -0.0297 81  PRO A CA  
448 C C   . PRO A 81 ? 0.1367 0.0925 0.1307 -0.0108 0.0155  -0.0198 81  PRO A C   
449 O O   . PRO A 81 ? 0.1546 0.0776 0.1380 -0.0065 0.0293  -0.0166 81  PRO A O   
450 C CB  . PRO A 81 ? 0.1343 0.0822 0.1226 0.0204  -0.0006 -0.0266 81  PRO A CB  
451 C CG  . PRO A 81 ? 0.1262 0.0863 0.1183 0.0249  -0.0003 -0.0199 81  PRO A CG  
452 C CD  . PRO A 81 ? 0.1037 0.0409 0.0862 0.0242  0.0101  -0.0191 81  PRO A CD  
453 O OXT . PRO A 81 ? 0.1832 0.1169 0.1757 -0.0175 0.0256  -0.0245 81  PRO A OXT 
454 O O   . HOH B .  ? 0.0735 0.0389 0.0746 0.0238  -0.0054 -0.0120 82  HOH A O   
455 O O   . HOH B .  ? 0.1203 0.0367 0.0712 0.0231  -0.0159 -0.0197 83  HOH A O   
456 O O   . HOH B .  ? 0.0782 0.0371 0.1279 0.0241  0.0033  -0.0072 84  HOH A O   
457 O O   . HOH B .  ? 0.1202 0.0383 0.0806 0.0290  -0.0087 -0.0176 85  HOH A O   
458 O O   . HOH B .  ? 0.0811 0.0706 0.0860 0.0192  -0.0019 -0.0146 86  HOH A O   
459 O O   . HOH B .  ? 0.0766 0.1084 0.0878 0.0174  -0.0122 -0.0009 87  HOH A O   
460 O O   . HOH B .  ? 0.1214 0.0498 0.0772 0.0144  -0.0120 -0.0113 88  HOH A O   
461 O O   . HOH B .  ? 0.0969 0.0726 0.1034 0.0413  0.0076  -0.0139 89  HOH A O   
462 O O   . HOH B .  ? 0.0989 0.0743 0.0957 0.0143  -0.0094 -0.0101 90  HOH A O   
463 O O   . HOH B .  ? 0.1087 0.0564 0.1074 0.0239  -0.0008 -0.0380 91  HOH A O   
464 O O   . HOH B .  ? 0.0927 0.0832 0.1047 0.0324  0.0045  -0.0027 92  HOH A O   
465 O O   . HOH B .  ? 0.1217 0.0513 0.1140 0.0405  -0.0016 -0.0288 93  HOH A O   
466 O O   . HOH B .  ? 0.1367 0.0735 0.1156 0.0321  -0.0121 -0.0112 94  HOH A O   
467 O O   . HOH B .  ? 0.0870 0.1481 0.0848 0.0654  -0.0112 -0.0319 95  HOH A O   
468 O O   . HOH B .  ? 0.1343 0.0454 0.1188 0.0369  -0.0062 -0.0288 96  HOH A O   
469 O O   . HOH B .  ? 0.0864 0.1148 0.1119 0.0233  -0.0060 -0.0019 97  HOH A O   
470 O O   . HOH B .  ? 0.1403 0.0360 0.1563 0.0305  -0.0216 -0.0240 98  HOH A O   
471 O O   . HOH B .  ? 0.1138 0.0864 0.1332 -0.0084 -0.0129 0.0021  99  HOH A O   
472 O O   . HOH B .  ? 0.1457 0.0604 0.1101 0.0563  0.0043  -0.0149 100 HOH A O   
473 O O   . HOH B .  ? 0.1247 0.0521 0.1452 0.0358  0.0109  -0.0367 101 HOH A O   
474 O O   . HOH B .  ? 0.1299 0.0507 0.1263 0.0445  0.0247  -0.0143 102 HOH A O   
475 O O   . HOH B .  ? 0.1538 0.0670 0.0927 0.0141  0.0109  -0.0170 103 HOH A O   
476 O O   . HOH B .  ? 0.1354 0.0827 0.1096 0.0168  0.0046  -0.0362 104 HOH A O   
477 O O   . HOH B .  ? 0.1254 0.0936 0.1112 0.0006  0.0010  0.0011  105 HOH A O   
478 O O   . HOH B .  ? 0.1298 0.0623 0.1272 0.0448  0.0098  -0.0382 106 HOH A O   
479 O O   . HOH B .  ? 0.1219 0.0858 0.1111 0.0266  -0.0203 0.0095  107 HOH A O   
480 O O   . HOH B .  ? 0.1540 0.0622 0.1253 0.0422  0.0072  -0.0285 108 HOH A O   
481 O O   . HOH B .  ? 0.1102 0.0391 0.3582 0.0090  0.0932  -0.0447 109 HOH A O   
482 O O   . HOH B .  ? 0.1318 0.0824 0.1332 0.0391  -0.0084 -0.0282 110 HOH A O   
483 O O   . HOH B .  ? 0.1232 0.1217 0.1290 0.0566  -0.0095 0.0133  111 HOH A O   
484 O O   . HOH B .  ? 0.0867 0.0778 0.1586 0.0341  -0.0166 -0.0256 112 HOH A O   
485 O O   . HOH B .  ? 0.1039 0.1133 0.1203 -0.0071 -0.0250 0.0209  113 HOH A O   
486 O O   . HOH B .  ? 0.1230 0.1419 0.1009 -0.0026 -0.0117 -0.0123 114 HOH A O   
487 O O   . HOH B .  ? 0.1797 0.0772 0.1209 0.0188  0.0184  0.0030  115 HOH A O   
488 O O   . HOH B .  ? 0.1126 0.1512 0.1142 0.0395  -0.0102 -0.0014 116 HOH A O   
489 O O   . HOH B .  ? 0.1935 0.1094 0.1007 0.0154  0.0017  -0.0237 117 HOH A O   
490 O O   . HOH B .  ? 0.1118 0.1993 0.1001 0.0242  -0.0163 0.0016  118 HOH A O   
491 O O   . HOH B .  ? 0.1935 0.0542 0.1785 0.0586  -0.0496 -0.0083 119 HOH A O   
492 O O   . HOH B .  ? 0.1846 0.1112 0.0983 0.0389  -0.0392 -0.0140 120 HOH A O   
493 O O   . HOH B .  ? 0.1591 0.0981 0.1649 0.0310  0.0127  -0.0735 121 HOH A O   
494 O O   . HOH B .  ? 0.1152 0.0953 0.1872 -0.0170 -0.0086 0.0030  122 HOH A O   
495 O O   . HOH B .  ? 0.1442 0.2454 0.0781 -0.0515 -0.0031 -0.0010 123 HOH A O   
496 O O   . HOH B .  ? 0.2024 0.0844 0.1460 0.0604  0.0070  0.0206  124 HOH A O   
497 O O   . HOH B .  ? 0.1156 0.2003 0.1609 0.0157  -0.0138 0.0516  125 HOH A O   
498 O O   . HOH B .  ? 0.1422 0.1936 0.1036 -0.0264 -0.0169 0.0032  126 HOH A O   
499 O O   . HOH B .  ? 0.1873 0.1055 0.1589 0.0173  -0.0195 -0.0446 127 HOH A O   
500 O O   . HOH B .  ? 0.1968 0.0816 0.1719 0.0429  -0.0069 -0.0282 128 HOH A O   
501 O O   . HOH B .  ? 0.1105 0.3077 0.1151 -0.0432 -0.0009 -0.0662 129 HOH A O   
502 O O   . HOH B .  ? 0.1742 0.0980 0.1836 0.0198  -0.0401 0.0309  130 HOH A O   
503 O O   . HOH B .  ? 0.1415 0.1252 0.2162 -0.0075 0.0016  0.0023  131 HOH A O   
504 O O   . HOH B .  ? 0.1467 0.1258 0.2057 -0.0019 -0.0215 0.0536  132 HOH A O   
505 O O   . HOH B .  ? 0.2039 0.1187 0.1763 0.0570  0.0306  0.0221  133 HOH A O   
506 O O   . HOH B .  ? 0.2073 0.1128 0.2161 0.0290  0.0297  -0.0535 134 HOH A O   
507 O O   . HOH B .  ? 0.2086 0.1114 0.2118 0.0688  0.0259  -0.0137 135 HOH A O   
508 O O   . HOH B .  ? 0.1072 0.3126 0.1082 0.0391  -0.0198 0.0121  136 HOH A O   
509 O O   . HOH B .  ? 0.1977 0.2113 0.1278 0.1401  -0.0134 -0.0151 137 HOH A O   
510 O O   . HOH B .  ? 0.1069 0.1487 0.2430 0.0263  -0.0141 0.0457  138 HOH A O   
511 O O   . HOH B .  ? 0.2036 0.1710 0.1706 0.0649  0.0450  0.0270  139 HOH A O   
512 O O   . HOH B .  ? 0.1229 0.1341 0.2723 0.0309  0.0256  0.0080  140 HOH A O   
513 O O   . HOH B .  ? 0.1973 0.1694 0.1454 -0.0073 -0.0610 0.0412  141 HOH A O   
514 O O   . HOH B .  ? 0.2137 0.1718 0.1635 -0.0258 -0.0253 0.0376  142 HOH A O   
515 O O   . HOH B .  ? 0.2905 0.0440 0.2058 0.0360  0.0542  -0.0410 143 HOH A O   
516 O O   . HOH B .  ? 0.1464 0.1396 0.2304 0.0045  -0.0276 0.0283  144 HOH A O   
517 O O   . HOH B .  ? 0.1992 0.0930 0.3235 0.0401  -0.0234 -0.0161 145 HOH A O   
518 O O   . HOH B .  ? 0.1951 0.1940 0.1892 -0.0137 0.0146  -0.0172 146 HOH A O   
519 O O   . HOH B .  ? 0.1420 0.1547 0.2574 0.0417  0.0446  0.0201  147 HOH A O   
520 O O   . HOH B .  ? 0.1238 0.1819 0.2997 0.0472  -0.0135 0.0035  148 HOH A O   
521 O O   . HOH B .  ? 0.1757 0.1976 0.2445 0.0868  -0.0489 -0.0722 149 HOH A O   
522 O O   . HOH B .  ? 0.1752 0.1961 0.2155 -0.0508 -0.0467 0.0275  150 HOH A O   
523 O O   . HOH B .  ? 0.2102 0.2254 0.1948 0.0624  0.0108  -0.0471 151 HOH A O   
524 O O   . HOH B .  ? 0.2428 0.1654 0.2147 -0.0260 0.0197  -0.0292 152 HOH A O   
525 O O   . HOH B .  ? 0.2271 0.1240 0.2656 0.0506  0.0327  -0.0090 153 HOH A O   
526 O O   . HOH B .  ? 0.2236 0.1427 0.1772 0.0297  -0.0113 -0.0190 154 HOH A O   
527 O O   . HOH B .  ? 0.1734 0.2177 0.2055 -0.0048 -0.0030 -0.0537 155 HOH A O   
528 O O   . HOH B .  ? 0.2042 0.2411 0.1649 0.0360  0.0060  0.0266  156 HOH A O   
529 O O   . HOH B .  ? 0.1532 0.1405 0.2942 0.0871  0.0245  -0.0350 157 HOH A O   
530 O O   . HOH B .  ? 0.1905 0.2112 0.1434 0.1751  -0.0258 -0.0327 158 HOH A O   
531 O O   . HOH B .  ? 0.1774 0.1047 0.3185 0.0190  -0.0368 0.0448  159 HOH A O   
532 O O   . HOH B .  ? 0.1758 0.2337 0.2599 0.0112  0.0213  -0.0207 160 HOH A O   
533 O O   . HOH B .  ? 0.1952 0.2173 0.2162 0.0084  -0.0303 -0.0189 161 HOH A O   
534 O O   . HOH B .  ? 0.1950 0.1793 0.2458 0.0363  0.0750  -0.0116 162 HOH A O   
535 O O   . HOH B .  ? 0.1745 0.1666 0.2593 0.0975  0.0658  0.0371  163 HOH A O   
536 O O   . HOH B .  ? 0.2678 0.1634 0.2010 0.0207  0.0678  -0.0355 164 HOH A O   
537 O O   . HOH B .  ? 0.1844 0.1612 0.2317 0.0389  0.0341  0.0011  165 HOH A O   
538 O O   . HOH B .  ? 0.2334 0.1337 0.2580 0.0297  0.0139  -0.0196 166 HOH A O   
539 O O   . HOH B .  ? 0.2114 0.1690 0.2734 -0.0080 0.0076  -0.0035 167 HOH A O   
# 
